data_1V5N
#
_entry.id   1V5N
#
_cell.length_a   1.000
_cell.length_b   1.000
_cell.length_c   1.000
_cell.angle_alpha   90.00
_cell.angle_beta   90.00
_cell.angle_gamma   90.00
#
_symmetry.space_group_name_H-M   'P 1'
#
loop_
_entity.id
_entity.type
_entity.pdbx_description
1 polymer 'PDI-like Hypothetical Protein At1g60420'
2 non-polymer 'ZINC ION'
#
_entity_poly.entity_id   1
_entity_poly.type   'polypeptide(L)'
_entity_poly.pdbx_seq_one_letter_code
;GSSGSSGTEERLKEIEAKYDEIAKDWPKKVKHVLHEEHELELTRVQVYTCDKCEEEGTIWSYHCDECDFDLHAKCALNED
TKESGPSSG
;
_entity_poly.pdbx_strand_id   A
#
# COMPACT_ATOMS: atom_id res chain seq x y z
N GLY A 1 28.89 4.27 35.64
CA GLY A 1 28.47 2.88 35.65
C GLY A 1 28.04 2.39 34.28
N SER A 2 27.33 1.26 34.26
CA SER A 2 26.87 0.69 33.01
C SER A 2 25.81 -0.38 33.26
N SER A 3 24.62 -0.18 32.70
CA SER A 3 23.52 -1.12 32.88
C SER A 3 22.80 -1.36 31.56
N GLY A 4 22.09 -2.49 31.47
CA GLY A 4 21.36 -2.81 30.26
C GLY A 4 19.87 -2.67 30.43
N SER A 5 19.14 -2.75 29.32
CA SER A 5 17.69 -2.63 29.34
C SER A 5 17.04 -3.52 28.29
N SER A 6 15.73 -3.73 28.41
CA SER A 6 15.00 -4.56 27.47
C SER A 6 14.43 -3.73 26.33
N GLY A 7 13.78 -4.39 25.38
CA GLY A 7 13.20 -3.70 24.25
C GLY A 7 11.71 -3.93 24.13
N THR A 8 11.03 -3.06 23.38
CA THR A 8 9.60 -3.18 23.19
C THR A 8 9.22 -2.99 21.72
N GLU A 9 7.97 -3.30 21.39
CA GLU A 9 7.47 -3.16 20.03
C GLU A 9 6.99 -1.73 19.76
N GLU A 10 6.56 -1.48 18.53
CA GLU A 10 6.07 -0.16 18.16
C GLU A 10 7.20 0.87 18.18
N ARG A 11 8.41 0.40 17.94
CA ARG A 11 9.58 1.27 17.93
C ARG A 11 10.39 1.10 16.64
N LEU A 12 9.69 0.99 15.52
CA LEU A 12 10.35 0.82 14.22
C LEU A 12 10.80 2.16 13.66
N LYS A 13 12.04 2.52 13.92
CA LYS A 13 12.60 3.78 13.43
C LYS A 13 13.37 3.56 12.14
N GLU A 14 14.31 2.62 12.16
CA GLU A 14 15.12 2.31 10.99
C GLU A 14 14.28 1.66 9.91
N ILE A 15 13.52 0.64 10.28
CA ILE A 15 12.66 -0.07 9.34
C ILE A 15 11.90 0.90 8.45
N GLU A 16 11.14 1.80 9.07
CA GLU A 16 10.37 2.78 8.33
C GLU A 16 11.21 3.41 7.21
N ALA A 17 12.40 3.87 7.57
CA ALA A 17 13.30 4.49 6.59
C ALA A 17 13.43 3.63 5.34
N LYS A 18 13.56 2.32 5.53
CA LYS A 18 13.69 1.39 4.41
C LYS A 18 12.52 1.53 3.46
N TYR A 19 11.31 1.36 3.98
CA TYR A 19 10.11 1.45 3.16
C TYR A 19 10.08 2.76 2.38
N ASP A 20 10.31 3.87 3.09
CA ASP A 20 10.32 5.19 2.47
C ASP A 20 11.13 5.18 1.17
N GLU A 21 12.28 4.52 1.21
CA GLU A 21 13.15 4.42 0.04
C GLU A 21 12.42 3.79 -1.13
N ILE A 22 11.50 2.88 -0.83
CA ILE A 22 10.72 2.20 -1.86
C ILE A 22 9.64 3.11 -2.43
N ALA A 23 9.08 3.97 -1.57
CA ALA A 23 8.05 4.90 -1.99
C ALA A 23 8.57 6.33 -2.07
N LYS A 24 9.83 6.46 -2.48
CA LYS A 24 10.46 7.78 -2.60
C LYS A 24 9.78 8.61 -3.68
N ASP A 25 9.44 7.97 -4.79
CA ASP A 25 8.78 8.65 -5.90
C ASP A 25 7.27 8.58 -5.76
N TRP A 26 6.79 7.50 -5.15
CA TRP A 26 5.36 7.31 -4.95
C TRP A 26 4.71 8.55 -4.34
N PRO A 27 3.67 9.06 -5.00
CA PRO A 27 2.95 10.25 -4.54
C PRO A 27 2.14 9.99 -3.27
N LYS A 28 1.86 11.05 -2.53
CA LYS A 28 1.10 10.94 -1.28
C LYS A 28 -0.38 10.77 -1.58
N LYS A 29 -0.85 11.42 -2.63
CA LYS A 29 -2.26 11.34 -3.02
C LYS A 29 -2.40 10.85 -4.46
N VAL A 30 -3.08 9.72 -4.64
CA VAL A 30 -3.29 9.15 -5.97
C VAL A 30 -4.74 9.28 -6.39
N LYS A 31 -4.96 9.40 -7.70
CA LYS A 31 -6.31 9.53 -8.25
C LYS A 31 -6.72 8.27 -8.98
N HIS A 32 -7.24 7.29 -8.23
CA HIS A 32 -7.68 6.03 -8.82
C HIS A 32 -8.91 6.24 -9.69
N VAL A 33 -9.24 5.22 -10.48
CA VAL A 33 -10.39 5.29 -11.37
C VAL A 33 -11.67 4.84 -10.64
N LEU A 34 -11.57 3.72 -9.94
CA LEU A 34 -12.71 3.19 -9.20
C LEU A 34 -13.14 4.15 -8.09
N HIS A 35 -12.19 4.91 -7.58
CA HIS A 35 -12.46 5.88 -6.52
C HIS A 35 -12.18 7.30 -6.98
N GLU A 36 -12.23 7.52 -8.30
CA GLU A 36 -11.97 8.83 -8.87
C GLU A 36 -12.54 9.94 -7.98
N GLU A 37 -13.72 9.68 -7.42
CA GLU A 37 -14.37 10.66 -6.55
C GLU A 37 -13.34 11.44 -5.75
N HIS A 38 -12.42 10.72 -5.12
CA HIS A 38 -11.38 11.35 -4.30
C HIS A 38 -10.04 10.65 -4.52
N GLU A 39 -8.96 11.35 -4.16
CA GLU A 39 -7.61 10.80 -4.31
C GLU A 39 -7.16 10.12 -3.03
N LEU A 40 -6.94 8.82 -3.10
CA LEU A 40 -6.50 8.04 -1.96
C LEU A 40 -5.23 8.64 -1.35
N GLU A 41 -4.90 8.22 -0.13
CA GLU A 41 -3.71 8.72 0.56
C GLU A 41 -2.84 7.57 1.04
N LEU A 42 -1.74 7.33 0.32
CA LEU A 42 -0.82 6.26 0.68
C LEU A 42 -0.70 6.12 2.19
N THR A 43 -1.38 5.12 2.75
CA THR A 43 -1.35 4.87 4.19
C THR A 43 -0.61 3.58 4.51
N ARG A 44 0.25 3.63 5.52
CA ARG A 44 1.01 2.45 5.92
C ARG A 44 0.09 1.36 6.45
N VAL A 45 0.17 0.18 5.85
CA VAL A 45 -0.66 -0.95 6.27
C VAL A 45 0.13 -2.26 6.18
N GLN A 46 0.01 -3.08 7.23
CA GLN A 46 0.70 -4.36 7.27
C GLN A 46 0.18 -5.29 6.18
N VAL A 47 -1.13 -5.46 6.13
CA VAL A 47 -1.76 -6.33 5.14
C VAL A 47 -3.18 -5.89 4.84
N TYR A 48 -3.59 -6.04 3.58
CA TYR A 48 -4.93 -5.65 3.17
C TYR A 48 -5.34 -6.38 1.90
N THR A 49 -6.52 -6.05 1.37
CA THR A 49 -7.02 -6.67 0.16
C THR A 49 -7.39 -5.63 -0.89
N CYS A 50 -6.57 -5.55 -1.94
CA CYS A 50 -6.80 -4.59 -3.02
C CYS A 50 -8.13 -4.86 -3.71
N ASP A 51 -8.96 -3.83 -3.81
CA ASP A 51 -10.26 -3.96 -4.45
C ASP A 51 -10.18 -3.57 -5.93
N LYS A 52 -9.04 -3.87 -6.55
CA LYS A 52 -8.83 -3.55 -7.96
C LYS A 52 -8.37 -4.80 -8.72
N CYS A 53 -7.24 -5.35 -8.31
CA CYS A 53 -6.68 -6.54 -8.96
C CYS A 53 -6.94 -7.78 -8.11
N GLU A 54 -7.60 -7.59 -6.97
CA GLU A 54 -7.91 -8.71 -6.09
C GLU A 54 -6.64 -9.31 -5.50
N GLU A 55 -5.77 -8.45 -4.96
CA GLU A 55 -4.51 -8.90 -4.38
C GLU A 55 -4.36 -8.37 -2.96
N GLU A 56 -3.19 -8.61 -2.37
CA GLU A 56 -2.92 -8.16 -1.01
C GLU A 56 -1.57 -7.43 -0.93
N GLY A 57 -1.61 -6.18 -0.50
CA GLY A 57 -0.40 -5.40 -0.40
C GLY A 57 0.24 -5.50 0.97
N THR A 58 1.38 -4.84 1.14
CA THR A 58 2.09 -4.87 2.41
C THR A 58 2.93 -3.61 2.60
N ILE A 59 2.99 -3.12 3.83
CA ILE A 59 3.76 -1.92 4.15
C ILE A 59 3.45 -0.80 3.16
N TRP A 60 2.27 -0.84 2.56
CA TRP A 60 1.85 0.17 1.60
C TRP A 60 0.43 -0.10 1.11
N SER A 61 -0.41 0.93 1.16
CA SER A 61 -1.80 0.80 0.72
C SER A 61 -2.47 2.17 0.67
N TYR A 62 -2.99 2.52 -0.49
CA TYR A 62 -3.67 3.80 -0.67
C TYR A 62 -5.03 3.81 0.02
N HIS A 63 -5.07 4.38 1.22
CA HIS A 63 -6.31 4.46 1.98
C HIS A 63 -6.91 5.85 1.92
N CYS A 64 -8.24 5.93 2.01
CA CYS A 64 -8.93 7.21 1.96
C CYS A 64 -9.68 7.47 3.26
N ASP A 65 -9.35 8.58 3.91
CA ASP A 65 -9.99 8.95 5.17
C ASP A 65 -11.37 9.58 4.92
N GLU A 66 -12.03 9.11 3.87
CA GLU A 66 -13.36 9.64 3.52
C GLU A 66 -14.32 8.50 3.19
N CYS A 67 -13.80 7.47 2.53
CA CYS A 67 -14.62 6.32 2.15
C CYS A 67 -13.98 5.02 2.63
N ASP A 68 -12.70 5.09 2.97
CA ASP A 68 -11.96 3.92 3.45
C ASP A 68 -11.64 2.98 2.29
N PHE A 69 -11.13 3.54 1.20
CA PHE A 69 -10.78 2.76 0.03
C PHE A 69 -9.29 2.42 0.02
N ASP A 70 -8.99 1.13 -0.01
CA ASP A 70 -7.60 0.67 -0.02
C ASP A 70 -7.20 0.18 -1.40
N LEU A 71 -5.96 0.46 -1.78
CA LEU A 71 -5.45 0.04 -3.08
C LEU A 71 -3.95 -0.24 -3.01
N HIS A 72 -3.38 -0.68 -4.13
CA HIS A 72 -1.96 -0.99 -4.20
C HIS A 72 -1.16 0.22 -4.68
N ALA A 73 0.10 0.30 -4.25
CA ALA A 73 0.97 1.40 -4.64
C ALA A 73 1.10 1.49 -6.16
N LYS A 74 1.27 0.35 -6.81
CA LYS A 74 1.40 0.30 -8.26
C LYS A 74 0.04 0.48 -8.94
N CYS A 75 -0.96 -0.22 -8.43
CA CYS A 75 -2.31 -0.14 -8.97
C CYS A 75 -2.77 1.31 -9.06
N ALA A 76 -2.58 2.06 -7.98
CA ALA A 76 -2.97 3.46 -7.93
C ALA A 76 -2.16 4.29 -8.92
N LEU A 77 -0.85 4.09 -8.93
CA LEU A 77 0.03 4.82 -9.82
C LEU A 77 -0.43 4.68 -11.27
N ASN A 78 -0.60 3.45 -11.72
CA ASN A 78 -1.04 3.18 -13.08
C ASN A 78 -2.53 3.48 -13.24
N GLU A 79 -3.00 3.47 -14.48
CA GLU A 79 -4.40 3.74 -14.77
C GLU A 79 -5.06 2.54 -15.45
N ASP A 80 -4.59 2.21 -16.65
CA ASP A 80 -5.14 1.09 -17.40
C ASP A 80 -4.03 0.12 -17.80
N THR A 81 -3.76 -0.85 -16.93
CA THR A 81 -2.72 -1.85 -17.20
C THR A 81 -3.24 -3.26 -16.99
N LYS A 82 -4.47 -3.51 -17.42
CA LYS A 82 -5.09 -4.81 -17.28
C LYS A 82 -4.99 -5.61 -18.58
N GLU A 83 -5.42 -4.99 -19.68
CA GLU A 83 -5.38 -5.64 -20.98
C GLU A 83 -4.80 -4.70 -22.04
N SER A 84 -5.48 -3.57 -22.25
CA SER A 84 -5.04 -2.59 -23.24
C SER A 84 -4.29 -1.44 -22.56
N GLY A 85 -3.79 -0.51 -23.37
CA GLY A 85 -3.06 0.62 -22.84
C GLY A 85 -3.33 1.90 -23.61
N PRO A 86 -2.45 2.90 -23.43
CA PRO A 86 -2.58 4.19 -24.10
C PRO A 86 -2.30 4.10 -25.59
N SER A 87 -3.34 4.29 -26.40
CA SER A 87 -3.21 4.23 -27.85
C SER A 87 -4.16 5.20 -28.53
N SER A 88 -3.70 5.86 -29.58
CA SER A 88 -4.50 6.82 -30.31
C SER A 88 -4.73 6.36 -31.75
N GLY A 89 -5.99 6.13 -32.10
CA GLY A 89 -6.31 5.69 -33.44
C GLY A 89 -7.28 4.51 -33.45
N GLY A 1 15.02 -21.88 33.11
CA GLY A 1 14.46 -21.49 31.83
C GLY A 1 12.96 -21.31 31.88
N SER A 2 12.46 -20.31 31.16
CA SER A 2 11.03 -20.02 31.13
C SER A 2 10.44 -20.31 29.74
N SER A 3 10.87 -21.41 29.14
CA SER A 3 10.40 -21.79 27.82
C SER A 3 10.62 -20.66 26.82
N GLY A 4 11.78 -20.02 26.91
CA GLY A 4 12.09 -18.93 26.00
C GLY A 4 11.15 -17.75 26.17
N SER A 5 10.07 -17.75 25.39
CA SER A 5 9.08 -16.68 25.46
C SER A 5 9.65 -15.38 24.89
N SER A 6 10.38 -15.50 23.79
CA SER A 6 10.99 -14.34 23.14
C SER A 6 10.13 -13.84 21.99
N GLY A 7 10.17 -12.53 21.75
CA GLY A 7 9.38 -11.95 20.69
C GLY A 7 9.95 -12.25 19.31
N THR A 8 9.71 -11.36 18.36
CA THR A 8 10.20 -11.53 17.00
C THR A 8 10.94 -10.30 16.51
N GLU A 9 10.37 -9.13 16.79
CA GLU A 9 10.97 -7.86 16.38
C GLU A 9 11.07 -6.89 17.56
N GLU A 10 12.22 -6.24 17.68
CA GLU A 10 12.44 -5.29 18.76
C GLU A 10 11.83 -3.93 18.43
N ARG A 11 12.38 -3.28 17.40
CA ARG A 11 11.89 -1.97 16.98
C ARG A 11 12.08 -1.77 15.49
N LEU A 12 11.28 -0.89 14.90
CA LEU A 12 11.35 -0.61 13.48
C LEU A 12 11.93 0.79 13.22
N LYS A 13 12.95 1.15 14.00
CA LYS A 13 13.59 2.44 13.86
C LYS A 13 14.05 2.67 12.42
N GLU A 14 14.92 1.80 11.93
CA GLU A 14 15.44 1.90 10.57
C GLU A 14 14.43 1.35 9.56
N ILE A 15 13.91 0.15 9.85
CA ILE A 15 12.94 -0.47 8.97
C ILE A 15 11.99 0.55 8.37
N GLU A 16 11.35 1.33 9.23
CA GLU A 16 10.41 2.36 8.78
C GLU A 16 11.03 3.22 7.69
N ALA A 17 12.25 3.67 7.93
CA ALA A 17 12.96 4.50 6.97
C ALA A 17 13.14 3.78 5.64
N LYS A 18 13.48 2.49 5.72
CA LYS A 18 13.70 1.69 4.53
C LYS A 18 12.49 1.75 3.60
N TYR A 19 11.30 1.53 4.16
CA TYR A 19 10.07 1.57 3.39
C TYR A 19 10.01 2.82 2.52
N ASP A 20 10.21 3.98 3.13
CA ASP A 20 10.19 5.24 2.42
C ASP A 20 10.97 5.14 1.11
N GLU A 21 12.15 4.53 1.17
CA GLU A 21 12.99 4.36 -0.01
C GLU A 21 12.21 3.73 -1.15
N ILE A 22 11.31 2.81 -0.81
CA ILE A 22 10.50 2.12 -1.81
C ILE A 22 9.43 3.04 -2.37
N ALA A 23 8.93 3.95 -1.54
CA ALA A 23 7.91 4.90 -1.96
C ALA A 23 8.47 6.29 -2.10
N LYS A 24 9.72 6.38 -2.54
CA LYS A 24 10.39 7.67 -2.73
C LYS A 24 9.73 8.46 -3.85
N ASP A 25 9.38 7.78 -4.93
CA ASP A 25 8.75 8.43 -6.08
C ASP A 25 7.22 8.39 -5.94
N TRP A 26 6.72 7.35 -5.28
CA TRP A 26 5.29 7.19 -5.09
C TRP A 26 4.67 8.46 -4.51
N PRO A 27 3.62 8.97 -5.18
CA PRO A 27 2.93 10.18 -4.75
C PRO A 27 2.13 9.97 -3.47
N LYS A 28 1.78 11.07 -2.80
CA LYS A 28 1.02 10.99 -1.57
C LYS A 28 -0.47 10.81 -1.86
N LYS A 29 -0.94 11.44 -2.92
CA LYS A 29 -2.34 11.35 -3.31
C LYS A 29 -2.48 10.78 -4.72
N VAL A 30 -3.39 9.81 -4.88
CA VAL A 30 -3.61 9.18 -6.16
C VAL A 30 -5.08 9.25 -6.56
N LYS A 31 -5.34 9.44 -7.85
CA LYS A 31 -6.71 9.53 -8.36
C LYS A 31 -7.08 8.26 -9.12
N HIS A 32 -7.56 7.25 -8.39
CA HIS A 32 -7.96 6.00 -9.00
C HIS A 32 -9.28 6.14 -9.75
N VAL A 33 -9.53 5.23 -10.69
CA VAL A 33 -10.75 5.26 -11.48
C VAL A 33 -11.95 4.75 -10.66
N LEU A 34 -11.73 3.65 -9.95
CA LEU A 34 -12.78 3.05 -9.13
C LEU A 34 -13.19 4.00 -8.00
N HIS A 35 -12.26 4.85 -7.59
CA HIS A 35 -12.53 5.81 -6.52
C HIS A 35 -12.22 7.23 -6.98
N GLU A 36 -12.39 7.47 -8.27
CA GLU A 36 -12.14 8.80 -8.84
C GLU A 36 -12.72 9.89 -7.95
N GLU A 37 -13.88 9.61 -7.36
CA GLU A 37 -14.53 10.58 -6.49
C GLU A 37 -13.51 11.40 -5.71
N HIS A 38 -12.58 10.72 -5.07
CA HIS A 38 -11.54 11.38 -4.29
C HIS A 38 -10.17 10.73 -4.53
N GLU A 39 -9.12 11.43 -4.14
CA GLU A 39 -7.75 10.93 -4.32
C GLU A 39 -7.25 10.27 -3.04
N LEU A 40 -7.05 8.96 -3.10
CA LEU A 40 -6.57 8.21 -1.95
C LEU A 40 -5.30 8.84 -1.37
N GLU A 41 -4.87 8.34 -0.23
CA GLU A 41 -3.67 8.86 0.43
C GLU A 41 -2.78 7.72 0.92
N LEU A 42 -1.73 7.42 0.17
CA LEU A 42 -0.81 6.35 0.54
C LEU A 42 -0.64 6.26 2.05
N THR A 43 -1.34 5.31 2.66
CA THR A 43 -1.28 5.12 4.10
C THR A 43 -0.55 3.82 4.44
N ARG A 44 0.27 3.87 5.49
CA ARG A 44 1.03 2.70 5.93
C ARG A 44 0.09 1.61 6.44
N VAL A 45 0.16 0.44 5.83
CA VAL A 45 -0.68 -0.68 6.23
C VAL A 45 0.09 -2.00 6.18
N GLN A 46 -0.07 -2.81 7.22
CA GLN A 46 0.61 -4.09 7.30
C GLN A 46 0.07 -5.07 6.27
N VAL A 47 -1.26 -5.20 6.23
CA VAL A 47 -1.92 -6.10 5.29
C VAL A 47 -3.31 -5.61 4.93
N TYR A 48 -3.73 -5.87 3.70
CA TYR A 48 -5.05 -5.44 3.23
C TYR A 48 -5.45 -6.20 1.98
N THR A 49 -6.58 -5.83 1.39
CA THR A 49 -7.09 -6.48 0.20
C THR A 49 -7.41 -5.45 -0.88
N CYS A 50 -6.56 -5.37 -1.90
CA CYS A 50 -6.76 -4.43 -3.00
C CYS A 50 -8.04 -4.75 -3.75
N ASP A 51 -8.81 -3.72 -4.07
CA ASP A 51 -10.06 -3.89 -4.80
C ASP A 51 -9.88 -3.55 -6.28
N LYS A 52 -8.70 -3.83 -6.80
CA LYS A 52 -8.40 -3.56 -8.20
C LYS A 52 -7.88 -4.81 -8.90
N CYS A 53 -6.78 -5.37 -8.38
CA CYS A 53 -6.19 -6.56 -8.95
C CYS A 53 -6.51 -7.79 -8.10
N GLU A 54 -7.20 -7.57 -6.98
CA GLU A 54 -7.58 -8.66 -6.09
C GLU A 54 -6.34 -9.25 -5.42
N GLU A 55 -5.45 -8.39 -4.93
CA GLU A 55 -4.23 -8.83 -4.27
C GLU A 55 -4.11 -8.21 -2.88
N GLU A 56 -3.15 -8.67 -2.11
CA GLU A 56 -2.92 -8.16 -0.76
C GLU A 56 -1.57 -7.47 -0.66
N GLY A 57 -1.58 -6.18 -0.31
CA GLY A 57 -0.35 -5.43 -0.18
C GLY A 57 0.19 -5.44 1.23
N THR A 58 1.35 -4.83 1.42
CA THR A 58 1.98 -4.77 2.74
C THR A 58 2.86 -3.53 2.87
N ILE A 59 2.84 -2.92 4.05
CA ILE A 59 3.64 -1.73 4.31
C ILE A 59 3.35 -0.65 3.28
N TRP A 60 2.17 -0.69 2.69
CA TRP A 60 1.77 0.28 1.68
C TRP A 60 0.36 0.01 1.17
N SER A 61 -0.46 1.04 1.10
CA SER A 61 -1.84 0.90 0.63
C SER A 61 -2.53 2.26 0.61
N TYR A 62 -2.99 2.66 -0.57
CA TYR A 62 -3.67 3.94 -0.72
C TYR A 62 -5.04 3.92 -0.04
N HIS A 63 -5.09 4.50 1.16
CA HIS A 63 -6.34 4.54 1.92
C HIS A 63 -6.95 5.93 1.88
N CYS A 64 -8.27 6.00 2.02
CA CYS A 64 -8.99 7.26 1.99
C CYS A 64 -9.81 7.45 3.26
N ASP A 65 -9.51 8.51 4.00
CA ASP A 65 -10.22 8.81 5.25
C ASP A 65 -11.56 9.47 4.95
N GLU A 66 -12.22 9.01 3.89
CA GLU A 66 -13.52 9.55 3.50
C GLU A 66 -14.49 8.44 3.16
N CYS A 67 -13.99 7.38 2.54
CA CYS A 67 -14.81 6.24 2.15
C CYS A 67 -14.20 4.94 2.64
N ASP A 68 -13.00 5.03 3.20
CA ASP A 68 -12.31 3.85 3.72
C ASP A 68 -11.91 2.91 2.60
N PHE A 69 -11.19 3.44 1.61
CA PHE A 69 -10.75 2.66 0.47
C PHE A 69 -9.33 2.14 0.69
N ASP A 70 -8.88 1.29 -0.22
CA ASP A 70 -7.54 0.72 -0.13
C ASP A 70 -7.07 0.20 -1.49
N LEU A 71 -5.85 0.56 -1.89
CA LEU A 71 -5.31 0.13 -3.16
C LEU A 71 -3.80 -0.15 -3.03
N HIS A 72 -3.20 -0.60 -4.13
CA HIS A 72 -1.77 -0.90 -4.14
C HIS A 72 -0.96 0.30 -4.63
N ALA A 73 0.30 0.36 -4.23
CA ALA A 73 1.17 1.46 -4.63
C ALA A 73 1.33 1.52 -6.15
N LYS A 74 1.49 0.35 -6.76
CA LYS A 74 1.64 0.27 -8.21
C LYS A 74 0.30 0.44 -8.91
N CYS A 75 -0.73 -0.24 -8.39
CA CYS A 75 -2.06 -0.15 -8.98
C CYS A 75 -2.50 1.30 -9.13
N ALA A 76 -2.32 2.08 -8.07
CA ALA A 76 -2.70 3.49 -8.08
C ALA A 76 -1.81 4.28 -9.04
N LEU A 77 -0.50 4.17 -8.85
CA LEU A 77 0.46 4.87 -9.69
C LEU A 77 0.12 4.70 -11.17
N ASN A 78 -0.22 3.47 -11.55
CA ASN A 78 -0.57 3.17 -12.94
C ASN A 78 -2.08 3.25 -13.14
N GLU A 79 -2.49 4.00 -14.17
CA GLU A 79 -3.91 4.15 -14.48
C GLU A 79 -4.18 3.84 -15.94
N ASP A 80 -3.57 2.76 -16.44
CA ASP A 80 -3.76 2.35 -17.83
C ASP A 80 -4.59 1.08 -17.92
N THR A 81 -5.64 1.01 -17.11
CA THR A 81 -6.52 -0.16 -17.10
C THR A 81 -7.98 0.26 -16.95
N LYS A 82 -8.82 -0.23 -17.87
CA LYS A 82 -10.24 0.08 -17.84
C LYS A 82 -11.04 -1.06 -17.22
N GLU A 83 -10.67 -2.29 -17.55
CA GLU A 83 -11.35 -3.46 -17.02
C GLU A 83 -11.51 -3.36 -15.50
N SER A 84 -12.68 -3.73 -15.01
CA SER A 84 -12.96 -3.69 -13.58
C SER A 84 -13.95 -4.77 -13.18
N GLY A 85 -13.61 -5.53 -12.14
CA GLY A 85 -14.46 -6.59 -11.67
C GLY A 85 -15.51 -6.10 -10.69
N PRO A 86 -16.78 -6.46 -10.95
CA PRO A 86 -17.91 -6.07 -10.09
C PRO A 86 -17.88 -6.77 -8.74
N SER A 87 -16.85 -7.57 -8.52
CA SER A 87 -16.71 -8.31 -7.27
C SER A 87 -16.57 -7.36 -6.09
N SER A 88 -17.55 -7.39 -5.19
CA SER A 88 -17.54 -6.52 -4.02
C SER A 88 -17.02 -7.27 -2.80
N GLY A 89 -15.90 -6.80 -2.25
CA GLY A 89 -15.31 -7.43 -1.08
C GLY A 89 -13.80 -7.38 -1.10
N GLY A 1 18.61 -6.70 1.33
CA GLY A 1 18.19 -7.90 0.62
C GLY A 1 18.10 -9.11 1.53
N SER A 2 19.26 -9.65 1.88
CA SER A 2 19.32 -10.83 2.74
C SER A 2 20.04 -10.51 4.06
N SER A 3 19.30 -9.92 5.00
CA SER A 3 19.87 -9.55 6.28
C SER A 3 18.77 -9.35 7.32
N GLY A 4 19.05 -9.75 8.56
CA GLY A 4 18.08 -9.61 9.62
C GLY A 4 18.67 -9.03 10.89
N SER A 5 18.22 -9.51 12.04
CA SER A 5 18.72 -9.02 13.32
C SER A 5 18.62 -10.11 14.39
N SER A 6 19.12 -9.80 15.58
CA SER A 6 19.11 -10.75 16.68
C SER A 6 17.79 -10.66 17.46
N GLY A 7 17.40 -11.77 18.08
CA GLY A 7 16.17 -11.79 18.85
C GLY A 7 15.02 -11.14 18.11
N THR A 8 14.39 -10.15 18.74
CA THR A 8 13.27 -9.45 18.14
C THR A 8 13.35 -7.95 18.40
N GLU A 9 12.73 -7.16 17.52
CA GLU A 9 12.73 -5.71 17.67
C GLU A 9 11.51 -5.23 18.44
N GLU A 10 11.59 -4.03 19.00
CA GLU A 10 10.50 -3.46 19.76
C GLU A 10 9.68 -2.50 18.90
N ARG A 11 10.30 -1.40 18.49
CA ARG A 11 9.63 -0.41 17.66
C ARG A 11 10.40 -0.15 16.38
N LEU A 12 9.99 -0.80 15.30
CA LEU A 12 10.65 -0.64 14.02
C LEU A 12 11.01 0.82 13.76
N LYS A 13 12.28 1.15 13.96
CA LYS A 13 12.76 2.51 13.76
C LYS A 13 13.35 2.67 12.36
N GLU A 14 14.48 2.02 12.12
CA GLU A 14 15.15 2.09 10.82
C GLU A 14 14.31 1.42 9.74
N ILE A 15 13.90 0.19 10.00
CA ILE A 15 13.08 -0.56 9.04
C ILE A 15 12.11 0.36 8.30
N GLU A 16 11.42 1.21 9.05
CA GLU A 16 10.46 2.13 8.47
C GLU A 16 11.13 3.00 7.40
N ALA A 17 12.28 3.56 7.74
CA ALA A 17 13.02 4.42 6.81
C ALA A 17 13.19 3.72 5.46
N LYS A 18 13.46 2.43 5.49
CA LYS A 18 13.64 1.65 4.27
C LYS A 18 12.43 1.81 3.34
N TYR A 19 11.24 1.64 3.90
CA TYR A 19 10.02 1.77 3.12
C TYR A 19 9.97 3.10 2.38
N ASP A 20 10.26 4.19 3.10
CA ASP A 20 10.25 5.52 2.51
C ASP A 20 11.03 5.54 1.19
N GLU A 21 12.13 4.79 1.16
CA GLU A 21 12.96 4.73 -0.04
C GLU A 21 12.22 4.06 -1.18
N ILE A 22 11.39 3.07 -0.85
CA ILE A 22 10.62 2.36 -1.85
C ILE A 22 9.54 3.24 -2.45
N ALA A 23 9.00 4.15 -1.64
CA ALA A 23 7.96 5.06 -2.10
C ALA A 23 8.51 6.48 -2.24
N LYS A 24 9.78 6.59 -2.62
CA LYS A 24 10.42 7.89 -2.79
C LYS A 24 9.71 8.70 -3.87
N ASP A 25 9.37 8.05 -4.98
CA ASP A 25 8.68 8.71 -6.08
C ASP A 25 7.17 8.62 -5.91
N TRP A 26 6.70 7.57 -5.25
CA TRP A 26 5.28 7.38 -5.02
C TRP A 26 4.66 8.62 -4.41
N PRO A 27 3.61 9.14 -5.07
CA PRO A 27 2.91 10.34 -4.61
C PRO A 27 2.10 10.08 -3.33
N LYS A 28 2.02 11.10 -2.48
CA LYS A 28 1.28 10.98 -1.23
C LYS A 28 -0.18 10.60 -1.49
N LYS A 29 -0.75 11.17 -2.56
CA LYS A 29 -2.13 10.89 -2.92
C LYS A 29 -2.24 10.51 -4.40
N VAL A 30 -3.08 9.52 -4.68
CA VAL A 30 -3.28 9.07 -6.05
C VAL A 30 -4.72 9.26 -6.49
N LYS A 31 -4.93 9.37 -7.80
CA LYS A 31 -6.28 9.56 -8.35
C LYS A 31 -6.75 8.30 -9.07
N HIS A 32 -7.15 7.29 -8.28
CA HIS A 32 -7.63 6.04 -8.84
C HIS A 32 -8.88 6.25 -9.69
N VAL A 33 -9.14 5.33 -10.59
CA VAL A 33 -10.31 5.41 -11.47
C VAL A 33 -11.56 4.93 -10.76
N LEU A 34 -11.46 3.77 -10.10
CA LEU A 34 -12.60 3.20 -9.38
C LEU A 34 -13.04 4.12 -8.24
N HIS A 35 -12.11 4.96 -7.77
CA HIS A 35 -12.41 5.89 -6.69
C HIS A 35 -12.18 7.33 -7.13
N GLU A 36 -12.30 7.56 -8.44
CA GLU A 36 -12.12 8.90 -8.99
C GLU A 36 -12.69 9.96 -8.06
N GLU A 37 -13.77 9.61 -7.36
CA GLU A 37 -14.41 10.54 -6.44
C GLU A 37 -13.38 11.36 -5.68
N HIS A 38 -12.41 10.68 -5.07
CA HIS A 38 -11.36 11.35 -4.31
C HIS A 38 -10.02 10.66 -4.51
N GLU A 39 -8.94 11.38 -4.22
CA GLU A 39 -7.60 10.83 -4.37
C GLU A 39 -7.15 10.13 -3.09
N LEU A 40 -7.04 8.81 -3.16
CA LEU A 40 -6.62 8.02 -2.00
C LEU A 40 -5.35 8.58 -1.38
N GLU A 41 -5.12 8.27 -0.12
CA GLU A 41 -3.92 8.74 0.58
C GLU A 41 -3.03 7.57 1.00
N LEU A 42 -1.84 7.50 0.41
CA LEU A 42 -0.90 6.43 0.71
C LEU A 42 -0.74 6.26 2.22
N THR A 43 -1.44 5.27 2.77
CA THR A 43 -1.37 5.00 4.20
C THR A 43 -0.57 3.73 4.49
N ARG A 44 0.27 3.79 5.51
CA ARG A 44 1.09 2.64 5.89
C ARG A 44 0.23 1.53 6.48
N VAL A 45 0.10 0.44 5.74
CA VAL A 45 -0.69 -0.70 6.20
C VAL A 45 0.12 -2.00 6.12
N GLN A 46 0.01 -2.82 7.17
CA GLN A 46 0.73 -4.08 7.23
C GLN A 46 0.15 -5.07 6.22
N VAL A 47 -1.17 -5.20 6.20
CA VAL A 47 -1.84 -6.12 5.29
C VAL A 47 -3.25 -5.62 4.95
N TYR A 48 -3.68 -5.87 3.72
CA TYR A 48 -5.00 -5.45 3.28
C TYR A 48 -5.43 -6.23 2.04
N THR A 49 -6.58 -5.85 1.48
CA THR A 49 -7.10 -6.51 0.29
C THR A 49 -7.45 -5.48 -0.79
N CYS A 50 -6.64 -5.44 -1.85
CA CYS A 50 -6.88 -4.52 -2.94
C CYS A 50 -8.15 -4.88 -3.71
N ASP A 51 -9.01 -3.90 -3.92
CA ASP A 51 -10.26 -4.12 -4.64
C ASP A 51 -10.11 -3.73 -6.11
N LYS A 52 -8.91 -3.95 -6.65
CA LYS A 52 -8.63 -3.64 -8.05
C LYS A 52 -8.10 -4.86 -8.78
N CYS A 53 -7.11 -5.52 -8.20
CA CYS A 53 -6.51 -6.70 -8.78
C CYS A 53 -6.73 -7.93 -7.90
N GLU A 54 -7.45 -7.73 -6.80
CA GLU A 54 -7.74 -8.82 -5.87
C GLU A 54 -6.45 -9.37 -5.26
N GLU A 55 -5.59 -8.47 -4.79
CA GLU A 55 -4.33 -8.86 -4.18
C GLU A 55 -4.15 -8.22 -2.81
N GLU A 56 -3.19 -8.72 -2.04
CA GLU A 56 -2.92 -8.19 -0.71
C GLU A 56 -1.57 -7.49 -0.67
N GLY A 57 -1.59 -6.20 -0.35
CA GLY A 57 -0.36 -5.43 -0.27
C GLY A 57 0.27 -5.47 1.10
N THR A 58 1.38 -4.76 1.26
CA THR A 58 2.09 -4.72 2.54
C THR A 58 2.95 -3.48 2.65
N ILE A 59 3.04 -2.93 3.87
CA ILE A 59 3.83 -1.73 4.10
C ILE A 59 3.49 -0.64 3.11
N TRP A 60 2.28 -0.69 2.57
CA TRP A 60 1.82 0.30 1.61
C TRP A 60 0.40 0.01 1.15
N SER A 61 -0.43 1.04 1.11
CA SER A 61 -1.83 0.89 0.70
C SER A 61 -2.53 2.24 0.69
N TYR A 62 -2.97 2.66 -0.50
CA TYR A 62 -3.66 3.93 -0.65
C TYR A 62 -5.00 3.91 0.07
N HIS A 63 -5.03 4.49 1.27
CA HIS A 63 -6.25 4.54 2.07
C HIS A 63 -6.89 5.93 2.00
N CYS A 64 -8.21 5.97 2.05
CA CYS A 64 -8.94 7.23 1.99
C CYS A 64 -9.77 7.44 3.26
N ASP A 65 -9.43 8.48 4.01
CA ASP A 65 -10.14 8.79 5.25
C ASP A 65 -11.49 9.44 4.96
N GLU A 66 -12.13 9.01 3.87
CA GLU A 66 -13.43 9.55 3.48
C GLU A 66 -14.39 8.42 3.11
N CYS A 67 -13.85 7.38 2.48
CA CYS A 67 -14.67 6.24 2.06
C CYS A 67 -14.02 4.93 2.49
N ASP A 68 -12.83 5.02 3.05
CA ASP A 68 -12.10 3.84 3.51
C ASP A 68 -11.75 2.93 2.33
N PHE A 69 -11.19 3.52 1.27
CA PHE A 69 -10.81 2.78 0.08
C PHE A 69 -9.32 2.44 0.12
N ASP A 70 -9.01 1.16 -0.03
CA ASP A 70 -7.62 0.71 -0.02
C ASP A 70 -7.20 0.22 -1.41
N LEU A 71 -5.94 0.46 -1.76
CA LEU A 71 -5.41 0.05 -3.06
C LEU A 71 -3.91 -0.22 -2.97
N HIS A 72 -3.33 -0.67 -4.09
CA HIS A 72 -1.91 -0.96 -4.14
C HIS A 72 -1.12 0.24 -4.64
N ALA A 73 0.16 0.30 -4.29
CA ALA A 73 1.03 1.39 -4.70
C ALA A 73 1.15 1.45 -6.22
N LYS A 74 1.28 0.28 -6.84
CA LYS A 74 1.41 0.20 -8.29
C LYS A 74 0.05 0.36 -8.97
N CYS A 75 -0.96 -0.27 -8.41
CA CYS A 75 -2.32 -0.20 -8.95
C CYS A 75 -2.77 1.26 -9.08
N ALA A 76 -2.61 2.01 -8.01
CA ALA A 76 -3.00 3.42 -8.00
C ALA A 76 -2.15 4.24 -8.96
N LEU A 77 -0.84 3.98 -8.93
CA LEU A 77 0.09 4.69 -9.80
C LEU A 77 -0.28 4.51 -11.26
N ASN A 78 -0.54 3.27 -11.65
CA ASN A 78 -0.91 2.96 -13.03
C ASN A 78 -2.40 2.68 -13.14
N GLU A 79 -3.09 3.51 -13.92
CA GLU A 79 -4.54 3.36 -14.10
C GLU A 79 -4.83 2.41 -15.26
N ASP A 80 -4.01 2.48 -16.31
CA ASP A 80 -4.18 1.63 -17.48
C ASP A 80 -2.99 0.71 -17.66
N THR A 81 -3.26 -0.56 -17.99
CA THR A 81 -2.20 -1.54 -18.19
C THR A 81 -2.46 -2.36 -19.44
N LYS A 82 -1.41 -3.03 -19.93
CA LYS A 82 -1.52 -3.86 -21.13
C LYS A 82 -2.70 -4.82 -21.01
N GLU A 83 -2.87 -5.39 -19.82
CA GLU A 83 -3.97 -6.33 -19.59
C GLU A 83 -4.23 -6.49 -18.10
N SER A 84 -5.51 -6.61 -17.73
CA SER A 84 -5.90 -6.77 -16.34
C SER A 84 -5.47 -8.13 -15.80
N GLY A 85 -5.67 -8.33 -14.50
CA GLY A 85 -5.31 -9.59 -13.89
C GLY A 85 -4.00 -9.51 -13.11
N PRO A 86 -3.75 -10.53 -12.28
CA PRO A 86 -2.52 -10.59 -11.47
C PRO A 86 -1.28 -10.84 -12.31
N SER A 87 -1.33 -11.86 -13.16
CA SER A 87 -0.21 -12.20 -14.02
C SER A 87 1.12 -11.91 -13.33
N SER A 88 1.20 -12.26 -12.04
CA SER A 88 2.40 -12.03 -11.26
C SER A 88 3.59 -12.80 -11.86
N GLY A 89 3.42 -14.09 -12.03
CA GLY A 89 4.48 -14.91 -12.59
C GLY A 89 5.59 -15.20 -11.59
N GLY A 1 25.95 -22.65 29.43
CA GLY A 1 24.58 -22.21 29.20
C GLY A 1 24.30 -21.88 27.75
N SER A 2 23.17 -21.23 27.49
CA SER A 2 22.79 -20.87 26.14
C SER A 2 22.18 -19.47 26.10
N SER A 3 22.33 -18.80 24.96
CA SER A 3 21.80 -17.45 24.80
C SER A 3 21.14 -17.28 23.43
N GLY A 4 20.54 -16.13 23.21
CA GLY A 4 19.89 -15.86 21.94
C GLY A 4 19.32 -14.46 21.86
N SER A 5 18.28 -14.28 21.04
CA SER A 5 17.65 -12.97 20.87
C SER A 5 16.27 -13.12 20.25
N SER A 6 15.46 -12.07 20.39
CA SER A 6 14.10 -12.08 19.85
C SER A 6 13.87 -10.85 18.97
N GLY A 7 13.53 -11.10 17.71
CA GLY A 7 13.28 -10.00 16.79
C GLY A 7 11.81 -9.60 16.76
N THR A 8 11.48 -8.52 17.45
CA THR A 8 10.11 -8.03 17.50
C THR A 8 9.97 -6.70 16.76
N GLU A 9 8.74 -6.33 16.45
CA GLU A 9 8.47 -5.09 15.75
C GLU A 9 8.37 -3.91 16.73
N GLU A 10 8.69 -4.18 17.99
CA GLU A 10 8.63 -3.15 19.02
C GLU A 10 9.38 -1.89 18.58
N ARG A 11 10.55 -2.08 18.00
CA ARG A 11 11.37 -0.97 17.54
C ARG A 11 11.54 -1.02 16.03
N LEU A 12 10.81 -0.15 15.32
CA LEU A 12 10.88 -0.10 13.86
C LEU A 12 11.21 1.31 13.39
N LYS A 13 11.84 2.09 14.27
CA LYS A 13 12.22 3.46 13.93
C LYS A 13 12.92 3.52 12.58
N GLU A 14 13.94 2.70 12.41
CA GLU A 14 14.69 2.66 11.16
C GLU A 14 13.91 1.91 10.08
N ILE A 15 13.47 0.70 10.41
CA ILE A 15 12.71 -0.12 9.47
C ILE A 15 11.79 0.75 8.61
N GLU A 16 11.14 1.71 9.25
CA GLU A 16 10.22 2.60 8.55
C GLU A 16 10.92 3.31 7.40
N ALA A 17 12.00 4.02 7.71
CA ALA A 17 12.77 4.73 6.70
C ALA A 17 13.06 3.84 5.49
N LYS A 18 13.46 2.61 5.77
CA LYS A 18 13.78 1.64 4.71
C LYS A 18 12.65 1.59 3.69
N TYR A 19 11.41 1.61 4.18
CA TYR A 19 10.25 1.55 3.30
C TYR A 19 10.20 2.76 2.36
N ASP A 20 10.43 3.95 2.94
CA ASP A 20 10.42 5.18 2.16
C ASP A 20 11.22 5.02 0.87
N GLU A 21 12.35 4.33 0.96
CA GLU A 21 13.21 4.10 -0.19
C GLU A 21 12.43 3.48 -1.35
N ILE A 22 11.44 2.66 -1.01
CA ILE A 22 10.61 2.00 -2.01
C ILE A 22 9.56 2.97 -2.56
N ALA A 23 9.09 3.87 -1.71
CA ALA A 23 8.08 4.84 -2.11
C ALA A 23 8.68 6.23 -2.20
N LYS A 24 9.93 6.31 -2.65
CA LYS A 24 10.62 7.59 -2.79
C LYS A 24 9.92 8.47 -3.82
N ASP A 25 9.58 7.90 -4.96
CA ASP A 25 8.91 8.63 -6.02
C ASP A 25 7.38 8.55 -5.85
N TRP A 26 6.92 7.46 -5.26
CA TRP A 26 5.49 7.25 -5.04
C TRP A 26 4.85 8.50 -4.46
N PRO A 27 3.76 8.97 -5.11
CA PRO A 27 3.04 10.16 -4.68
C PRO A 27 2.29 9.94 -3.36
N LYS A 28 1.81 11.02 -2.77
CA LYS A 28 1.07 10.94 -1.51
C LYS A 28 -0.43 10.80 -1.76
N LYS A 29 -0.90 11.44 -2.84
CA LYS A 29 -2.32 11.39 -3.20
C LYS A 29 -2.49 10.93 -4.64
N VAL A 30 -3.31 9.89 -4.83
CA VAL A 30 -3.56 9.37 -6.16
C VAL A 30 -5.05 9.33 -6.46
N LYS A 31 -5.41 9.63 -7.71
CA LYS A 31 -6.81 9.63 -8.13
C LYS A 31 -7.15 8.34 -8.87
N HIS A 32 -7.72 7.38 -8.15
CA HIS A 32 -8.10 6.10 -8.74
C HIS A 32 -9.41 6.23 -9.52
N VAL A 33 -9.53 5.45 -10.59
CA VAL A 33 -10.73 5.48 -11.42
C VAL A 33 -11.95 5.06 -10.63
N LEU A 34 -11.85 3.92 -9.94
CA LEU A 34 -12.94 3.40 -9.14
C LEU A 34 -13.32 4.37 -8.04
N HIS A 35 -12.37 5.21 -7.63
CA HIS A 35 -12.61 6.19 -6.58
C HIS A 35 -12.38 7.61 -7.11
N GLU A 36 -12.50 7.77 -8.42
CA GLU A 36 -12.32 9.07 -9.04
C GLU A 36 -12.82 10.20 -8.14
N GLU A 37 -13.91 9.92 -7.42
CA GLU A 37 -14.48 10.91 -6.51
C GLU A 37 -13.39 11.66 -5.76
N HIS A 38 -12.49 10.91 -5.13
CA HIS A 38 -11.41 11.51 -4.37
C HIS A 38 -10.09 10.78 -4.63
N GLU A 39 -8.99 11.37 -4.20
CA GLU A 39 -7.67 10.77 -4.39
C GLU A 39 -7.17 10.11 -3.12
N LEU A 40 -6.98 8.79 -3.16
CA LEU A 40 -6.52 8.05 -2.01
C LEU A 40 -5.24 8.67 -1.43
N GLU A 41 -4.82 8.18 -0.27
CA GLU A 41 -3.62 8.68 0.38
C GLU A 41 -2.73 7.53 0.85
N LEU A 42 -1.62 7.33 0.15
CA LEU A 42 -0.68 6.27 0.49
C LEU A 42 -0.60 6.07 2.00
N THR A 43 -1.35 5.10 2.52
CA THR A 43 -1.36 4.81 3.95
C THR A 43 -0.60 3.53 4.25
N ARG A 44 0.16 3.55 5.34
CA ARG A 44 0.94 2.39 5.75
C ARG A 44 0.04 1.29 6.31
N VAL A 45 0.22 0.07 5.81
CA VAL A 45 -0.58 -1.06 6.25
C VAL A 45 0.21 -2.36 6.16
N GLN A 46 0.10 -3.19 7.18
CA GLN A 46 0.80 -4.48 7.22
C GLN A 46 0.27 -5.42 6.15
N VAL A 47 -1.05 -5.59 6.13
CA VAL A 47 -1.69 -6.47 5.15
C VAL A 47 -3.11 -6.01 4.85
N TYR A 48 -3.55 -6.24 3.62
CA TYR A 48 -4.90 -5.85 3.21
C TYR A 48 -5.30 -6.59 1.93
N THR A 49 -6.47 -6.24 1.40
CA THR A 49 -6.98 -6.87 0.18
C THR A 49 -7.36 -5.81 -0.85
N CYS A 50 -6.52 -5.66 -1.88
CA CYS A 50 -6.77 -4.69 -2.94
C CYS A 50 -8.10 -4.98 -3.62
N ASP A 51 -8.82 -3.91 -3.97
CA ASP A 51 -10.11 -4.04 -4.63
C ASP A 51 -10.00 -3.66 -6.10
N LYS A 52 -8.83 -3.89 -6.68
CA LYS A 52 -8.59 -3.57 -8.09
C LYS A 52 -8.08 -4.81 -8.84
N CYS A 53 -7.01 -5.40 -8.34
CA CYS A 53 -6.43 -6.58 -8.96
C CYS A 53 -6.73 -7.84 -8.14
N GLU A 54 -7.36 -7.65 -6.99
CA GLU A 54 -7.71 -8.77 -6.12
C GLU A 54 -6.46 -9.40 -5.51
N GLU A 55 -5.59 -8.55 -4.97
CA GLU A 55 -4.35 -9.02 -4.35
C GLU A 55 -4.20 -8.47 -2.94
N GLU A 56 -3.05 -8.73 -2.32
CA GLU A 56 -2.79 -8.27 -0.97
C GLU A 56 -1.47 -7.52 -0.90
N GLY A 57 -1.53 -6.25 -0.51
CA GLY A 57 -0.33 -5.44 -0.41
C GLY A 57 0.33 -5.55 0.95
N THR A 58 1.44 -4.84 1.12
CA THR A 58 2.18 -4.86 2.38
C THR A 58 3.04 -3.61 2.54
N ILE A 59 3.08 -3.09 3.77
CA ILE A 59 3.87 -1.90 4.06
C ILE A 59 3.53 -0.77 3.07
N TRP A 60 2.33 -0.82 2.52
CA TRP A 60 1.88 0.20 1.57
C TRP A 60 0.45 -0.06 1.12
N SER A 61 -0.36 0.99 1.06
CA SER A 61 -1.75 0.86 0.64
C SER A 61 -2.42 2.23 0.59
N TYR A 62 -2.90 2.61 -0.59
CA TYR A 62 -3.57 3.89 -0.77
C TYR A 62 -4.97 3.87 -0.16
N HIS A 63 -5.08 4.41 1.04
CA HIS A 63 -6.37 4.45 1.74
C HIS A 63 -6.91 5.88 1.78
N CYS A 64 -8.23 6.00 1.90
CA CYS A 64 -8.88 7.31 1.96
C CYS A 64 -9.62 7.49 3.29
N ASP A 65 -9.23 8.52 4.02
CA ASP A 65 -9.84 8.81 5.31
C ASP A 65 -11.22 9.44 5.13
N GLU A 66 -11.83 9.18 3.98
CA GLU A 66 -13.15 9.72 3.67
C GLU A 66 -14.10 8.61 3.22
N CYS A 67 -13.55 7.58 2.59
CA CYS A 67 -14.35 6.46 2.12
C CYS A 67 -13.70 5.13 2.49
N ASP A 68 -12.86 5.16 3.52
CA ASP A 68 -12.18 3.96 3.99
C ASP A 68 -11.82 3.05 2.83
N PHE A 69 -11.10 3.59 1.86
CA PHE A 69 -10.70 2.83 0.69
C PHE A 69 -9.30 2.23 0.88
N ASP A 70 -8.90 1.38 -0.06
CA ASP A 70 -7.59 0.75 0.02
C ASP A 70 -7.18 0.21 -1.35
N LEU A 71 -5.94 0.49 -1.75
CA LEU A 71 -5.43 0.03 -3.03
C LEU A 71 -3.93 -0.25 -2.95
N HIS A 72 -3.35 -0.70 -4.06
CA HIS A 72 -1.93 -1.02 -4.11
C HIS A 72 -1.13 0.20 -4.57
N ALA A 73 0.09 0.32 -4.06
CA ALA A 73 0.95 1.44 -4.43
C ALA A 73 1.15 1.52 -5.94
N LYS A 74 1.28 0.35 -6.57
CA LYS A 74 1.47 0.28 -8.02
C LYS A 74 0.15 0.46 -8.75
N CYS A 75 -0.90 -0.19 -8.26
CA CYS A 75 -2.22 -0.11 -8.87
C CYS A 75 -2.65 1.34 -9.01
N ALA A 76 -2.52 2.10 -7.93
CA ALA A 76 -2.90 3.52 -7.93
C ALA A 76 -2.03 4.32 -8.89
N LEU A 77 -0.74 3.97 -8.95
CA LEU A 77 0.20 4.65 -9.83
C LEU A 77 -0.15 4.41 -11.29
N ASN A 78 -0.21 3.15 -11.68
CA ASN A 78 -0.54 2.77 -13.06
C ASN A 78 -2.02 2.97 -13.34
N GLU A 79 -2.39 2.97 -14.61
CA GLU A 79 -3.77 3.16 -15.01
C GLU A 79 -4.32 1.90 -15.67
N ASP A 80 -3.54 1.31 -16.58
CA ASP A 80 -3.94 0.11 -17.28
C ASP A 80 -4.67 -0.85 -16.34
N THR A 81 -5.99 -0.92 -16.49
CA THR A 81 -6.80 -1.80 -15.66
C THR A 81 -7.46 -2.89 -16.49
N LYS A 82 -7.39 -4.12 -16.01
CA LYS A 82 -8.00 -5.25 -16.71
C LYS A 82 -9.18 -5.81 -15.93
N GLU A 83 -10.18 -6.31 -16.65
CA GLU A 83 -11.37 -6.86 -16.02
C GLU A 83 -11.04 -8.17 -15.29
N SER A 84 -11.96 -8.61 -14.44
CA SER A 84 -11.77 -9.83 -13.67
C SER A 84 -11.13 -10.91 -14.53
N GLY A 85 -11.83 -11.32 -15.58
CA GLY A 85 -11.32 -12.35 -16.47
C GLY A 85 -12.06 -13.67 -16.32
N PRO A 86 -11.65 -14.67 -17.10
CA PRO A 86 -12.27 -16.01 -17.07
C PRO A 86 -11.95 -16.76 -15.79
N SER A 87 -12.76 -16.54 -14.76
CA SER A 87 -12.56 -17.20 -13.47
C SER A 87 -12.24 -18.67 -13.66
N SER A 88 -13.10 -19.35 -14.41
CA SER A 88 -12.92 -20.79 -14.66
C SER A 88 -12.94 -21.57 -13.36
N GLY A 89 -13.87 -21.23 -12.48
CA GLY A 89 -13.99 -21.91 -11.20
C GLY A 89 -13.89 -23.42 -11.36
N GLY A 1 28.24 -19.64 7.51
CA GLY A 1 27.06 -19.39 8.32
C GLY A 1 27.40 -18.66 9.61
N SER A 2 26.66 -17.59 9.88
CA SER A 2 26.88 -16.80 11.09
C SER A 2 25.57 -16.58 11.83
N SER A 3 25.66 -15.92 12.99
CA SER A 3 24.48 -15.65 13.80
C SER A 3 24.03 -14.19 13.65
N GLY A 4 22.85 -13.89 14.17
CA GLY A 4 22.33 -12.54 14.07
C GLY A 4 21.57 -12.12 15.32
N SER A 5 20.26 -11.89 15.16
CA SER A 5 19.42 -11.48 16.27
C SER A 5 18.02 -12.05 16.13
N SER A 6 17.24 -11.98 17.21
CA SER A 6 15.87 -12.49 17.21
C SER A 6 14.99 -11.67 18.14
N GLY A 7 13.68 -11.82 17.98
CA GLY A 7 12.73 -11.09 18.81
C GLY A 7 11.54 -10.59 18.02
N THR A 8 10.51 -10.14 18.75
CA THR A 8 9.30 -9.63 18.11
C THR A 8 9.44 -8.16 17.74
N GLU A 9 9.04 -7.82 16.52
CA GLU A 9 9.14 -6.44 16.05
C GLU A 9 8.11 -5.55 16.75
N GLU A 10 8.59 -4.61 17.55
CA GLU A 10 7.72 -3.70 18.28
C GLU A 10 7.99 -2.25 17.88
N ARG A 11 9.20 -1.78 18.14
CA ARG A 11 9.58 -0.42 17.82
C ARG A 11 10.33 -0.36 16.50
N LEU A 12 9.70 0.20 15.48
CA LEU A 12 10.30 0.31 14.15
C LEU A 12 10.66 1.76 13.83
N LYS A 13 11.90 2.13 14.11
CA LYS A 13 12.38 3.49 13.85
C LYS A 13 13.07 3.58 12.50
N GLU A 14 14.15 2.81 12.34
CA GLU A 14 14.90 2.80 11.10
C GLU A 14 14.12 2.08 10.00
N ILE A 15 13.59 0.91 10.32
CA ILE A 15 12.83 0.12 9.36
C ILE A 15 11.98 1.02 8.47
N GLU A 16 11.11 1.82 9.09
CA GLU A 16 10.25 2.73 8.35
C GLU A 16 10.98 3.35 7.16
N ALA A 17 12.14 3.92 7.44
CA ALA A 17 12.95 4.55 6.39
C ALA A 17 13.11 3.62 5.19
N LYS A 18 13.48 2.37 5.46
CA LYS A 18 13.66 1.39 4.40
C LYS A 18 12.48 1.41 3.42
N TYR A 19 11.27 1.45 3.95
CA TYR A 19 10.08 1.48 3.13
C TYR A 19 10.02 2.76 2.29
N ASP A 20 10.29 3.89 2.93
CA ASP A 20 10.28 5.18 2.25
C ASP A 20 11.10 5.12 0.97
N GLU A 21 12.20 4.38 1.01
CA GLU A 21 13.07 4.25 -0.16
C GLU A 21 12.33 3.59 -1.32
N ILE A 22 11.33 2.79 -1.00
CA ILE A 22 10.54 2.10 -2.02
C ILE A 22 9.46 3.03 -2.58
N ALA A 23 8.96 3.93 -1.74
CA ALA A 23 7.93 4.87 -2.15
C ALA A 23 8.48 6.27 -2.27
N LYS A 24 9.74 6.38 -2.68
CA LYS A 24 10.39 7.68 -2.82
C LYS A 24 9.68 8.53 -3.87
N ASP A 25 9.30 7.92 -4.98
CA ASP A 25 8.61 8.62 -6.05
C ASP A 25 7.10 8.57 -5.84
N TRP A 26 6.63 7.49 -5.22
CA TRP A 26 5.21 7.32 -4.97
C TRP A 26 4.62 8.56 -4.31
N PRO A 27 3.60 9.14 -4.96
CA PRO A 27 2.92 10.34 -4.46
C PRO A 27 2.10 10.06 -3.20
N LYS A 28 1.83 11.11 -2.43
CA LYS A 28 1.05 10.99 -1.20
C LYS A 28 -0.43 10.89 -1.51
N LYS A 29 -0.87 11.59 -2.54
CA LYS A 29 -2.28 11.59 -2.93
C LYS A 29 -2.43 11.15 -4.39
N VAL A 30 -3.13 10.05 -4.61
CA VAL A 30 -3.35 9.54 -5.95
C VAL A 30 -4.84 9.52 -6.30
N LYS A 31 -5.15 9.81 -7.55
CA LYS A 31 -6.54 9.82 -8.02
C LYS A 31 -6.86 8.55 -8.78
N HIS A 32 -7.31 7.54 -8.07
CA HIS A 32 -7.67 6.25 -8.69
C HIS A 32 -8.91 6.40 -9.55
N VAL A 33 -9.13 5.43 -10.44
CA VAL A 33 -10.28 5.46 -11.33
C VAL A 33 -11.54 4.97 -10.61
N LEU A 34 -11.42 3.83 -9.93
CA LEU A 34 -12.54 3.26 -9.20
C LEU A 34 -13.00 4.20 -8.08
N HIS A 35 -12.08 5.03 -7.62
CA HIS A 35 -12.38 5.97 -6.54
C HIS A 35 -12.15 7.41 -7.00
N GLU A 36 -12.21 7.63 -8.31
CA GLU A 36 -12.01 8.96 -8.87
C GLU A 36 -12.58 10.04 -7.96
N GLU A 37 -13.72 9.74 -7.35
CA GLU A 37 -14.37 10.69 -6.44
C GLU A 37 -13.34 11.51 -5.68
N HIS A 38 -12.38 10.83 -5.05
CA HIS A 38 -11.33 11.50 -4.29
C HIS A 38 -9.98 10.84 -4.52
N GLU A 39 -8.93 11.47 -4.04
CA GLU A 39 -7.57 10.94 -4.20
C GLU A 39 -7.11 10.23 -2.92
N LEU A 40 -6.86 8.94 -3.03
CA LEU A 40 -6.43 8.14 -1.89
C LEU A 40 -5.16 8.75 -1.26
N GLU A 41 -4.83 8.28 -0.06
CA GLU A 41 -3.65 8.78 0.64
C GLU A 41 -2.77 7.62 1.09
N LEU A 42 -1.71 7.36 0.33
CA LEU A 42 -0.78 6.29 0.66
C LEU A 42 -0.62 6.14 2.16
N THR A 43 -1.33 5.18 2.74
CA THR A 43 -1.27 4.94 4.17
C THR A 43 -0.57 3.62 4.48
N ARG A 44 0.27 3.63 5.51
CA ARG A 44 1.01 2.44 5.90
C ARG A 44 0.06 1.37 6.45
N VAL A 45 0.15 0.17 5.90
CA VAL A 45 -0.70 -0.94 6.33
C VAL A 45 0.06 -2.26 6.28
N GLN A 46 -0.08 -3.06 7.33
CA GLN A 46 0.58 -4.35 7.41
C GLN A 46 0.08 -5.29 6.32
N VAL A 47 -1.24 -5.43 6.24
CA VAL A 47 -1.85 -6.30 5.24
C VAL A 47 -3.25 -5.82 4.88
N TYR A 48 -3.65 -6.05 3.64
CA TYR A 48 -4.97 -5.64 3.16
C TYR A 48 -5.36 -6.41 1.91
N THR A 49 -6.55 -6.13 1.40
CA THR A 49 -7.05 -6.79 0.19
C THR A 49 -7.45 -5.78 -0.86
N CYS A 50 -6.69 -5.74 -1.95
CA CYS A 50 -6.97 -4.81 -3.04
C CYS A 50 -8.25 -5.20 -3.78
N ASP A 51 -9.09 -4.21 -4.04
CA ASP A 51 -10.35 -4.45 -4.75
C ASP A 51 -10.21 -4.17 -6.23
N LYS A 52 -8.97 -4.23 -6.73
CA LYS A 52 -8.70 -3.98 -8.13
C LYS A 52 -8.15 -5.23 -8.82
N CYS A 53 -6.97 -5.65 -8.37
CA CYS A 53 -6.32 -6.83 -8.94
C CYS A 53 -6.61 -8.06 -8.08
N GLU A 54 -7.34 -7.87 -7.00
CA GLU A 54 -7.69 -8.96 -6.09
C GLU A 54 -6.43 -9.54 -5.44
N GLU A 55 -5.50 -8.66 -5.08
CA GLU A 55 -4.26 -9.07 -4.44
C GLU A 55 -4.10 -8.41 -3.07
N GLU A 56 -3.15 -8.92 -2.29
CA GLU A 56 -2.91 -8.39 -0.95
C GLU A 56 -1.56 -7.67 -0.90
N GLY A 57 -1.59 -6.41 -0.50
CA GLY A 57 -0.37 -5.64 -0.41
C GLY A 57 0.26 -5.69 0.97
N THR A 58 1.35 -4.95 1.16
CA THR A 58 2.05 -4.92 2.44
C THR A 58 2.91 -3.67 2.56
N ILE A 59 2.98 -3.12 3.76
CA ILE A 59 3.78 -1.93 4.02
C ILE A 59 3.44 -0.81 3.04
N TRP A 60 2.22 -0.86 2.50
CA TRP A 60 1.77 0.14 1.54
C TRP A 60 0.34 -0.14 1.10
N SER A 61 -0.50 0.90 1.15
CA SER A 61 -1.90 0.77 0.75
C SER A 61 -2.59 2.13 0.73
N TYR A 62 -2.94 2.59 -0.47
CA TYR A 62 -3.60 3.87 -0.63
C TYR A 62 -4.97 3.87 0.03
N HIS A 63 -5.03 4.43 1.24
CA HIS A 63 -6.28 4.50 1.99
C HIS A 63 -6.88 5.91 1.94
N CYS A 64 -8.19 6.00 2.00
CA CYS A 64 -8.88 7.28 1.97
C CYS A 64 -9.56 7.58 3.30
N ASP A 65 -9.21 8.70 3.90
CA ASP A 65 -9.78 9.10 5.18
C ASP A 65 -11.19 9.67 5.00
N GLU A 66 -11.87 9.21 3.95
CA GLU A 66 -13.23 9.67 3.66
C GLU A 66 -14.15 8.48 3.36
N CYS A 67 -13.71 7.61 2.46
CA CYS A 67 -14.49 6.44 2.08
C CYS A 67 -13.82 5.16 2.57
N ASP A 68 -12.55 5.27 2.94
CA ASP A 68 -11.79 4.11 3.42
C ASP A 68 -11.50 3.15 2.29
N PHE A 69 -11.02 3.68 1.17
CA PHE A 69 -10.70 2.85 0.00
C PHE A 69 -9.21 2.49 -0.01
N ASP A 70 -8.93 1.19 0.00
CA ASP A 70 -7.55 0.71 -0.02
C ASP A 70 -7.16 0.21 -1.41
N LEU A 71 -5.89 0.36 -1.76
CA LEU A 71 -5.40 -0.07 -3.06
C LEU A 71 -3.90 -0.38 -2.99
N HIS A 72 -3.35 -0.81 -4.13
CA HIS A 72 -1.93 -1.14 -4.20
C HIS A 72 -1.12 0.07 -4.68
N ALA A 73 0.14 0.14 -4.28
CA ALA A 73 1.02 1.24 -4.67
C ALA A 73 1.11 1.35 -6.18
N LYS A 74 1.28 0.21 -6.85
CA LYS A 74 1.39 0.17 -8.30
C LYS A 74 0.02 0.39 -8.95
N CYS A 75 -1.01 -0.18 -8.34
CA CYS A 75 -2.38 -0.06 -8.85
C CYS A 75 -2.79 1.40 -8.94
N ALA A 76 -2.55 2.14 -7.85
CA ALA A 76 -2.90 3.56 -7.81
C ALA A 76 -2.12 4.36 -8.84
N LEU A 77 -0.83 4.08 -8.94
CA LEU A 77 0.03 4.77 -9.90
C LEU A 77 -0.40 4.48 -11.33
N ASN A 78 -0.59 3.20 -11.64
CA ASN A 78 -1.00 2.78 -12.97
C ASN A 78 -2.48 3.07 -13.20
N GLU A 79 -2.77 4.07 -14.03
CA GLU A 79 -4.14 4.44 -14.34
C GLU A 79 -4.64 3.74 -15.60
N ASP A 80 -5.68 2.94 -15.45
CA ASP A 80 -6.25 2.20 -16.57
C ASP A 80 -7.59 1.58 -16.20
N THR A 81 -8.42 1.31 -17.20
CA THR A 81 -9.73 0.71 -16.98
C THR A 81 -9.91 -0.54 -17.82
N LYS A 82 -8.85 -1.33 -17.95
CA LYS A 82 -8.89 -2.56 -18.73
C LYS A 82 -8.25 -3.71 -17.97
N GLU A 83 -8.61 -3.86 -16.69
CA GLU A 83 -8.07 -4.92 -15.86
C GLU A 83 -9.03 -6.10 -15.79
N SER A 84 -10.27 -5.82 -15.41
CA SER A 84 -11.29 -6.87 -15.30
C SER A 84 -12.32 -6.75 -16.41
N GLY A 85 -13.00 -7.85 -16.70
CA GLY A 85 -14.00 -7.84 -17.75
C GLY A 85 -14.00 -9.13 -18.56
N PRO A 86 -14.37 -10.25 -17.91
CA PRO A 86 -14.42 -11.56 -18.56
C PRO A 86 -15.53 -11.66 -19.59
N SER A 87 -16.75 -11.31 -19.16
CA SER A 87 -17.91 -11.36 -20.05
C SER A 87 -18.94 -10.29 -19.67
N SER A 88 -19.86 -10.02 -20.58
CA SER A 88 -20.89 -9.02 -20.34
C SER A 88 -22.09 -9.64 -19.62
N GLY A 89 -22.56 -10.77 -20.14
CA GLY A 89 -23.70 -11.44 -19.54
C GLY A 89 -24.54 -12.18 -20.55
N GLY A 1 11.47 -28.49 32.35
CA GLY A 1 12.31 -27.60 31.54
C GLY A 1 12.15 -26.15 31.94
N SER A 2 12.85 -25.28 31.22
CA SER A 2 12.80 -23.85 31.50
C SER A 2 13.36 -23.03 30.33
N SER A 3 12.85 -21.81 30.16
CA SER A 3 13.30 -20.95 29.09
C SER A 3 13.20 -19.48 29.49
N GLY A 4 13.67 -18.60 28.63
CA GLY A 4 13.63 -17.17 28.91
C GLY A 4 12.74 -16.41 27.93
N SER A 5 12.19 -15.30 28.39
CA SER A 5 11.31 -14.49 27.55
C SER A 5 12.13 -13.61 26.61
N SER A 6 11.50 -13.20 25.51
CA SER A 6 12.18 -12.36 24.53
C SER A 6 11.28 -11.18 24.12
N GLY A 7 11.92 -10.13 23.60
CA GLY A 7 11.17 -8.96 23.18
C GLY A 7 11.61 -8.45 21.83
N THR A 8 11.04 -7.32 21.41
CA THR A 8 11.38 -6.73 20.11
C THR A 8 11.50 -5.21 20.22
N GLU A 9 11.96 -4.59 19.14
CA GLU A 9 12.12 -3.13 19.11
C GLU A 9 10.83 -2.43 19.51
N GLU A 10 10.88 -1.11 19.60
CA GLU A 10 9.71 -0.32 19.99
C GLU A 10 9.38 0.70 18.90
N ARG A 11 10.32 1.59 18.63
CA ARG A 11 10.13 2.63 17.62
C ARG A 11 10.96 2.34 16.37
N LEU A 12 10.53 1.35 15.60
CA LEU A 12 11.24 0.97 14.38
C LEU A 12 11.71 2.20 13.62
N LYS A 13 12.99 2.50 13.73
CA LYS A 13 13.58 3.66 13.05
C LYS A 13 14.01 3.29 11.63
N GLU A 14 15.03 2.44 11.53
CA GLU A 14 15.54 2.01 10.23
C GLU A 14 14.42 1.40 9.39
N ILE A 15 13.78 0.36 9.93
CA ILE A 15 12.70 -0.31 9.23
C ILE A 15 11.88 0.67 8.40
N GLU A 16 11.41 1.73 9.05
CA GLU A 16 10.61 2.75 8.38
C GLU A 16 11.36 3.33 7.19
N ALA A 17 12.62 3.71 7.42
CA ALA A 17 13.44 4.29 6.37
C ALA A 17 13.50 3.39 5.15
N LYS A 18 13.61 2.08 5.39
CA LYS A 18 13.67 1.10 4.31
C LYS A 18 12.45 1.23 3.39
N TYR A 19 11.28 1.38 4.01
CA TYR A 19 10.04 1.51 3.25
C TYR A 19 10.02 2.81 2.44
N ASP A 20 10.32 3.91 3.12
CA ASP A 20 10.35 5.23 2.47
C ASP A 20 11.14 5.17 1.18
N GLU A 21 12.23 4.41 1.19
CA GLU A 21 13.09 4.28 0.02
C GLU A 21 12.32 3.69 -1.16
N ILE A 22 11.31 2.87 -0.85
CA ILE A 22 10.49 2.24 -1.88
C ILE A 22 9.41 3.19 -2.38
N ALA A 23 8.91 4.04 -1.47
CA ALA A 23 7.88 5.00 -1.82
C ALA A 23 8.43 6.42 -1.87
N LYS A 24 9.68 6.54 -2.31
CA LYS A 24 10.33 7.84 -2.41
C LYS A 24 9.65 8.72 -3.46
N ASP A 25 9.30 8.10 -4.58
CA ASP A 25 8.64 8.82 -5.68
C ASP A 25 7.13 8.73 -5.54
N TRP A 26 6.66 7.64 -4.95
CA TRP A 26 5.22 7.44 -4.77
C TRP A 26 4.56 8.69 -4.19
N PRO A 27 3.53 9.19 -4.88
CA PRO A 27 2.79 10.38 -4.46
C PRO A 27 1.96 10.13 -3.20
N LYS A 28 1.74 11.19 -2.43
CA LYS A 28 0.96 11.08 -1.19
C LYS A 28 -0.53 10.95 -1.51
N LYS A 29 -0.96 11.58 -2.60
CA LYS A 29 -2.35 11.52 -3.00
C LYS A 29 -2.48 11.01 -4.43
N VAL A 30 -3.24 9.93 -4.61
CA VAL A 30 -3.44 9.35 -5.92
C VAL A 30 -4.91 9.37 -6.32
N LYS A 31 -5.18 9.66 -7.59
CA LYS A 31 -6.54 9.72 -8.10
C LYS A 31 -6.88 8.48 -8.90
N HIS A 32 -7.30 7.43 -8.20
CA HIS A 32 -7.66 6.17 -8.85
C HIS A 32 -8.94 6.33 -9.66
N VAL A 33 -9.11 5.47 -10.66
CA VAL A 33 -10.29 5.51 -11.52
C VAL A 33 -11.52 5.01 -10.77
N LEU A 34 -11.40 3.85 -10.14
CA LEU A 34 -12.49 3.26 -9.39
C LEU A 34 -12.93 4.17 -8.24
N HIS A 35 -12.00 5.01 -7.77
CA HIS A 35 -12.28 5.93 -6.68
C HIS A 35 -12.05 7.37 -7.12
N GLU A 36 -12.11 7.61 -8.44
CA GLU A 36 -11.91 8.94 -8.99
C GLU A 36 -12.54 10.00 -8.07
N GLU A 37 -13.71 9.69 -7.53
CA GLU A 37 -14.41 10.62 -6.65
C GLU A 37 -13.42 11.43 -5.81
N HIS A 38 -12.45 10.74 -5.23
CA HIS A 38 -11.44 11.38 -4.39
C HIS A 38 -10.08 10.73 -4.60
N GLU A 39 -9.03 11.43 -4.17
CA GLU A 39 -7.67 10.93 -4.30
C GLU A 39 -7.22 10.22 -3.02
N LEU A 40 -6.94 8.92 -3.14
CA LEU A 40 -6.50 8.13 -1.99
C LEU A 40 -5.27 8.75 -1.34
N GLU A 41 -4.92 8.26 -0.16
CA GLU A 41 -3.76 8.76 0.57
C GLU A 41 -2.88 7.61 1.06
N LEU A 42 -1.77 7.39 0.35
CA LEU A 42 -0.84 6.32 0.71
C LEU A 42 -0.80 6.12 2.22
N THR A 43 -1.50 5.10 2.70
CA THR A 43 -1.54 4.80 4.12
C THR A 43 -0.75 3.53 4.45
N ARG A 44 -0.01 3.56 5.54
CA ARG A 44 0.79 2.42 5.96
C ARG A 44 -0.09 1.32 6.55
N VAL A 45 -0.02 0.12 5.97
CA VAL A 45 -0.81 -1.00 6.44
C VAL A 45 -0.02 -2.31 6.36
N GLN A 46 -0.10 -3.11 7.40
CA GLN A 46 0.60 -4.38 7.46
C GLN A 46 0.08 -5.33 6.37
N VAL A 47 -1.23 -5.50 6.32
CA VAL A 47 -1.85 -6.38 5.32
C VAL A 47 -3.27 -5.94 5.00
N TYR A 48 -3.68 -6.16 3.77
CA TYR A 48 -5.02 -5.79 3.33
C TYR A 48 -5.40 -6.52 2.05
N THR A 49 -6.57 -6.18 1.50
CA THR A 49 -7.05 -6.80 0.28
C THR A 49 -7.43 -5.74 -0.76
N CYS A 50 -6.63 -5.66 -1.82
CA CYS A 50 -6.87 -4.70 -2.89
C CYS A 50 -8.20 -4.99 -3.59
N ASP A 51 -8.85 -3.94 -4.09
CA ASP A 51 -10.12 -4.09 -4.78
C ASP A 51 -9.96 -3.84 -6.27
N LYS A 52 -8.74 -4.02 -6.78
CA LYS A 52 -8.46 -3.81 -8.18
C LYS A 52 -7.89 -5.07 -8.82
N CYS A 53 -6.83 -5.61 -8.22
CA CYS A 53 -6.20 -6.83 -8.73
C CYS A 53 -6.57 -8.03 -7.87
N GLU A 54 -7.34 -7.79 -6.81
CA GLU A 54 -7.77 -8.85 -5.92
C GLU A 54 -6.57 -9.46 -5.20
N GLU A 55 -5.55 -8.65 -4.96
CA GLU A 55 -4.34 -9.12 -4.28
C GLU A 55 -4.22 -8.50 -2.89
N GLU A 56 -3.10 -8.78 -2.22
CA GLU A 56 -2.87 -8.25 -0.88
C GLU A 56 -1.55 -7.49 -0.83
N GLY A 57 -1.61 -6.24 -0.35
CA GLY A 57 -0.42 -5.43 -0.25
C GLY A 57 0.23 -5.53 1.11
N THR A 58 1.34 -4.80 1.30
CA THR A 58 2.05 -4.81 2.56
C THR A 58 2.90 -3.55 2.72
N ILE A 59 2.96 -3.04 3.95
CA ILE A 59 3.73 -1.84 4.23
C ILE A 59 3.38 -0.71 3.27
N TRP A 60 2.17 -0.77 2.71
CA TRP A 60 1.71 0.25 1.77
C TRP A 60 0.28 -0.04 1.31
N SER A 61 -0.53 1.01 1.26
CA SER A 61 -1.93 0.86 0.84
C SER A 61 -2.61 2.23 0.77
N TYR A 62 -3.07 2.59 -0.43
CA TYR A 62 -3.74 3.87 -0.64
C TYR A 62 -5.11 3.87 0.01
N HIS A 63 -5.19 4.45 1.21
CA HIS A 63 -6.44 4.52 1.95
C HIS A 63 -7.05 5.92 1.86
N CYS A 64 -8.37 6.00 1.90
CA CYS A 64 -9.07 7.28 1.83
C CYS A 64 -9.81 7.56 3.12
N ASP A 65 -9.44 8.65 3.78
CA ASP A 65 -10.08 9.04 5.03
C ASP A 65 -11.45 9.67 4.78
N GLU A 66 -12.12 9.19 3.74
CA GLU A 66 -13.45 9.69 3.39
C GLU A 66 -14.41 8.55 3.07
N CYS A 67 -13.91 7.53 2.38
CA CYS A 67 -14.72 6.39 2.02
C CYS A 67 -14.07 5.09 2.52
N ASP A 68 -12.80 5.17 2.86
CA ASP A 68 -12.06 4.00 3.35
C ASP A 68 -11.73 3.05 2.21
N PHE A 69 -11.21 3.59 1.12
CA PHE A 69 -10.85 2.78 -0.05
C PHE A 69 -9.35 2.46 -0.04
N ASP A 70 -9.04 1.17 -0.06
CA ASP A 70 -7.65 0.72 -0.06
C ASP A 70 -7.23 0.26 -1.44
N LEU A 71 -5.96 0.49 -1.77
CA LEU A 71 -5.43 0.09 -3.07
C LEU A 71 -3.94 -0.23 -2.98
N HIS A 72 -3.35 -0.63 -4.10
CA HIS A 72 -1.94 -0.96 -4.15
C HIS A 72 -1.12 0.22 -4.66
N ALA A 73 0.14 0.29 -4.25
CA ALA A 73 1.03 1.37 -4.67
C ALA A 73 1.12 1.44 -6.19
N LYS A 74 1.29 0.29 -6.82
CA LYS A 74 1.39 0.23 -8.28
C LYS A 74 0.03 0.43 -8.93
N CYS A 75 -0.99 -0.22 -8.38
CA CYS A 75 -2.34 -0.10 -8.90
C CYS A 75 -2.77 1.36 -9.02
N ALA A 76 -2.55 2.11 -7.94
CA ALA A 76 -2.90 3.53 -7.92
C ALA A 76 -2.01 4.33 -8.85
N LEU A 77 -0.73 4.00 -8.87
CA LEU A 77 0.24 4.69 -9.73
C LEU A 77 -0.13 4.53 -11.19
N ASN A 78 -0.38 3.29 -11.62
CA ASN A 78 -0.73 3.01 -13.00
C ASN A 78 -1.74 1.86 -13.07
N GLU A 79 -2.33 1.68 -14.25
CA GLU A 79 -3.31 0.61 -14.45
C GLU A 79 -2.97 -0.21 -15.69
N ASP A 80 -3.06 -1.53 -15.56
CA ASP A 80 -2.78 -2.42 -16.68
C ASP A 80 -4.01 -3.22 -17.08
N THR A 81 -5.00 -3.26 -16.19
CA THR A 81 -6.23 -3.99 -16.45
C THR A 81 -7.34 -3.54 -15.50
N LYS A 82 -8.52 -3.30 -16.05
CA LYS A 82 -9.67 -2.86 -15.25
C LYS A 82 -10.88 -3.74 -15.53
N GLU A 83 -10.68 -5.05 -15.47
CA GLU A 83 -11.76 -6.00 -15.71
C GLU A 83 -11.85 -7.04 -14.60
N SER A 84 -12.89 -7.87 -14.64
CA SER A 84 -13.08 -8.90 -13.63
C SER A 84 -12.28 -10.15 -13.97
N GLY A 85 -11.37 -10.52 -13.07
CA GLY A 85 -10.55 -11.70 -13.29
C GLY A 85 -9.87 -12.17 -12.03
N PRO A 86 -10.35 -13.30 -11.47
CA PRO A 86 -9.79 -13.88 -10.25
C PRO A 86 -8.40 -14.47 -10.47
N SER A 87 -7.50 -14.19 -9.53
CA SER A 87 -6.13 -14.69 -9.62
C SER A 87 -5.52 -14.87 -8.23
N SER A 88 -5.33 -16.12 -7.83
CA SER A 88 -4.76 -16.42 -6.52
C SER A 88 -3.26 -16.64 -6.62
N GLY A 89 -2.59 -15.78 -7.40
CA GLY A 89 -1.15 -15.89 -7.57
C GLY A 89 -0.77 -16.64 -8.83
N GLY A 1 20.17 -27.45 16.20
CA GLY A 1 20.19 -26.20 15.46
C GLY A 1 19.20 -25.18 16.00
N SER A 2 19.52 -24.61 17.16
CA SER A 2 18.66 -23.62 17.79
C SER A 2 19.46 -22.43 18.29
N SER A 3 19.18 -21.25 17.75
CA SER A 3 19.87 -20.03 18.14
C SER A 3 19.01 -19.18 19.04
N GLY A 4 17.85 -18.76 18.52
CA GLY A 4 16.95 -17.93 19.30
C GLY A 4 16.05 -17.08 18.43
N SER A 5 16.17 -15.75 18.58
CA SER A 5 15.36 -14.83 17.80
C SER A 5 13.89 -15.26 17.78
N SER A 6 13.40 -15.71 18.94
CA SER A 6 12.02 -16.16 19.05
C SER A 6 11.05 -15.03 18.72
N GLY A 7 11.26 -13.87 19.34
CA GLY A 7 10.40 -12.73 19.11
C GLY A 7 10.75 -11.99 17.83
N THR A 8 10.18 -10.80 17.66
CA THR A 8 10.45 -10.00 16.48
C THR A 8 10.50 -8.51 16.82
N GLU A 9 11.02 -7.70 15.91
CA GLU A 9 11.12 -6.26 16.12
C GLU A 9 9.95 -5.75 16.95
N GLU A 10 10.23 -4.78 17.81
CA GLU A 10 9.20 -4.20 18.67
C GLU A 10 8.86 -2.79 18.23
N ARG A 11 9.87 -1.92 18.21
CA ARG A 11 9.67 -0.53 17.82
C ARG A 11 10.44 -0.22 16.53
N LEU A 12 9.84 -0.54 15.39
CA LEU A 12 10.47 -0.30 14.10
C LEU A 12 10.89 1.16 13.96
N LYS A 13 12.17 1.42 14.14
CA LYS A 13 12.70 2.78 14.04
C LYS A 13 13.27 3.03 12.65
N GLU A 14 14.21 2.18 12.23
CA GLU A 14 14.83 2.31 10.93
C GLU A 14 13.98 1.66 9.85
N ILE A 15 13.53 0.45 10.10
CA ILE A 15 12.69 -0.29 9.15
C ILE A 15 11.73 0.65 8.44
N GLU A 16 11.08 1.51 9.22
CA GLU A 16 10.12 2.46 8.65
C GLU A 16 10.79 3.34 7.58
N ALA A 17 11.91 3.96 7.94
CA ALA A 17 12.63 4.82 7.01
C ALA A 17 12.97 4.07 5.73
N LYS A 18 13.33 2.80 5.86
CA LYS A 18 13.68 1.97 4.72
C LYS A 18 12.53 1.91 3.73
N TYR A 19 11.34 1.63 4.22
CA TYR A 19 10.15 1.54 3.38
C TYR A 19 10.04 2.75 2.46
N ASP A 20 10.15 3.93 3.05
CA ASP A 20 10.07 5.18 2.29
C ASP A 20 10.91 5.10 1.02
N GLU A 21 12.06 4.45 1.12
CA GLU A 21 12.96 4.29 -0.02
C GLU A 21 12.22 3.70 -1.22
N ILE A 22 11.29 2.79 -0.95
CA ILE A 22 10.52 2.15 -2.00
C ILE A 22 9.45 3.09 -2.55
N ALA A 23 8.97 4.00 -1.70
CA ALA A 23 7.96 4.97 -2.10
C ALA A 23 8.56 6.36 -2.26
N LYS A 24 9.80 6.41 -2.71
CA LYS A 24 10.49 7.68 -2.92
C LYS A 24 9.81 8.51 -4.01
N ASP A 25 9.40 7.84 -5.07
CA ASP A 25 8.73 8.51 -6.18
C ASP A 25 7.22 8.50 -5.99
N TRP A 26 6.72 7.46 -5.32
CA TRP A 26 5.29 7.33 -5.07
C TRP A 26 4.72 8.60 -4.45
N PRO A 27 3.69 9.16 -5.08
CA PRO A 27 3.04 10.39 -4.60
C PRO A 27 2.25 10.15 -3.32
N LYS A 28 1.79 11.24 -2.71
CA LYS A 28 1.02 11.16 -1.47
C LYS A 28 -0.46 10.97 -1.77
N LYS A 29 -0.93 11.62 -2.82
CA LYS A 29 -2.34 11.52 -3.22
C LYS A 29 -2.47 10.99 -4.64
N VAL A 30 -3.15 9.86 -4.79
CA VAL A 30 -3.35 9.26 -6.11
C VAL A 30 -4.80 9.36 -6.54
N LYS A 31 -5.02 9.45 -7.84
CA LYS A 31 -6.37 9.55 -8.40
C LYS A 31 -6.75 8.27 -9.12
N HIS A 32 -7.49 7.40 -8.44
CA HIS A 32 -7.91 6.14 -9.02
C HIS A 32 -9.25 6.29 -9.75
N VAL A 33 -9.53 5.38 -10.66
CA VAL A 33 -10.78 5.42 -11.42
C VAL A 33 -11.96 4.94 -10.59
N LEU A 34 -11.76 3.84 -9.88
CA LEU A 34 -12.82 3.27 -9.04
C LEU A 34 -13.19 4.24 -7.92
N HIS A 35 -12.24 5.07 -7.51
CA HIS A 35 -12.47 6.04 -6.45
C HIS A 35 -12.20 7.46 -6.95
N GLU A 36 -12.38 7.67 -8.26
CA GLU A 36 -12.15 8.98 -8.85
C GLU A 36 -12.66 10.09 -7.95
N GLU A 37 -13.81 9.85 -7.30
CA GLU A 37 -14.40 10.83 -6.41
C GLU A 37 -13.32 11.64 -5.70
N HIS A 38 -12.39 10.95 -5.05
CA HIS A 38 -11.30 11.61 -4.34
C HIS A 38 -9.97 10.92 -4.61
N GLU A 39 -8.88 11.55 -4.18
CA GLU A 39 -7.54 10.99 -4.39
C GLU A 39 -7.04 10.32 -3.11
N LEU A 40 -6.96 9.00 -3.14
CA LEU A 40 -6.49 8.24 -1.98
C LEU A 40 -5.24 8.87 -1.39
N GLU A 41 -4.82 8.36 -0.24
CA GLU A 41 -3.63 8.88 0.44
C GLU A 41 -2.74 7.74 0.92
N LEU A 42 -1.67 7.47 0.18
CA LEU A 42 -0.74 6.41 0.52
C LEU A 42 -0.62 6.26 2.04
N THR A 43 -1.37 5.31 2.59
CA THR A 43 -1.35 5.07 4.03
C THR A 43 -0.66 3.74 4.35
N ARG A 44 0.20 3.77 5.37
CA ARG A 44 0.93 2.58 5.78
C ARG A 44 -0.03 1.49 6.28
N VAL A 45 0.19 0.27 5.81
CA VAL A 45 -0.66 -0.85 6.20
C VAL A 45 0.12 -2.16 6.16
N GLN A 46 -0.01 -2.96 7.21
CA GLN A 46 0.69 -4.24 7.29
C GLN A 46 0.19 -5.19 6.21
N VAL A 47 -1.13 -5.35 6.13
CA VAL A 47 -1.74 -6.23 5.15
C VAL A 47 -3.16 -5.80 4.82
N TYR A 48 -3.57 -5.98 3.57
CA TYR A 48 -4.91 -5.60 3.14
C TYR A 48 -5.30 -6.37 1.89
N THR A 49 -6.47 -6.04 1.34
CA THR A 49 -6.97 -6.70 0.14
C THR A 49 -7.34 -5.70 -0.94
N CYS A 50 -6.50 -5.61 -1.97
CA CYS A 50 -6.73 -4.69 -3.07
C CYS A 50 -8.06 -4.98 -3.77
N ASP A 51 -8.93 -3.98 -3.81
CA ASP A 51 -10.24 -4.13 -4.45
C ASP A 51 -10.16 -3.83 -5.93
N LYS A 52 -8.98 -4.04 -6.51
CA LYS A 52 -8.77 -3.79 -7.94
C LYS A 52 -8.30 -5.05 -8.65
N CYS A 53 -7.13 -5.53 -8.29
CA CYS A 53 -6.57 -6.74 -8.89
C CYS A 53 -6.82 -7.96 -8.01
N GLU A 54 -7.50 -7.74 -6.89
CA GLU A 54 -7.80 -8.82 -5.96
C GLU A 54 -6.53 -9.40 -5.36
N GLU A 55 -5.64 -8.52 -4.93
CA GLU A 55 -4.37 -8.94 -4.34
C GLU A 55 -4.24 -8.41 -2.91
N GLU A 56 -3.06 -8.62 -2.32
CA GLU A 56 -2.81 -8.15 -0.96
C GLU A 56 -1.46 -7.44 -0.87
N GLY A 57 -1.51 -6.15 -0.51
CA GLY A 57 -0.29 -5.37 -0.40
C GLY A 57 0.34 -5.46 0.98
N THR A 58 1.45 -4.77 1.17
CA THR A 58 2.16 -4.79 2.44
C THR A 58 3.00 -3.53 2.61
N ILE A 59 2.98 -2.97 3.82
CA ILE A 59 3.75 -1.77 4.12
C ILE A 59 3.43 -0.65 3.13
N TRP A 60 2.24 -0.71 2.53
CA TRP A 60 1.83 0.29 1.56
C TRP A 60 0.41 0.00 1.07
N SER A 61 -0.42 1.04 1.05
CA SER A 61 -1.80 0.90 0.59
C SER A 61 -2.51 2.25 0.60
N TYR A 62 -2.86 2.73 -0.60
CA TYR A 62 -3.54 4.01 -0.74
C TYR A 62 -4.92 3.97 -0.09
N HIS A 63 -5.01 4.50 1.13
CA HIS A 63 -6.28 4.52 1.85
C HIS A 63 -6.87 5.93 1.88
N CYS A 64 -8.19 6.01 1.91
CA CYS A 64 -8.88 7.29 1.93
C CYS A 64 -9.89 7.34 3.07
N ASP A 65 -9.39 7.49 4.30
CA ASP A 65 -10.26 7.56 5.47
C ASP A 65 -11.66 8.05 5.09
N GLU A 66 -11.71 9.12 4.31
CA GLU A 66 -12.98 9.69 3.88
C GLU A 66 -13.98 8.59 3.53
N CYS A 67 -13.57 7.67 2.67
CA CYS A 67 -14.43 6.57 2.26
C CYS A 67 -13.86 5.23 2.73
N ASP A 68 -12.69 5.28 3.37
CA ASP A 68 -12.05 4.07 3.87
C ASP A 68 -11.71 3.12 2.73
N PHE A 69 -10.97 3.63 1.74
CA PHE A 69 -10.58 2.81 0.59
C PHE A 69 -9.19 2.23 0.79
N ASP A 70 -8.78 1.38 -0.15
CA ASP A 70 -7.46 0.75 -0.09
C ASP A 70 -7.06 0.20 -1.45
N LEU A 71 -5.86 0.55 -1.89
CA LEU A 71 -5.35 0.08 -3.18
C LEU A 71 -3.87 -0.24 -3.09
N HIS A 72 -3.30 -0.71 -4.19
CA HIS A 72 -1.88 -1.05 -4.25
C HIS A 72 -1.05 0.14 -4.74
N ALA A 73 0.19 0.20 -4.29
CA ALA A 73 1.09 1.28 -4.68
C ALA A 73 1.32 1.28 -6.18
N LYS A 74 1.43 0.10 -6.76
CA LYS A 74 1.65 -0.04 -8.19
C LYS A 74 0.34 0.12 -8.96
N CYS A 75 -0.75 -0.38 -8.38
CA CYS A 75 -2.06 -0.29 -9.01
C CYS A 75 -2.50 1.16 -9.16
N ALA A 76 -2.46 1.90 -8.06
CA ALA A 76 -2.85 3.30 -8.07
C ALA A 76 -2.02 4.10 -9.07
N LEU A 77 -0.71 3.87 -9.06
CA LEU A 77 0.19 4.57 -9.97
C LEU A 77 0.00 4.07 -11.40
N ASN A 78 -0.25 2.78 -11.55
CA ASN A 78 -0.44 2.19 -12.87
C ASN A 78 -1.93 1.93 -13.13
N GLU A 79 -2.60 2.94 -13.67
CA GLU A 79 -4.02 2.82 -13.97
C GLU A 79 -4.32 1.54 -14.75
N ASP A 80 -3.56 1.31 -15.81
CA ASP A 80 -3.74 0.12 -16.64
C ASP A 80 -2.69 -0.93 -16.30
N THR A 81 -3.15 -2.12 -15.90
CA THR A 81 -2.25 -3.21 -15.55
C THR A 81 -2.54 -4.45 -16.39
N LYS A 82 -3.00 -4.25 -17.62
CA LYS A 82 -3.32 -5.36 -18.51
C LYS A 82 -3.81 -6.57 -17.72
N GLU A 83 -4.68 -6.31 -16.74
CA GLU A 83 -5.22 -7.39 -15.92
C GLU A 83 -6.28 -8.19 -16.69
N SER A 84 -6.08 -9.51 -16.75
CA SER A 84 -7.01 -10.38 -17.45
C SER A 84 -7.99 -11.03 -16.48
N GLY A 85 -7.46 -11.64 -15.43
CA GLY A 85 -8.29 -12.30 -14.45
C GLY A 85 -8.30 -13.81 -14.60
N PRO A 86 -7.13 -14.43 -14.40
CA PRO A 86 -6.98 -15.89 -14.52
C PRO A 86 -7.68 -16.63 -13.39
N SER A 87 -7.94 -17.92 -13.61
CA SER A 87 -8.61 -18.75 -12.61
C SER A 87 -7.69 -19.01 -11.42
N SER A 88 -8.10 -18.54 -10.25
CA SER A 88 -7.31 -18.72 -9.03
C SER A 88 -8.09 -19.54 -8.01
N GLY A 89 -7.37 -20.03 -7.00
CA GLY A 89 -8.01 -20.83 -5.97
C GLY A 89 -7.60 -22.29 -6.02
N GLY A 1 27.45 2.19 38.65
CA GLY A 1 26.61 1.10 38.21
C GLY A 1 25.57 1.55 37.19
N SER A 2 25.21 0.64 36.29
CA SER A 2 24.23 0.95 35.25
C SER A 2 23.68 -0.33 34.63
N SER A 3 22.53 -0.21 33.96
CA SER A 3 21.90 -1.37 33.32
C SER A 3 20.89 -0.92 32.27
N GLY A 4 20.30 -1.88 31.58
CA GLY A 4 19.32 -1.56 30.55
C GLY A 4 18.54 -2.78 30.10
N SER A 5 17.40 -2.54 29.46
CA SER A 5 16.55 -3.63 28.97
C SER A 5 15.76 -3.19 27.75
N SER A 6 15.39 -4.18 26.92
CA SER A 6 14.63 -3.90 25.71
C SER A 6 13.62 -5.01 25.43
N GLY A 7 12.55 -4.66 24.74
CA GLY A 7 11.52 -5.64 24.41
C GLY A 7 11.28 -5.76 22.92
N THR A 8 10.13 -5.27 22.47
CA THR A 8 9.78 -5.34 21.06
C THR A 8 10.03 -3.99 20.37
N GLU A 9 9.91 -3.98 19.05
CA GLU A 9 10.13 -2.76 18.28
C GLU A 9 9.41 -1.58 18.91
N GLU A 10 10.13 -0.47 19.06
CA GLU A 10 9.54 0.73 19.65
C GLU A 10 9.86 1.96 18.80
N ARG A 11 8.82 2.65 18.35
CA ARG A 11 8.99 3.84 17.52
C ARG A 11 9.84 3.53 16.29
N LEU A 12 9.53 2.43 15.63
CA LEU A 12 10.27 2.03 14.43
C LEU A 12 10.67 3.25 13.61
N LYS A 13 11.93 3.64 13.74
CA LYS A 13 12.46 4.78 13.01
C LYS A 13 13.17 4.34 11.74
N GLU A 14 14.21 3.52 11.90
CA GLU A 14 14.96 3.02 10.76
C GLU A 14 14.09 2.16 9.84
N ILE A 15 13.42 1.17 10.44
CA ILE A 15 12.56 0.29 9.68
C ILE A 15 11.77 1.06 8.62
N GLU A 16 10.96 2.00 9.07
CA GLU A 16 10.16 2.81 8.15
C GLU A 16 11.04 3.52 7.12
N ALA A 17 12.15 4.08 7.60
CA ALA A 17 13.08 4.78 6.73
C ALA A 17 13.34 3.99 5.46
N LYS A 18 13.35 2.66 5.58
CA LYS A 18 13.60 1.78 4.44
C LYS A 18 12.46 1.88 3.43
N TYR A 19 11.25 1.57 3.89
CA TYR A 19 10.08 1.61 3.03
C TYR A 19 10.09 2.86 2.15
N ASP A 20 10.51 3.98 2.74
CA ASP A 20 10.57 5.24 2.00
C ASP A 20 11.27 5.06 0.66
N GLU A 21 12.39 4.34 0.67
CA GLU A 21 13.16 4.10 -0.55
C GLU A 21 12.31 3.36 -1.58
N ILE A 22 11.29 2.65 -1.11
CA ILE A 22 10.41 1.90 -1.99
C ILE A 22 9.25 2.77 -2.47
N ALA A 23 8.84 3.72 -1.64
CA ALA A 23 7.75 4.63 -1.98
C ALA A 23 8.22 6.08 -1.99
N LYS A 24 9.50 6.28 -2.29
CA LYS A 24 10.07 7.61 -2.34
C LYS A 24 9.55 8.39 -3.54
N ASP A 25 9.18 7.66 -4.59
CA ASP A 25 8.67 8.27 -5.80
C ASP A 25 7.14 8.29 -5.81
N TRP A 26 6.54 7.30 -5.16
CA TRP A 26 5.09 7.20 -5.08
C TRP A 26 4.49 8.44 -4.42
N PRO A 27 3.48 9.02 -5.08
CA PRO A 27 2.80 10.23 -4.57
C PRO A 27 1.97 9.95 -3.32
N LYS A 28 1.93 10.92 -2.42
CA LYS A 28 1.17 10.77 -1.18
C LYS A 28 -0.33 10.69 -1.48
N LYS A 29 -0.77 11.40 -2.50
CA LYS A 29 -2.17 11.41 -2.88
C LYS A 29 -2.35 11.03 -4.35
N VAL A 30 -3.06 9.94 -4.60
CA VAL A 30 -3.30 9.47 -5.96
C VAL A 30 -4.78 9.52 -6.30
N LYS A 31 -5.08 9.83 -7.56
CA LYS A 31 -6.46 9.91 -8.03
C LYS A 31 -6.85 8.65 -8.79
N HIS A 32 -7.12 7.58 -8.03
CA HIS A 32 -7.52 6.32 -8.64
C HIS A 32 -8.78 6.48 -9.47
N VAL A 33 -9.00 5.53 -10.39
CA VAL A 33 -10.17 5.58 -11.26
C VAL A 33 -11.41 5.08 -10.54
N LEU A 34 -11.29 3.93 -9.87
CA LEU A 34 -12.41 3.34 -9.14
C LEU A 34 -12.82 4.25 -7.99
N HIS A 35 -11.95 5.18 -7.62
CA HIS A 35 -12.23 6.11 -6.54
C HIS A 35 -11.92 7.55 -6.95
N GLU A 36 -12.02 7.82 -8.25
CA GLU A 36 -11.75 9.15 -8.77
C GLU A 36 -12.33 10.22 -7.87
N GLU A 37 -13.50 9.95 -7.31
CA GLU A 37 -14.17 10.90 -6.43
C GLU A 37 -13.15 11.68 -5.60
N HIS A 38 -12.21 10.96 -4.99
CA HIS A 38 -11.18 11.58 -4.17
C HIS A 38 -9.82 10.93 -4.42
N GLU A 39 -8.77 11.54 -3.90
CA GLU A 39 -7.42 11.02 -4.05
C GLU A 39 -6.97 10.29 -2.80
N LEU A 40 -6.77 8.98 -2.92
CA LEU A 40 -6.34 8.16 -1.80
C LEU A 40 -5.12 8.75 -1.13
N GLU A 41 -4.73 8.19 0.00
CA GLU A 41 -3.57 8.67 0.75
C GLU A 41 -2.70 7.51 1.22
N LEU A 42 -1.59 7.29 0.52
CA LEU A 42 -0.68 6.20 0.86
C LEU A 42 -0.64 5.97 2.36
N THR A 43 -1.36 4.96 2.82
CA THR A 43 -1.41 4.63 4.24
C THR A 43 -0.68 3.33 4.54
N ARG A 44 0.16 3.35 5.57
CA ARG A 44 0.92 2.16 5.96
C ARG A 44 0.01 1.09 6.52
N VAL A 45 0.07 -0.11 5.94
CA VAL A 45 -0.76 -1.22 6.39
C VAL A 45 0.01 -2.54 6.31
N GLN A 46 -0.11 -3.36 7.36
CA GLN A 46 0.58 -4.64 7.40
C GLN A 46 0.05 -5.57 6.31
N VAL A 47 -1.27 -5.71 6.23
CA VAL A 47 -1.89 -6.57 5.22
C VAL A 47 -3.31 -6.10 4.91
N TYR A 48 -3.71 -6.28 3.66
CA TYR A 48 -5.06 -5.87 3.23
C TYR A 48 -5.45 -6.60 1.94
N THR A 49 -6.61 -6.24 1.40
CA THR A 49 -7.10 -6.85 0.19
C THR A 49 -7.51 -5.80 -0.84
N CYS A 50 -6.74 -5.70 -1.92
CA CYS A 50 -7.02 -4.73 -2.97
C CYS A 50 -8.33 -5.06 -3.68
N ASP A 51 -9.03 -4.02 -4.15
CA ASP A 51 -10.29 -4.21 -4.85
C ASP A 51 -10.13 -3.92 -6.34
N LYS A 52 -8.91 -4.08 -6.84
CA LYS A 52 -8.62 -3.85 -8.25
C LYS A 52 -8.07 -5.10 -8.91
N CYS A 53 -6.93 -5.57 -8.44
CA CYS A 53 -6.31 -6.77 -8.99
C CYS A 53 -6.64 -8.00 -8.15
N GLU A 54 -7.36 -7.77 -7.04
CA GLU A 54 -7.74 -8.85 -6.15
C GLU A 54 -6.51 -9.47 -5.48
N GLU A 55 -5.57 -8.61 -5.08
CA GLU A 55 -4.35 -9.07 -4.43
C GLU A 55 -4.23 -8.47 -3.04
N GLU A 56 -3.16 -8.84 -2.33
CA GLU A 56 -2.93 -8.34 -0.99
C GLU A 56 -1.60 -7.58 -0.91
N GLY A 57 -1.66 -6.33 -0.48
CA GLY A 57 -0.47 -5.51 -0.39
C GLY A 57 0.15 -5.58 1.00
N THR A 58 1.35 -5.01 1.13
CA THR A 58 2.05 -5.01 2.41
C THR A 58 2.93 -3.76 2.56
N ILE A 59 3.03 -3.27 3.79
CA ILE A 59 3.84 -2.08 4.06
C ILE A 59 3.48 -0.95 3.11
N TRP A 60 2.25 -0.98 2.58
CA TRP A 60 1.80 0.05 1.66
C TRP A 60 0.35 -0.20 1.24
N SER A 61 -0.43 0.87 1.19
CA SER A 61 -1.84 0.77 0.81
C SER A 61 -2.50 2.13 0.78
N TYR A 62 -2.97 2.52 -0.41
CA TYR A 62 -3.62 3.82 -0.59
C TYR A 62 -5.01 3.82 0.05
N HIS A 63 -5.10 4.36 1.26
CA HIS A 63 -6.37 4.41 1.97
C HIS A 63 -6.94 5.83 1.94
N CYS A 64 -8.27 5.93 1.99
CA CYS A 64 -8.94 7.23 1.95
C CYS A 64 -9.62 7.51 3.30
N ASP A 65 -9.27 8.64 3.90
CA ASP A 65 -9.84 9.04 5.18
C ASP A 65 -11.25 9.60 5.00
N GLU A 66 -11.93 9.14 3.95
CA GLU A 66 -13.28 9.60 3.67
C GLU A 66 -14.21 8.43 3.34
N CYS A 67 -13.77 7.59 2.39
CA CYS A 67 -14.56 6.43 1.98
C CYS A 67 -13.90 5.14 2.47
N ASP A 68 -12.63 5.23 2.84
CA ASP A 68 -11.90 4.06 3.33
C ASP A 68 -11.61 3.08 2.20
N PHE A 69 -11.06 3.60 1.11
CA PHE A 69 -10.74 2.78 -0.05
C PHE A 69 -9.25 2.44 -0.08
N ASP A 70 -8.94 1.15 -0.09
CA ASP A 70 -7.56 0.70 -0.12
C ASP A 70 -7.17 0.22 -1.52
N LEU A 71 -5.89 0.35 -1.85
CA LEU A 71 -5.39 -0.07 -3.15
C LEU A 71 -3.90 -0.40 -3.08
N HIS A 72 -3.35 -0.82 -4.22
CA HIS A 72 -1.93 -1.17 -4.29
C HIS A 72 -1.10 0.00 -4.79
N ALA A 73 0.19 0.00 -4.43
CA ALA A 73 1.08 1.07 -4.84
C ALA A 73 1.10 1.23 -6.36
N LYS A 74 1.19 0.10 -7.06
CA LYS A 74 1.21 0.11 -8.52
C LYS A 74 -0.18 0.38 -9.09
N CYS A 75 -1.20 -0.18 -8.44
CA CYS A 75 -2.58 0.00 -8.88
C CYS A 75 -2.96 1.49 -8.87
N ALA A 76 -2.59 2.17 -7.79
CA ALA A 76 -2.90 3.59 -7.66
C ALA A 76 -2.10 4.42 -8.66
N LEU A 77 -0.82 4.08 -8.81
CA LEU A 77 0.05 4.80 -9.74
C LEU A 77 -0.42 4.61 -11.18
N ASN A 78 -0.50 3.36 -11.61
CA ASN A 78 -0.94 3.04 -12.97
C ASN A 78 -2.44 3.24 -13.11
N GLU A 79 -2.90 3.36 -14.35
CA GLU A 79 -4.32 3.54 -14.62
C GLU A 79 -4.98 2.22 -15.03
N ASP A 80 -6.30 2.21 -15.05
CA ASP A 80 -7.05 1.01 -15.42
C ASP A 80 -7.72 1.18 -16.78
N THR A 81 -7.23 0.45 -17.77
CA THR A 81 -7.78 0.52 -19.12
C THR A 81 -8.98 -0.40 -19.27
N LYS A 82 -10.11 0.17 -19.66
CA LYS A 82 -11.34 -0.59 -19.84
C LYS A 82 -11.27 -1.42 -21.11
N GLU A 83 -12.06 -2.49 -21.16
CA GLU A 83 -12.10 -3.36 -22.33
C GLU A 83 -10.69 -3.58 -22.89
N SER A 84 -9.74 -3.87 -22.00
CA SER A 84 -8.36 -4.08 -22.40
C SER A 84 -8.11 -5.55 -22.73
N GLY A 85 -8.39 -6.43 -21.77
CA GLY A 85 -8.20 -7.85 -21.98
C GLY A 85 -8.96 -8.69 -20.97
N PRO A 86 -9.46 -9.86 -21.42
CA PRO A 86 -10.21 -10.78 -20.57
C PRO A 86 -9.34 -11.44 -19.51
N SER A 87 -8.21 -12.00 -19.94
CA SER A 87 -7.29 -12.67 -19.03
C SER A 87 -6.00 -13.04 -19.73
N SER A 88 -5.02 -13.52 -18.97
CA SER A 88 -3.74 -13.91 -19.53
C SER A 88 -3.82 -15.28 -20.20
N GLY A 89 -4.33 -16.26 -19.46
CA GLY A 89 -4.46 -17.60 -20.00
C GLY A 89 -5.91 -18.03 -20.15
N GLY A 1 8.08 -16.06 35.89
CA GLY A 1 9.04 -14.99 35.73
C GLY A 1 8.66 -14.04 34.60
N SER A 2 9.12 -12.80 34.71
CA SER A 2 8.82 -11.80 33.68
C SER A 2 10.11 -11.25 33.08
N SER A 3 10.24 -11.37 31.77
CA SER A 3 11.42 -10.89 31.07
C SER A 3 11.23 -10.99 29.55
N GLY A 4 12.10 -10.31 28.80
CA GLY A 4 12.02 -10.34 27.36
C GLY A 4 13.10 -9.51 26.69
N SER A 5 12.69 -8.45 26.01
CA SER A 5 13.63 -7.58 25.32
C SER A 5 13.08 -6.16 25.21
N SER A 6 13.97 -5.17 25.36
CA SER A 6 13.56 -3.77 25.28
C SER A 6 13.10 -3.41 23.88
N GLY A 7 12.34 -2.33 23.77
CA GLY A 7 11.83 -1.89 22.47
C GLY A 7 10.47 -2.48 22.17
N THR A 8 9.56 -1.62 21.73
CA THR A 8 8.20 -2.05 21.39
C THR A 8 7.70 -1.37 20.12
N GLU A 9 6.50 -1.74 19.69
CA GLU A 9 5.92 -1.16 18.48
C GLU A 9 5.75 0.35 18.63
N GLU A 10 5.54 1.03 17.51
CA GLU A 10 5.37 2.47 17.50
C GLU A 10 6.70 3.18 17.77
N ARG A 11 7.79 2.50 17.46
CA ARG A 11 9.12 3.07 17.68
C ARG A 11 10.02 2.84 16.46
N LEU A 12 9.93 1.64 15.89
CA LEU A 12 10.73 1.29 14.71
C LEU A 12 11.00 2.52 13.85
N LYS A 13 12.19 3.07 13.97
CA LYS A 13 12.57 4.26 13.19
C LYS A 13 13.29 3.86 11.91
N GLU A 14 14.37 3.10 12.05
CA GLU A 14 15.15 2.65 10.90
C GLU A 14 14.28 1.81 9.96
N ILE A 15 13.53 0.87 10.53
CA ILE A 15 12.66 0.01 9.74
C ILE A 15 11.86 0.81 8.73
N GLU A 16 11.11 1.80 9.21
CA GLU A 16 10.31 2.64 8.34
C GLU A 16 11.15 3.22 7.20
N ALA A 17 12.28 3.82 7.56
CA ALA A 17 13.18 4.41 6.57
C ALA A 17 13.35 3.49 5.37
N LYS A 18 13.52 2.20 5.64
CA LYS A 18 13.70 1.21 4.58
C LYS A 18 12.54 1.26 3.59
N TYR A 19 11.32 1.35 4.12
CA TYR A 19 10.13 1.40 3.29
C TYR A 19 10.09 2.68 2.46
N ASP A 20 10.32 3.81 3.12
CA ASP A 20 10.32 5.10 2.45
C ASP A 20 11.16 5.05 1.17
N GLU A 21 12.28 4.34 1.23
CA GLU A 21 13.17 4.23 0.08
C GLU A 21 12.43 3.60 -1.11
N ILE A 22 11.46 2.74 -0.81
CA ILE A 22 10.69 2.08 -1.85
C ILE A 22 9.63 3.01 -2.43
N ALA A 23 9.11 3.90 -1.60
CA ALA A 23 8.10 4.86 -2.02
C ALA A 23 8.69 6.26 -2.12
N LYS A 24 9.94 6.35 -2.53
CA LYS A 24 10.61 7.65 -2.67
C LYS A 24 9.91 8.52 -3.70
N ASP A 25 9.56 7.93 -4.83
CA ASP A 25 8.87 8.65 -5.90
C ASP A 25 7.37 8.57 -5.74
N TRP A 26 6.89 7.48 -5.14
CA TRP A 26 5.47 7.27 -4.92
C TRP A 26 4.83 8.52 -4.31
N PRO A 27 3.79 9.04 -4.97
CA PRO A 27 3.07 10.23 -4.52
C PRO A 27 2.27 9.97 -3.25
N LYS A 28 1.84 11.05 -2.60
CA LYS A 28 1.05 10.93 -1.37
C LYS A 28 -0.44 10.82 -1.69
N LYS A 29 -0.87 11.52 -2.74
CA LYS A 29 -2.27 11.50 -3.15
C LYS A 29 -2.41 10.96 -4.57
N VAL A 30 -3.30 9.98 -4.74
CA VAL A 30 -3.53 9.38 -6.05
C VAL A 30 -4.99 9.51 -6.46
N LYS A 31 -5.21 9.70 -7.76
CA LYS A 31 -6.56 9.84 -8.28
C LYS A 31 -6.97 8.62 -9.10
N HIS A 32 -7.43 7.58 -8.40
CA HIS A 32 -7.85 6.35 -9.05
C HIS A 32 -9.17 6.54 -9.79
N VAL A 33 -9.47 5.63 -10.71
CA VAL A 33 -10.71 5.71 -11.49
C VAL A 33 -11.88 5.14 -10.71
N LEU A 34 -11.63 4.02 -10.02
CA LEU A 34 -12.67 3.37 -9.22
C LEU A 34 -13.13 4.27 -8.09
N HIS A 35 -12.25 5.15 -7.64
CA HIS A 35 -12.57 6.06 -6.55
C HIS A 35 -12.41 7.52 -7.00
N GLU A 36 -12.54 7.74 -8.30
CA GLU A 36 -12.41 9.08 -8.86
C GLU A 36 -12.95 10.14 -7.89
N GLU A 37 -14.08 9.81 -7.27
CA GLU A 37 -14.70 10.74 -6.32
C GLU A 37 -13.66 11.57 -5.59
N HIS A 38 -12.66 10.91 -5.03
CA HIS A 38 -11.59 11.59 -4.32
C HIS A 38 -10.24 10.95 -4.61
N GLU A 39 -9.18 11.49 -4.00
CA GLU A 39 -7.84 10.98 -4.21
C GLU A 39 -7.34 10.23 -2.97
N LEU A 40 -7.10 8.94 -3.12
CA LEU A 40 -6.62 8.12 -2.02
C LEU A 40 -5.29 8.65 -1.48
N GLU A 41 -4.90 8.17 -0.30
CA GLU A 41 -3.66 8.59 0.33
C GLU A 41 -2.81 7.39 0.74
N LEU A 42 -1.57 7.37 0.28
CA LEU A 42 -0.66 6.26 0.59
C LEU A 42 -0.60 6.03 2.10
N THR A 43 -1.40 5.09 2.58
CA THR A 43 -1.45 4.77 3.99
C THR A 43 -0.65 3.49 4.29
N ARG A 44 0.12 3.52 5.37
CA ARG A 44 0.92 2.36 5.75
C ARG A 44 0.05 1.26 6.33
N VAL A 45 0.21 0.04 5.81
CA VAL A 45 -0.56 -1.10 6.27
C VAL A 45 0.23 -2.39 6.15
N GLN A 46 0.12 -3.25 7.16
CA GLN A 46 0.83 -4.52 7.16
C GLN A 46 0.26 -5.47 6.11
N VAL A 47 -1.06 -5.62 6.11
CA VAL A 47 -1.73 -6.50 5.16
C VAL A 47 -3.15 -6.01 4.87
N TYR A 48 -3.62 -6.26 3.65
CA TYR A 48 -4.96 -5.85 3.25
C TYR A 48 -5.39 -6.56 1.98
N THR A 49 -6.54 -6.18 1.45
CA THR A 49 -7.07 -6.78 0.23
C THR A 49 -7.46 -5.71 -0.78
N CYS A 50 -6.66 -5.58 -1.83
CA CYS A 50 -6.92 -4.59 -2.87
C CYS A 50 -8.27 -4.86 -3.55
N ASP A 51 -8.89 -3.81 -4.05
CA ASP A 51 -10.18 -3.93 -4.72
C ASP A 51 -10.04 -3.67 -6.22
N LYS A 52 -8.85 -3.95 -6.74
CA LYS A 52 -8.57 -3.75 -8.17
C LYS A 52 -8.04 -5.03 -8.80
N CYS A 53 -6.95 -5.54 -8.25
CA CYS A 53 -6.33 -6.76 -8.76
C CYS A 53 -6.72 -7.97 -7.91
N GLU A 54 -7.44 -7.71 -6.82
CA GLU A 54 -7.88 -8.77 -5.91
C GLU A 54 -6.68 -9.42 -5.22
N GLU A 55 -5.63 -8.62 -5.00
CA GLU A 55 -4.43 -9.12 -4.34
C GLU A 55 -4.27 -8.50 -2.95
N GLU A 56 -3.19 -8.85 -2.28
CA GLU A 56 -2.91 -8.33 -0.95
C GLU A 56 -1.58 -7.60 -0.90
N GLY A 57 -1.61 -6.31 -0.53
CA GLY A 57 -0.40 -5.53 -0.45
C GLY A 57 0.30 -5.67 0.89
N THR A 58 1.31 -4.83 1.11
CA THR A 58 2.06 -4.87 2.36
C THR A 58 2.93 -3.62 2.51
N ILE A 59 3.02 -3.12 3.74
CA ILE A 59 3.83 -1.93 4.02
C ILE A 59 3.49 -0.79 3.05
N TRP A 60 2.28 -0.83 2.51
CA TRP A 60 1.83 0.19 1.57
C TRP A 60 0.39 -0.08 1.12
N SER A 61 -0.40 0.99 1.05
CA SER A 61 -1.79 0.87 0.64
C SER A 61 -2.46 2.24 0.60
N TYR A 62 -2.94 2.63 -0.58
CA TYR A 62 -3.61 3.91 -0.75
C TYR A 62 -5.00 3.90 -0.14
N HIS A 63 -5.11 4.42 1.08
CA HIS A 63 -6.39 4.47 1.77
C HIS A 63 -6.94 5.90 1.80
N CYS A 64 -8.26 6.01 1.86
CA CYS A 64 -8.92 7.32 1.91
C CYS A 64 -9.69 7.50 3.20
N ASP A 65 -9.31 8.50 3.98
CA ASP A 65 -9.97 8.78 5.26
C ASP A 65 -11.31 9.46 5.02
N GLU A 66 -12.00 9.08 3.95
CA GLU A 66 -13.30 9.65 3.62
C GLU A 66 -14.30 8.56 3.24
N CYS A 67 -13.81 7.53 2.56
CA CYS A 67 -14.65 6.43 2.13
C CYS A 67 -14.10 5.09 2.62
N ASP A 68 -12.91 5.14 3.20
CA ASP A 68 -12.26 3.94 3.72
C ASP A 68 -11.88 3.00 2.57
N PHE A 69 -11.13 3.52 1.61
CA PHE A 69 -10.70 2.72 0.45
C PHE A 69 -9.31 2.14 0.69
N ASP A 70 -8.88 1.28 -0.22
CA ASP A 70 -7.57 0.64 -0.13
C ASP A 70 -7.11 0.12 -1.48
N LEU A 71 -5.93 0.54 -1.91
CA LEU A 71 -5.39 0.12 -3.20
C LEU A 71 -3.91 -0.25 -3.06
N HIS A 72 -3.31 -0.69 -4.16
CA HIS A 72 -1.90 -1.08 -4.16
C HIS A 72 -1.02 0.07 -4.64
N ALA A 73 0.20 0.13 -4.12
CA ALA A 73 1.14 1.19 -4.49
C ALA A 73 1.28 1.29 -6.01
N LYS A 74 1.30 0.14 -6.67
CA LYS A 74 1.44 0.09 -8.12
C LYS A 74 0.09 0.36 -8.80
N CYS A 75 -0.96 -0.22 -8.26
CA CYS A 75 -2.30 -0.04 -8.81
C CYS A 75 -2.65 1.44 -8.92
N ALA A 76 -2.32 2.19 -7.87
CA ALA A 76 -2.60 3.63 -7.84
C ALA A 76 -1.73 4.38 -8.85
N LEU A 77 -0.45 4.01 -8.89
CA LEU A 77 0.48 4.65 -9.81
C LEU A 77 0.17 4.29 -11.26
N ASN A 78 0.30 3.00 -11.58
CA ASN A 78 0.03 2.53 -12.93
C ASN A 78 -1.39 1.97 -13.03
N GLU A 79 -1.84 1.75 -14.26
CA GLU A 79 -3.17 1.23 -14.50
C GLU A 79 -3.15 0.08 -15.52
N ASP A 80 -3.69 -1.07 -15.13
CA ASP A 80 -3.74 -2.23 -16.00
C ASP A 80 -5.13 -2.44 -16.57
N THR A 81 -5.19 -2.71 -17.87
CA THR A 81 -6.46 -2.92 -18.55
C THR A 81 -6.87 -4.39 -18.50
N LYS A 82 -5.97 -5.23 -18.01
CA LYS A 82 -6.23 -6.66 -17.91
C LYS A 82 -5.30 -7.32 -16.90
N GLU A 83 -5.88 -8.05 -15.94
CA GLU A 83 -5.09 -8.72 -14.92
C GLU A 83 -4.40 -9.96 -15.48
N SER A 84 -3.26 -9.76 -16.13
CA SER A 84 -2.50 -10.85 -16.72
C SER A 84 -1.61 -11.52 -15.68
N GLY A 85 -2.11 -12.60 -15.09
CA GLY A 85 -1.34 -13.32 -14.08
C GLY A 85 -1.94 -14.68 -13.76
N PRO A 86 -1.25 -15.74 -14.21
CA PRO A 86 -1.70 -17.12 -13.98
C PRO A 86 -1.58 -17.53 -12.51
N SER A 87 -2.11 -18.70 -12.19
CA SER A 87 -2.06 -19.21 -10.82
C SER A 87 -0.67 -19.06 -10.23
N SER A 88 -0.52 -18.10 -9.32
CA SER A 88 0.77 -17.85 -8.68
C SER A 88 1.85 -17.57 -9.72
N GLY A 89 1.57 -16.61 -10.60
CA GLY A 89 2.54 -16.26 -11.64
C GLY A 89 2.49 -14.79 -11.99
N GLY A 1 28.07 -10.69 25.79
CA GLY A 1 26.80 -11.17 25.29
C GLY A 1 26.81 -11.39 23.79
N SER A 2 25.69 -11.82 23.24
CA SER A 2 25.57 -12.07 21.82
C SER A 2 24.97 -10.87 21.09
N SER A 3 25.67 -10.38 20.09
CA SER A 3 25.21 -9.23 19.32
C SER A 3 23.73 -9.34 19.01
N GLY A 4 23.34 -10.45 18.41
CA GLY A 4 21.95 -10.67 18.06
C GLY A 4 21.01 -10.44 19.24
N SER A 5 20.12 -9.47 19.10
CA SER A 5 19.17 -9.14 20.16
C SER A 5 17.92 -10.02 20.07
N SER A 6 17.87 -11.03 20.92
CA SER A 6 16.72 -11.95 20.94
C SER A 6 15.43 -11.20 21.17
N GLY A 7 15.45 -10.26 22.12
CA GLY A 7 14.26 -9.49 22.43
C GLY A 7 13.44 -9.17 21.19
N THR A 8 12.23 -9.74 21.12
CA THR A 8 11.34 -9.53 19.99
C THR A 8 11.25 -8.05 19.63
N GLU A 9 11.27 -7.76 18.34
CA GLU A 9 11.19 -6.38 17.87
C GLU A 9 10.16 -5.58 18.67
N GLU A 10 10.51 -4.36 19.03
CA GLU A 10 9.62 -3.50 19.80
C GLU A 10 9.15 -2.31 18.97
N ARG A 11 10.08 -1.70 18.25
CA ARG A 11 9.77 -0.54 17.41
C ARG A 11 10.51 -0.63 16.07
N LEU A 12 10.16 0.28 15.16
CA LEU A 12 10.79 0.31 13.85
C LEU A 12 11.24 1.72 13.49
N LYS A 13 12.44 2.09 13.94
CA LYS A 13 12.99 3.40 13.67
C LYS A 13 13.58 3.46 12.26
N GLU A 14 14.68 2.74 12.06
CA GLU A 14 15.35 2.72 10.77
C GLU A 14 14.53 1.93 9.75
N ILE A 15 14.15 0.72 10.12
CA ILE A 15 13.35 -0.13 9.24
C ILE A 15 12.38 0.70 8.41
N GLU A 16 11.58 1.52 9.08
CA GLU A 16 10.60 2.37 8.42
C GLU A 16 11.27 3.25 7.36
N ALA A 17 12.40 3.85 7.73
CA ALA A 17 13.14 4.71 6.83
C ALA A 17 13.46 3.98 5.52
N LYS A 18 13.80 2.71 5.64
CA LYS A 18 14.13 1.90 4.46
C LYS A 18 12.96 1.83 3.49
N TYR A 19 11.75 1.77 4.04
CA TYR A 19 10.54 1.70 3.22
C TYR A 19 10.35 2.98 2.42
N ASP A 20 10.55 4.12 3.07
CA ASP A 20 10.41 5.41 2.42
C ASP A 20 11.09 5.40 1.05
N GLU A 21 12.25 4.77 0.98
CA GLU A 21 13.01 4.69 -0.26
C GLU A 21 12.16 4.06 -1.37
N ILE A 22 11.35 3.08 -1.00
CA ILE A 22 10.50 2.39 -1.96
C ILE A 22 9.34 3.27 -2.40
N ALA A 23 8.83 4.08 -1.46
CA ALA A 23 7.72 4.99 -1.75
C ALA A 23 8.20 6.43 -1.84
N LYS A 24 9.47 6.60 -2.16
CA LYS A 24 10.05 7.94 -2.29
C LYS A 24 9.45 8.69 -3.46
N ASP A 25 9.24 7.98 -4.56
CA ASP A 25 8.66 8.59 -5.76
C ASP A 25 7.14 8.55 -5.70
N TRP A 26 6.60 7.53 -5.07
CA TRP A 26 5.15 7.38 -4.93
C TRP A 26 4.53 8.64 -4.35
N PRO A 27 3.50 9.16 -5.01
CA PRO A 27 2.79 10.37 -4.58
C PRO A 27 1.96 10.13 -3.31
N LYS A 28 1.82 11.17 -2.51
CA LYS A 28 1.05 11.08 -1.26
C LYS A 28 -0.43 10.91 -1.56
N LYS A 29 -0.88 11.52 -2.66
CA LYS A 29 -2.28 11.44 -3.06
C LYS A 29 -2.42 10.91 -4.48
N VAL A 30 -3.14 9.81 -4.63
CA VAL A 30 -3.36 9.21 -5.95
C VAL A 30 -4.83 9.23 -6.34
N LYS A 31 -5.09 9.38 -7.63
CA LYS A 31 -6.46 9.42 -8.13
C LYS A 31 -6.79 8.13 -8.88
N HIS A 32 -7.57 7.27 -8.25
CA HIS A 32 -7.97 6.01 -8.85
C HIS A 32 -9.27 6.17 -9.64
N VAL A 33 -9.50 5.27 -10.60
CA VAL A 33 -10.70 5.32 -11.42
C VAL A 33 -11.93 4.92 -10.62
N LEU A 34 -11.84 3.80 -9.91
CA LEU A 34 -12.94 3.31 -9.09
C LEU A 34 -13.30 4.32 -8.00
N HIS A 35 -12.32 5.10 -7.58
CA HIS A 35 -12.53 6.11 -6.55
C HIS A 35 -12.23 7.51 -7.08
N GLU A 36 -12.36 7.67 -8.39
CA GLU A 36 -12.09 8.96 -9.03
C GLU A 36 -12.62 10.11 -8.17
N GLU A 37 -13.78 9.91 -7.57
CA GLU A 37 -14.39 10.92 -6.72
C GLU A 37 -13.33 11.66 -5.91
N HIS A 38 -12.43 10.90 -5.28
CA HIS A 38 -11.36 11.49 -4.48
C HIS A 38 -10.06 10.71 -4.66
N GLU A 39 -8.95 11.33 -4.25
CA GLU A 39 -7.64 10.70 -4.38
C GLU A 39 -7.24 10.03 -3.06
N LEU A 40 -6.79 8.78 -3.15
CA LEU A 40 -6.38 8.02 -1.97
C LEU A 40 -5.12 8.64 -1.37
N GLU A 41 -4.77 8.19 -0.16
CA GLU A 41 -3.59 8.68 0.52
C GLU A 41 -2.75 7.53 1.07
N LEU A 42 -1.54 7.37 0.55
CA LEU A 42 -0.64 6.32 0.98
C LEU A 42 -0.71 6.12 2.49
N THR A 43 -1.40 5.07 2.91
CA THR A 43 -1.54 4.79 4.34
C THR A 43 -0.78 3.51 4.72
N ARG A 44 -0.06 3.57 5.84
CA ARG A 44 0.71 2.41 6.30
C ARG A 44 -0.22 1.30 6.77
N VAL A 45 -0.07 0.12 6.17
CA VAL A 45 -0.89 -1.03 6.53
C VAL A 45 -0.07 -2.32 6.47
N GLN A 46 -0.39 -3.24 7.36
CA GLN A 46 0.31 -4.52 7.43
C GLN A 46 -0.16 -5.46 6.32
N VAL A 47 -1.48 -5.58 6.19
CA VAL A 47 -2.07 -6.45 5.17
C VAL A 47 -3.48 -5.99 4.80
N TYR A 48 -3.87 -6.22 3.55
CA TYR A 48 -5.18 -5.83 3.07
C TYR A 48 -5.55 -6.60 1.80
N THR A 49 -6.69 -6.25 1.22
CA THR A 49 -7.16 -6.89 0.00
C THR A 49 -7.51 -5.87 -1.06
N CYS A 50 -6.64 -5.73 -2.05
CA CYS A 50 -6.85 -4.79 -3.15
C CYS A 50 -8.15 -5.08 -3.88
N ASP A 51 -9.03 -4.09 -3.96
CA ASP A 51 -10.31 -4.24 -4.63
C ASP A 51 -10.21 -3.84 -6.10
N LYS A 52 -9.02 -4.01 -6.66
CA LYS A 52 -8.78 -3.66 -8.07
C LYS A 52 -8.27 -4.87 -8.85
N CYS A 53 -7.19 -5.47 -8.36
CA CYS A 53 -6.60 -6.64 -9.01
C CYS A 53 -6.87 -7.90 -8.20
N GLU A 54 -7.54 -7.74 -7.06
CA GLU A 54 -7.87 -8.88 -6.21
C GLU A 54 -6.62 -9.49 -5.60
N GLU A 55 -5.76 -8.63 -5.06
CA GLU A 55 -4.51 -9.08 -4.45
C GLU A 55 -4.38 -8.56 -3.02
N GLU A 56 -3.23 -8.79 -2.40
CA GLU A 56 -2.97 -8.34 -1.04
C GLU A 56 -1.63 -7.62 -0.95
N GLY A 57 -1.67 -6.34 -0.58
CA GLY A 57 -0.45 -5.56 -0.47
C GLY A 57 0.20 -5.71 0.90
N THR A 58 1.33 -5.06 1.09
CA THR A 58 2.06 -5.11 2.35
C THR A 58 3.01 -3.94 2.49
N ILE A 59 3.05 -3.35 3.69
CA ILE A 59 3.92 -2.22 3.96
C ILE A 59 3.58 -1.04 3.06
N TRP A 60 2.33 -1.00 2.60
CA TRP A 60 1.89 0.09 1.73
C TRP A 60 0.46 -0.16 1.25
N SER A 61 -0.34 0.90 1.21
CA SER A 61 -1.72 0.80 0.78
C SER A 61 -2.37 2.19 0.68
N TYR A 62 -2.83 2.53 -0.51
CA TYR A 62 -3.47 3.83 -0.73
C TYR A 62 -4.89 3.83 -0.22
N HIS A 63 -5.09 4.39 0.96
CA HIS A 63 -6.42 4.46 1.57
C HIS A 63 -6.90 5.91 1.65
N CYS A 64 -8.22 6.08 1.60
CA CYS A 64 -8.81 7.42 1.66
C CYS A 64 -9.48 7.65 3.01
N ASP A 65 -9.10 8.73 3.67
CA ASP A 65 -9.67 9.08 4.97
C ASP A 65 -11.02 9.78 4.82
N GLU A 66 -11.77 9.38 3.79
CA GLU A 66 -13.07 9.97 3.54
C GLU A 66 -14.11 8.89 3.23
N CYS A 67 -13.68 7.84 2.54
CA CYS A 67 -14.57 6.74 2.18
C CYS A 67 -14.03 5.42 2.72
N ASP A 68 -12.76 5.41 3.11
CA ASP A 68 -12.14 4.21 3.64
C ASP A 68 -11.83 3.21 2.53
N PHE A 69 -11.09 3.67 1.52
CA PHE A 69 -10.74 2.83 0.39
C PHE A 69 -9.35 2.20 0.60
N ASP A 70 -8.99 1.28 -0.28
CA ASP A 70 -7.70 0.61 -0.20
C ASP A 70 -7.25 0.13 -1.57
N LEU A 71 -5.97 0.32 -1.87
CA LEU A 71 -5.41 -0.09 -3.15
C LEU A 71 -3.92 -0.39 -3.03
N HIS A 72 -3.31 -0.82 -4.13
CA HIS A 72 -1.89 -1.14 -4.15
C HIS A 72 -1.06 0.08 -4.57
N ALA A 73 0.20 0.11 -4.16
CA ALA A 73 1.08 1.23 -4.50
C ALA A 73 1.29 1.31 -6.01
N LYS A 74 1.40 0.16 -6.66
CA LYS A 74 1.59 0.11 -8.11
C LYS A 74 0.26 0.30 -8.84
N CYS A 75 -0.80 -0.28 -8.30
CA CYS A 75 -2.12 -0.17 -8.90
C CYS A 75 -2.56 1.29 -9.01
N ALA A 76 -2.37 2.04 -7.93
CA ALA A 76 -2.73 3.44 -7.90
C ALA A 76 -1.90 4.25 -8.88
N LEU A 77 -0.61 3.95 -8.94
CA LEU A 77 0.30 4.64 -9.84
C LEU A 77 -0.06 4.38 -11.30
N ASN A 78 -0.38 3.12 -11.61
CA ASN A 78 -0.75 2.75 -12.97
C ASN A 78 -2.13 2.10 -12.99
N GLU A 79 -3.09 2.78 -13.61
CA GLU A 79 -4.45 2.28 -13.69
C GLU A 79 -4.87 2.11 -15.15
N ASP A 80 -3.94 1.70 -15.99
CA ASP A 80 -4.20 1.50 -17.41
C ASP A 80 -4.22 0.02 -17.76
N THR A 81 -4.70 -0.30 -18.96
CA THR A 81 -4.77 -1.68 -19.41
C THR A 81 -3.54 -2.47 -18.97
N LYS A 82 -3.68 -3.78 -18.85
CA LYS A 82 -2.57 -4.64 -18.44
C LYS A 82 -2.46 -5.86 -19.35
N GLU A 83 -1.41 -6.63 -19.16
CA GLU A 83 -1.18 -7.83 -19.98
C GLU A 83 -1.12 -9.08 -19.10
N SER A 84 -1.70 -10.17 -19.60
CA SER A 84 -1.71 -11.43 -18.87
C SER A 84 -0.31 -11.77 -18.35
N GLY A 85 -0.26 -12.36 -17.16
CA GLY A 85 1.02 -12.74 -16.57
C GLY A 85 1.10 -14.21 -16.25
N PRO A 86 2.19 -14.86 -16.69
CA PRO A 86 2.42 -16.29 -16.45
C PRO A 86 2.70 -16.59 -14.98
N SER A 87 2.93 -15.55 -14.20
CA SER A 87 3.21 -15.71 -12.78
C SER A 87 2.25 -16.71 -12.13
N SER A 88 2.80 -17.82 -11.66
CA SER A 88 1.98 -18.85 -11.03
C SER A 88 2.51 -19.18 -9.63
N GLY A 89 1.79 -18.73 -8.61
CA GLY A 89 2.20 -18.98 -7.24
C GLY A 89 3.09 -17.89 -6.69
N GLY A 1 28.17 -5.07 23.83
CA GLY A 1 27.20 -4.02 24.08
C GLY A 1 26.68 -3.40 22.80
N SER A 2 27.55 -2.68 22.09
CA SER A 2 27.16 -2.02 20.85
C SER A 2 26.39 -2.97 19.94
N SER A 3 27.03 -4.08 19.57
CA SER A 3 26.41 -5.06 18.70
C SER A 3 25.00 -5.40 19.18
N GLY A 4 24.21 -6.02 18.31
CA GLY A 4 22.84 -6.38 18.67
C GLY A 4 21.89 -6.23 17.50
N SER A 5 21.20 -7.31 17.17
CA SER A 5 20.25 -7.30 16.06
C SER A 5 18.85 -7.65 16.55
N SER A 6 17.84 -7.26 15.76
CA SER A 6 16.45 -7.53 16.11
C SER A 6 15.58 -7.60 14.87
N GLY A 7 14.51 -8.39 14.94
CA GLY A 7 13.61 -8.54 13.81
C GLY A 7 12.43 -7.58 13.88
N THR A 8 11.22 -8.13 13.93
CA THR A 8 10.01 -7.33 14.00
C THR A 8 9.75 -6.84 15.41
N GLU A 9 9.19 -5.64 15.52
CA GLU A 9 8.88 -5.06 16.83
C GLU A 9 7.66 -4.15 16.75
N GLU A 10 7.08 -3.87 17.90
CA GLU A 10 5.89 -3.01 17.97
C GLU A 10 6.18 -1.64 17.36
N ARG A 11 7.39 -1.14 17.57
CA ARG A 11 7.79 0.16 17.05
C ARG A 11 9.06 0.05 16.22
N LEU A 12 9.09 0.74 15.08
CA LEU A 12 10.25 0.71 14.20
C LEU A 12 10.59 2.12 13.72
N LYS A 13 11.80 2.58 14.04
CA LYS A 13 12.24 3.90 13.63
C LYS A 13 13.03 3.83 12.32
N GLU A 14 14.00 2.93 12.27
CA GLU A 14 14.83 2.75 11.08
C GLU A 14 14.06 2.03 9.98
N ILE A 15 13.50 0.87 10.33
CA ILE A 15 12.74 0.07 9.39
C ILE A 15 11.97 0.97 8.42
N GLU A 16 11.19 1.89 8.96
CA GLU A 16 10.41 2.81 8.15
C GLU A 16 11.25 3.37 7.00
N ALA A 17 12.42 3.89 7.34
CA ALA A 17 13.31 4.46 6.34
C ALA A 17 13.39 3.58 5.10
N LYS A 18 13.64 2.29 5.31
CA LYS A 18 13.73 1.34 4.21
C LYS A 18 12.51 1.44 3.29
N TYR A 19 11.33 1.45 3.89
CA TYR A 19 10.09 1.54 3.13
C TYR A 19 9.96 2.91 2.46
N ASP A 20 10.14 3.96 3.24
CA ASP A 20 10.05 5.32 2.73
C ASP A 20 10.83 5.46 1.42
N GLU A 21 11.98 4.79 1.35
CA GLU A 21 12.82 4.84 0.16
C GLU A 21 12.12 4.16 -1.02
N ILE A 22 11.36 3.12 -0.74
CA ILE A 22 10.65 2.39 -1.77
C ILE A 22 9.54 3.24 -2.38
N ALA A 23 8.91 4.06 -1.56
CA ALA A 23 7.83 4.94 -2.01
C ALA A 23 8.32 6.36 -2.21
N LYS A 24 9.60 6.50 -2.58
CA LYS A 24 10.20 7.81 -2.81
C LYS A 24 9.51 8.53 -3.97
N ASP A 25 9.23 7.78 -5.03
CA ASP A 25 8.58 8.35 -6.20
C ASP A 25 7.06 8.34 -6.04
N TRP A 26 6.56 7.34 -5.31
CA TRP A 26 5.12 7.20 -5.08
C TRP A 26 4.55 8.48 -4.46
N PRO A 27 3.52 9.05 -5.10
CA PRO A 27 2.87 10.27 -4.63
C PRO A 27 2.07 10.04 -3.34
N LYS A 28 1.96 11.09 -2.54
CA LYS A 28 1.21 10.99 -1.28
C LYS A 28 -0.29 10.88 -1.54
N LYS A 29 -0.76 11.57 -2.57
CA LYS A 29 -2.17 11.54 -2.93
C LYS A 29 -2.35 11.16 -4.40
N VAL A 30 -3.03 10.04 -4.63
CA VAL A 30 -3.28 9.57 -5.99
C VAL A 30 -4.76 9.65 -6.34
N LYS A 31 -5.05 9.75 -7.63
CA LYS A 31 -6.43 9.84 -8.10
C LYS A 31 -6.83 8.57 -8.85
N HIS A 32 -7.22 7.54 -8.08
CA HIS A 32 -7.64 6.28 -8.67
C HIS A 32 -8.87 6.46 -9.55
N VAL A 33 -9.04 5.56 -10.52
CA VAL A 33 -10.17 5.62 -11.43
C VAL A 33 -11.45 5.14 -10.75
N LEU A 34 -11.37 3.99 -10.09
CA LEU A 34 -12.52 3.42 -9.39
C LEU A 34 -12.98 4.34 -8.27
N HIS A 35 -12.06 5.18 -7.79
CA HIS A 35 -12.38 6.12 -6.71
C HIS A 35 -12.13 7.56 -7.15
N GLU A 36 -12.22 7.80 -8.44
CA GLU A 36 -11.99 9.13 -8.99
C GLU A 36 -12.58 10.20 -8.07
N GLU A 37 -13.73 9.89 -7.48
CA GLU A 37 -14.39 10.83 -6.58
C GLU A 37 -13.38 11.62 -5.77
N HIS A 38 -12.42 10.91 -5.18
CA HIS A 38 -11.38 11.56 -4.37
C HIS A 38 -10.02 10.92 -4.63
N GLU A 39 -8.98 11.47 -4.02
CA GLU A 39 -7.63 10.96 -4.18
C GLU A 39 -7.19 10.20 -2.93
N LEU A 40 -6.76 8.95 -3.12
CA LEU A 40 -6.32 8.12 -2.01
C LEU A 40 -5.07 8.72 -1.36
N GLU A 41 -4.72 8.18 -0.19
CA GLU A 41 -3.55 8.66 0.54
C GLU A 41 -2.68 7.49 1.00
N LEU A 42 -1.57 7.26 0.30
CA LEU A 42 -0.66 6.18 0.64
C LEU A 42 -0.58 5.98 2.15
N THR A 43 -1.28 4.96 2.64
CA THR A 43 -1.29 4.66 4.07
C THR A 43 -0.52 3.38 4.36
N ARG A 44 0.18 3.37 5.50
CA ARG A 44 0.96 2.20 5.90
C ARG A 44 0.07 1.12 6.48
N VAL A 45 0.15 -0.07 5.89
CA VAL A 45 -0.66 -1.21 6.36
C VAL A 45 0.13 -2.51 6.26
N GLN A 46 0.04 -3.33 7.30
CA GLN A 46 0.74 -4.61 7.32
C GLN A 46 0.23 -5.53 6.22
N VAL A 47 -1.09 -5.71 6.17
CA VAL A 47 -1.71 -6.57 5.16
C VAL A 47 -3.14 -6.13 4.87
N TYR A 48 -3.57 -6.30 3.63
CA TYR A 48 -4.91 -5.92 3.22
C TYR A 48 -5.32 -6.65 1.95
N THR A 49 -6.50 -6.32 1.43
CA THR A 49 -7.01 -6.95 0.21
C THR A 49 -7.44 -5.90 -0.81
N CYS A 50 -6.62 -5.74 -1.86
CA CYS A 50 -6.92 -4.78 -2.90
C CYS A 50 -8.26 -5.08 -3.57
N ASP A 51 -9.08 -4.04 -3.71
CA ASP A 51 -10.40 -4.18 -4.32
C ASP A 51 -10.36 -3.80 -5.80
N LYS A 52 -9.19 -3.99 -6.42
CA LYS A 52 -9.02 -3.66 -7.83
C LYS A 52 -8.54 -4.88 -8.61
N CYS A 53 -7.40 -5.42 -8.20
CA CYS A 53 -6.82 -6.59 -8.86
C CYS A 53 -7.04 -7.85 -8.04
N GLU A 54 -7.66 -7.68 -6.87
CA GLU A 54 -7.94 -8.80 -5.98
C GLU A 54 -6.64 -9.41 -5.45
N GLU A 55 -5.79 -8.54 -4.89
CA GLU A 55 -4.51 -8.99 -4.34
C GLU A 55 -4.34 -8.51 -2.91
N GLU A 56 -3.15 -8.73 -2.35
CA GLU A 56 -2.85 -8.32 -0.98
C GLU A 56 -1.52 -7.59 -0.91
N GLY A 57 -1.57 -6.31 -0.54
CA GLY A 57 -0.35 -5.52 -0.44
C GLY A 57 0.30 -5.64 0.91
N THR A 58 1.43 -4.95 1.09
CA THR A 58 2.15 -4.98 2.35
C THR A 58 3.00 -3.73 2.53
N ILE A 59 3.13 -3.27 3.77
CA ILE A 59 3.91 -2.09 4.07
C ILE A 59 3.55 -0.93 3.14
N TRP A 60 2.34 -0.98 2.61
CA TRP A 60 1.87 0.07 1.70
C TRP A 60 0.43 -0.19 1.26
N SER A 61 -0.38 0.86 1.20
CA SER A 61 -1.77 0.73 0.80
C SER A 61 -2.44 2.10 0.74
N TYR A 62 -2.89 2.49 -0.45
CA TYR A 62 -3.54 3.77 -0.64
C TYR A 62 -4.92 3.79 0.02
N HIS A 63 -4.98 4.38 1.21
CA HIS A 63 -6.23 4.46 1.95
C HIS A 63 -6.80 5.87 1.89
N CYS A 64 -8.13 5.97 1.98
CA CYS A 64 -8.80 7.27 1.92
C CYS A 64 -9.59 7.52 3.21
N ASP A 65 -9.27 8.63 3.88
CA ASP A 65 -9.95 8.98 5.12
C ASP A 65 -11.34 9.54 4.84
N GLU A 66 -11.95 9.08 3.75
CA GLU A 66 -13.28 9.54 3.38
C GLU A 66 -14.17 8.37 2.98
N CYS A 67 -13.57 7.37 2.33
CA CYS A 67 -14.31 6.19 1.88
C CYS A 67 -13.53 4.92 2.21
N ASP A 68 -12.59 5.02 3.14
CA ASP A 68 -11.78 3.88 3.54
C ASP A 68 -11.49 2.98 2.35
N PHE A 69 -10.96 3.57 1.27
CA PHE A 69 -10.63 2.82 0.07
C PHE A 69 -9.15 2.46 0.03
N ASP A 70 -8.86 1.16 0.08
CA ASP A 70 -7.49 0.69 0.06
C ASP A 70 -7.12 0.16 -1.32
N LEU A 71 -5.88 0.40 -1.73
CA LEU A 71 -5.40 -0.06 -3.04
C LEU A 71 -3.91 -0.35 -2.99
N HIS A 72 -3.37 -0.81 -4.12
CA HIS A 72 -1.95 -1.13 -4.22
C HIS A 72 -1.15 0.07 -4.71
N ALA A 73 0.04 0.26 -4.17
CA ALA A 73 0.90 1.37 -4.56
C ALA A 73 1.06 1.42 -6.08
N LYS A 74 1.18 0.27 -6.70
CA LYS A 74 1.34 0.18 -8.14
C LYS A 74 0.00 0.35 -8.85
N CYS A 75 -1.05 -0.24 -8.28
CA CYS A 75 -2.38 -0.15 -8.86
C CYS A 75 -2.82 1.30 -9.00
N ALA A 76 -2.67 2.07 -7.93
CA ALA A 76 -3.02 3.49 -7.94
C ALA A 76 -2.11 4.29 -8.85
N LEU A 77 -0.81 3.99 -8.77
CA LEU A 77 0.18 4.69 -9.60
C LEU A 77 -0.12 4.50 -11.08
N ASN A 78 -0.41 3.27 -11.47
CA ASN A 78 -0.71 2.95 -12.86
C ASN A 78 -2.21 3.10 -13.14
N GLU A 79 -2.55 3.20 -14.43
CA GLU A 79 -3.95 3.34 -14.82
C GLU A 79 -4.47 2.06 -15.48
N ASP A 80 -3.69 1.54 -16.43
CA ASP A 80 -4.06 0.33 -17.14
C ASP A 80 -4.85 -0.61 -16.22
N THR A 81 -6.14 -0.78 -16.51
CA THR A 81 -7.00 -1.65 -15.71
C THR A 81 -7.58 -2.77 -16.56
N LYS A 82 -7.47 -4.00 -16.07
CA LYS A 82 -7.98 -5.17 -16.78
C LYS A 82 -8.85 -6.02 -15.85
N GLU A 83 -10.11 -5.61 -15.70
CA GLU A 83 -11.04 -6.34 -14.85
C GLU A 83 -11.07 -7.83 -15.21
N SER A 84 -11.18 -8.69 -14.20
CA SER A 84 -11.22 -10.12 -14.43
C SER A 84 -12.12 -10.81 -13.40
N GLY A 85 -12.77 -11.88 -13.83
CA GLY A 85 -13.66 -12.61 -12.94
C GLY A 85 -13.74 -14.08 -13.27
N PRO A 86 -13.15 -14.92 -12.41
CA PRO A 86 -13.14 -16.37 -12.59
C PRO A 86 -14.52 -17.00 -12.41
N SER A 87 -15.16 -16.67 -11.29
CA SER A 87 -16.49 -17.20 -10.98
C SER A 87 -17.29 -16.21 -10.15
N SER A 88 -18.60 -16.18 -10.36
CA SER A 88 -19.48 -15.29 -9.62
C SER A 88 -19.82 -15.85 -8.25
N GLY A 89 -20.40 -17.04 -8.24
CA GLY A 89 -20.76 -17.68 -6.99
C GLY A 89 -22.18 -18.22 -7.00
N GLY A 1 24.65 -13.96 12.04
CA GLY A 1 24.07 -14.49 13.25
C GLY A 1 22.71 -13.88 13.57
N SER A 2 21.70 -14.74 13.71
CA SER A 2 20.35 -14.28 14.00
C SER A 2 19.72 -15.11 15.11
N SER A 3 18.70 -14.57 15.75
CA SER A 3 18.01 -15.26 16.84
C SER A 3 16.96 -16.23 16.28
N GLY A 4 16.67 -17.27 17.05
CA GLY A 4 15.68 -18.25 16.62
C GLY A 4 14.31 -17.97 17.19
N SER A 5 13.57 -17.08 16.54
CA SER A 5 12.23 -16.73 16.98
C SER A 5 11.50 -15.90 15.93
N SER A 6 10.18 -16.07 15.86
CA SER A 6 9.37 -15.34 14.89
C SER A 6 9.65 -13.84 14.97
N GLY A 7 9.77 -13.21 13.81
CA GLY A 7 10.04 -11.78 13.76
C GLY A 7 9.13 -11.00 14.70
N THR A 8 9.66 -9.93 15.27
CA THR A 8 8.90 -9.09 16.19
C THR A 8 9.20 -7.61 15.98
N GLU A 9 8.17 -6.78 16.06
CA GLU A 9 8.32 -5.34 15.88
C GLU A 9 8.89 -4.69 17.14
N GLU A 10 9.93 -3.88 16.96
CA GLU A 10 10.56 -3.20 18.08
C GLU A 10 11.47 -2.08 17.60
N ARG A 11 11.24 -0.86 18.08
CA ARG A 11 12.03 0.29 17.69
C ARG A 11 12.26 0.31 16.19
N LEU A 12 11.16 0.26 15.43
CA LEU A 12 11.24 0.27 13.98
C LEU A 12 11.46 1.68 13.45
N LYS A 13 12.36 2.42 14.10
CA LYS A 13 12.66 3.79 13.70
C LYS A 13 13.41 3.81 12.38
N GLU A 14 14.37 2.92 12.23
CA GLU A 14 15.16 2.85 11.00
C GLU A 14 14.43 2.02 9.93
N ILE A 15 13.84 0.91 10.35
CA ILE A 15 13.10 0.05 9.44
C ILE A 15 12.17 0.85 8.54
N GLU A 16 11.26 1.60 9.17
CA GLU A 16 10.31 2.42 8.42
C GLU A 16 11.00 3.16 7.29
N ALA A 17 12.15 3.76 7.59
CA ALA A 17 12.92 4.50 6.59
C ALA A 17 13.17 3.65 5.35
N LYS A 18 13.48 2.37 5.55
CA LYS A 18 13.74 1.45 4.46
C LYS A 18 12.58 1.44 3.47
N TYR A 19 11.36 1.39 4.00
CA TYR A 19 10.17 1.38 3.16
C TYR A 19 10.07 2.64 2.32
N ASP A 20 10.30 3.79 2.96
CA ASP A 20 10.25 5.08 2.27
C ASP A 20 11.05 5.03 0.97
N GLU A 21 12.19 4.34 1.01
CA GLU A 21 13.05 4.22 -0.17
C GLU A 21 12.28 3.62 -1.34
N ILE A 22 11.32 2.76 -1.03
CA ILE A 22 10.51 2.11 -2.06
C ILE A 22 9.45 3.05 -2.61
N ALA A 23 8.99 3.97 -1.75
CA ALA A 23 7.97 4.94 -2.15
C ALA A 23 8.57 6.34 -2.26
N LYS A 24 9.82 6.41 -2.69
CA LYS A 24 10.50 7.69 -2.84
C LYS A 24 9.78 8.58 -3.84
N ASP A 25 9.40 8.00 -4.98
CA ASP A 25 8.69 8.75 -6.02
C ASP A 25 7.18 8.68 -5.79
N TRP A 26 6.72 7.59 -5.19
CA TRP A 26 5.30 7.40 -4.92
C TRP A 26 4.71 8.64 -4.26
N PRO A 27 3.65 9.20 -4.89
CA PRO A 27 2.97 10.39 -4.39
C PRO A 27 2.19 10.11 -3.10
N LYS A 28 1.80 11.17 -2.41
CA LYS A 28 1.04 11.04 -1.17
C LYS A 28 -0.45 10.93 -1.45
N LYS A 29 -0.91 11.64 -2.48
CA LYS A 29 -2.32 11.62 -2.85
C LYS A 29 -2.48 11.19 -4.30
N VAL A 30 -3.19 10.08 -4.51
CA VAL A 30 -3.42 9.57 -5.86
C VAL A 30 -4.91 9.42 -6.14
N LYS A 31 -5.30 9.68 -7.39
CA LYS A 31 -6.70 9.58 -7.79
C LYS A 31 -6.94 8.32 -8.62
N HIS A 32 -7.53 7.31 -8.00
CA HIS A 32 -7.81 6.05 -8.67
C HIS A 32 -9.08 6.17 -9.52
N VAL A 33 -9.21 5.29 -10.50
CA VAL A 33 -10.37 5.28 -11.38
C VAL A 33 -11.63 4.84 -10.64
N LEU A 34 -11.52 3.72 -9.92
CA LEU A 34 -12.65 3.19 -9.17
C LEU A 34 -13.06 4.15 -8.06
N HIS A 35 -12.12 5.00 -7.64
CA HIS A 35 -12.38 5.96 -6.59
C HIS A 35 -12.09 7.39 -7.06
N GLU A 36 -12.12 7.58 -8.37
CA GLU A 36 -11.85 8.89 -8.96
C GLU A 36 -12.47 9.99 -8.12
N GLU A 37 -13.61 9.70 -7.50
CA GLU A 37 -14.30 10.68 -6.66
C GLU A 37 -13.30 11.49 -5.84
N HIS A 38 -12.41 10.79 -5.14
CA HIS A 38 -11.41 11.45 -4.32
C HIS A 38 -10.03 10.83 -4.54
N GLU A 39 -9.00 11.45 -3.97
CA GLU A 39 -7.64 10.95 -4.10
C GLU A 39 -7.21 10.21 -2.84
N LEU A 40 -6.79 8.97 -3.01
CA LEU A 40 -6.34 8.15 -1.88
C LEU A 40 -5.15 8.78 -1.19
N GLU A 41 -4.78 8.24 -0.02
CA GLU A 41 -3.64 8.76 0.74
C GLU A 41 -2.75 7.62 1.20
N LEU A 42 -1.69 7.35 0.44
CA LEU A 42 -0.75 6.29 0.77
C LEU A 42 -0.62 6.13 2.28
N THR A 43 -1.29 5.12 2.82
CA THR A 43 -1.25 4.86 4.26
C THR A 43 -0.54 3.55 4.56
N ARG A 44 0.27 3.54 5.61
CA ARG A 44 1.01 2.34 6.00
C ARG A 44 0.07 1.30 6.59
N VAL A 45 0.13 0.08 6.05
CA VAL A 45 -0.71 -1.01 6.52
C VAL A 45 0.04 -2.34 6.48
N GLN A 46 -0.22 -3.18 7.49
CA GLN A 46 0.43 -4.48 7.57
C GLN A 46 -0.07 -5.41 6.47
N VAL A 47 -1.39 -5.50 6.33
CA VAL A 47 -1.99 -6.35 5.32
C VAL A 47 -3.39 -5.87 4.95
N TYR A 48 -3.77 -6.04 3.69
CA TYR A 48 -5.08 -5.63 3.22
C TYR A 48 -5.47 -6.39 1.96
N THR A 49 -6.61 -6.01 1.38
CA THR A 49 -7.10 -6.67 0.17
C THR A 49 -7.47 -5.63 -0.89
N CYS A 50 -6.73 -5.65 -2.00
CA CYS A 50 -6.97 -4.72 -3.10
C CYS A 50 -8.24 -5.10 -3.86
N ASP A 51 -9.12 -4.12 -4.05
CA ASP A 51 -10.38 -4.35 -4.77
C ASP A 51 -10.20 -4.09 -6.26
N LYS A 52 -8.98 -4.21 -6.75
CA LYS A 52 -8.68 -3.99 -8.15
C LYS A 52 -8.12 -5.25 -8.81
N CYS A 53 -6.94 -5.65 -8.39
CA CYS A 53 -6.30 -6.85 -8.93
C CYS A 53 -6.57 -8.06 -8.04
N GLU A 54 -7.40 -7.87 -7.02
CA GLU A 54 -7.73 -8.94 -6.09
C GLU A 54 -6.48 -9.51 -5.44
N GLU A 55 -5.55 -8.62 -5.08
CA GLU A 55 -4.31 -9.04 -4.44
C GLU A 55 -4.16 -8.37 -3.07
N GLU A 56 -3.18 -8.85 -2.30
CA GLU A 56 -2.94 -8.30 -0.97
C GLU A 56 -1.58 -7.60 -0.92
N GLY A 57 -1.58 -6.34 -0.48
CA GLY A 57 -0.36 -5.57 -0.39
C GLY A 57 0.27 -5.65 0.98
N THR A 58 1.38 -4.95 1.17
CA THR A 58 2.08 -4.94 2.44
C THR A 58 3.01 -3.73 2.55
N ILE A 59 3.05 -3.13 3.74
CA ILE A 59 3.91 -1.98 3.97
C ILE A 59 3.57 -0.85 3.01
N TRP A 60 2.33 -0.84 2.52
CA TRP A 60 1.88 0.19 1.59
C TRP A 60 0.45 -0.07 1.14
N SER A 61 -0.38 0.97 1.19
CA SER A 61 -1.77 0.86 0.78
C SER A 61 -2.44 2.23 0.74
N TYR A 62 -2.88 2.63 -0.44
CA TYR A 62 -3.53 3.91 -0.63
C TYR A 62 -4.94 3.90 -0.03
N HIS A 63 -5.06 4.44 1.18
CA HIS A 63 -6.36 4.49 1.86
C HIS A 63 -6.93 5.91 1.83
N CYS A 64 -8.26 6.00 1.87
CA CYS A 64 -8.93 7.29 1.85
C CYS A 64 -9.57 7.59 3.20
N ASP A 65 -9.28 8.77 3.74
CA ASP A 65 -9.83 9.19 5.03
C ASP A 65 -11.25 9.73 4.87
N GLU A 66 -11.96 9.22 3.87
CA GLU A 66 -13.33 9.65 3.60
C GLU A 66 -14.23 8.45 3.35
N CYS A 67 -13.84 7.60 2.41
CA CYS A 67 -14.62 6.42 2.06
C CYS A 67 -13.94 5.16 2.57
N ASP A 68 -12.65 5.27 2.87
CA ASP A 68 -11.87 4.12 3.36
C ASP A 68 -11.57 3.15 2.24
N PHE A 69 -11.14 3.68 1.10
CA PHE A 69 -10.81 2.85 -0.06
C PHE A 69 -9.32 2.53 -0.10
N ASP A 70 -9.00 1.25 -0.09
CA ASP A 70 -7.60 0.81 -0.12
C ASP A 70 -7.22 0.33 -1.51
N LEU A 71 -5.93 0.41 -1.84
CA LEU A 71 -5.43 -0.02 -3.14
C LEU A 71 -3.94 -0.31 -3.08
N HIS A 72 -3.38 -0.74 -4.21
CA HIS A 72 -1.96 -1.05 -4.29
C HIS A 72 -1.17 0.14 -4.81
N ALA A 73 0.11 0.19 -4.47
CA ALA A 73 0.98 1.29 -4.90
C ALA A 73 1.04 1.36 -6.42
N LYS A 74 1.21 0.21 -7.06
CA LYS A 74 1.29 0.15 -8.52
C LYS A 74 -0.08 0.36 -9.14
N CYS A 75 -1.11 -0.16 -8.50
CA CYS A 75 -2.48 -0.03 -8.99
C CYS A 75 -2.91 1.42 -9.01
N ALA A 76 -2.59 2.15 -7.95
CA ALA A 76 -2.94 3.56 -7.85
C ALA A 76 -2.09 4.40 -8.79
N LEU A 77 -0.80 4.09 -8.86
CA LEU A 77 0.11 4.82 -9.73
C LEU A 77 -0.22 4.60 -11.21
N ASN A 78 -0.24 3.34 -11.61
CA ASN A 78 -0.55 2.98 -12.99
C ASN A 78 -2.01 2.54 -13.13
N GLU A 79 -2.60 2.80 -14.29
CA GLU A 79 -3.98 2.43 -14.54
C GLU A 79 -4.06 1.20 -15.45
N ASP A 80 -4.73 0.15 -14.97
CA ASP A 80 -4.88 -1.08 -15.74
C ASP A 80 -6.34 -1.49 -15.81
N THR A 81 -7.07 -0.96 -16.80
CA THR A 81 -8.48 -1.27 -16.98
C THR A 81 -8.69 -2.78 -17.10
N LYS A 82 -9.14 -3.40 -16.01
CA LYS A 82 -9.38 -4.84 -16.00
C LYS A 82 -10.75 -5.16 -15.40
N GLU A 83 -11.75 -4.36 -15.79
CA GLU A 83 -13.11 -4.55 -15.29
C GLU A 83 -13.51 -6.03 -15.36
N SER A 84 -14.50 -6.40 -14.56
CA SER A 84 -14.99 -7.78 -14.53
C SER A 84 -16.29 -7.88 -13.75
N GLY A 85 -16.87 -9.08 -13.74
CA GLY A 85 -18.12 -9.29 -13.03
C GLY A 85 -17.93 -9.26 -11.52
N PRO A 86 -18.75 -8.44 -10.84
CA PRO A 86 -18.70 -8.30 -9.39
C PRO A 86 -19.18 -9.56 -8.66
N SER A 87 -19.55 -10.57 -9.43
CA SER A 87 -20.03 -11.82 -8.86
C SER A 87 -19.01 -12.94 -9.07
N SER A 88 -18.03 -13.00 -8.17
CA SER A 88 -16.99 -14.03 -8.26
C SER A 88 -16.90 -14.82 -6.95
N GLY A 89 -16.74 -14.09 -5.84
CA GLY A 89 -16.63 -14.74 -4.55
C GLY A 89 -15.44 -14.25 -3.75
N GLY A 1 14.95 -26.43 29.72
CA GLY A 1 15.84 -25.32 29.47
C GLY A 1 15.12 -24.09 28.97
N SER A 2 15.88 -23.11 28.47
CA SER A 2 15.29 -21.87 27.97
C SER A 2 16.33 -21.08 27.19
N SER A 3 15.85 -20.29 26.22
CA SER A 3 16.74 -19.47 25.40
C SER A 3 15.97 -18.31 24.77
N GLY A 4 16.39 -17.09 25.10
CA GLY A 4 15.73 -15.91 24.57
C GLY A 4 16.55 -15.22 23.50
N SER A 5 17.29 -14.18 23.89
CA SER A 5 18.12 -13.43 22.95
C SER A 5 17.25 -12.70 21.93
N SER A 6 16.18 -12.09 22.41
CA SER A 6 15.27 -11.36 21.54
C SER A 6 14.94 -9.99 22.13
N GLY A 7 15.57 -8.94 21.59
CA GLY A 7 15.33 -7.60 22.08
C GLY A 7 13.92 -7.12 21.78
N THR A 8 13.76 -5.81 21.70
CA THR A 8 12.45 -5.22 21.42
C THR A 8 12.42 -4.54 20.05
N GLU A 9 11.41 -4.87 19.26
CA GLU A 9 11.27 -4.28 17.93
C GLU A 9 10.04 -3.39 17.85
N GLU A 10 9.41 -3.15 18.99
CA GLU A 10 8.21 -2.32 19.06
C GLU A 10 8.37 -1.10 18.15
N ARG A 11 9.51 -0.41 18.27
CA ARG A 11 9.78 0.77 17.47
C ARG A 11 10.90 0.51 16.47
N LEU A 12 10.59 0.63 15.19
CA LEU A 12 11.59 0.41 14.14
C LEU A 12 11.97 1.72 13.46
N LYS A 13 13.22 2.13 13.61
CA LYS A 13 13.71 3.36 13.02
C LYS A 13 14.18 3.11 11.59
N GLU A 14 15.21 2.29 11.44
CA GLU A 14 15.76 1.98 10.13
C GLU A 14 14.68 1.44 9.20
N ILE A 15 14.04 0.35 9.61
CA ILE A 15 12.97 -0.26 8.81
C ILE A 15 12.06 0.80 8.21
N GLU A 16 11.35 1.52 9.07
CA GLU A 16 10.45 2.58 8.63
C GLU A 16 11.09 3.43 7.53
N ALA A 17 12.28 3.94 7.82
CA ALA A 17 13.00 4.77 6.86
C ALA A 17 13.29 3.99 5.58
N LYS A 18 13.52 2.69 5.71
CA LYS A 18 13.81 1.85 4.57
C LYS A 18 12.65 1.84 3.58
N TYR A 19 11.43 1.78 4.12
CA TYR A 19 10.23 1.76 3.29
C TYR A 19 10.15 3.02 2.43
N ASP A 20 10.42 4.16 3.04
CA ASP A 20 10.39 5.44 2.33
C ASP A 20 11.06 5.32 0.98
N GLU A 21 12.21 4.66 0.94
CA GLU A 21 12.95 4.48 -0.30
C GLU A 21 12.08 3.82 -1.37
N ILE A 22 11.24 2.89 -0.95
CA ILE A 22 10.37 2.18 -1.87
C ILE A 22 9.25 3.09 -2.35
N ALA A 23 8.82 4.01 -1.50
CA ALA A 23 7.76 4.95 -1.84
C ALA A 23 8.29 6.37 -1.96
N LYS A 24 9.58 6.49 -2.27
CA LYS A 24 10.21 7.79 -2.41
C LYS A 24 9.60 8.58 -3.58
N ASP A 25 9.22 7.86 -4.62
CA ASP A 25 8.62 8.48 -5.80
C ASP A 25 7.10 8.45 -5.72
N TRP A 26 6.58 7.41 -5.06
CA TRP A 26 5.13 7.25 -4.92
C TRP A 26 4.50 8.51 -4.32
N PRO A 27 3.48 9.05 -5.02
CA PRO A 27 2.78 10.25 -4.57
C PRO A 27 1.93 10.00 -3.33
N LYS A 28 1.81 11.03 -2.49
CA LYS A 28 1.02 10.93 -1.27
C LYS A 28 -0.47 10.83 -1.58
N LYS A 29 -0.90 11.54 -2.61
CA LYS A 29 -2.30 11.53 -3.02
C LYS A 29 -2.43 11.11 -4.48
N VAL A 30 -3.15 10.02 -4.72
CA VAL A 30 -3.37 9.52 -6.07
C VAL A 30 -4.84 9.57 -6.46
N LYS A 31 -5.10 9.77 -7.74
CA LYS A 31 -6.47 9.84 -8.25
C LYS A 31 -6.86 8.54 -8.96
N HIS A 32 -7.24 7.54 -8.18
CA HIS A 32 -7.64 6.25 -8.74
C HIS A 32 -8.88 6.40 -9.63
N VAL A 33 -9.00 5.52 -10.62
CA VAL A 33 -10.14 5.56 -11.53
C VAL A 33 -11.41 5.06 -10.84
N LEU A 34 -11.30 3.90 -10.20
CA LEU A 34 -12.44 3.31 -9.50
C LEU A 34 -12.93 4.23 -8.39
N HIS A 35 -12.03 5.06 -7.86
CA HIS A 35 -12.37 5.98 -6.79
C HIS A 35 -12.14 7.42 -7.23
N GLU A 36 -12.24 7.67 -8.53
CA GLU A 36 -12.04 9.01 -9.08
C GLU A 36 -12.63 10.06 -8.15
N GLU A 37 -13.77 9.76 -7.57
CA GLU A 37 -14.44 10.68 -6.66
C GLU A 37 -13.41 11.48 -5.85
N HIS A 38 -12.48 10.77 -5.23
CA HIS A 38 -11.45 11.41 -4.42
C HIS A 38 -10.08 10.76 -4.67
N GLU A 39 -9.04 11.34 -4.08
CA GLU A 39 -7.69 10.81 -4.24
C GLU A 39 -7.22 10.13 -2.95
N LEU A 40 -6.97 8.83 -3.04
CA LEU A 40 -6.51 8.06 -1.89
C LEU A 40 -5.23 8.66 -1.31
N GLU A 41 -4.86 8.20 -0.11
CA GLU A 41 -3.66 8.69 0.55
C GLU A 41 -2.79 7.53 1.03
N LEU A 42 -1.66 7.32 0.37
CA LEU A 42 -0.75 6.24 0.74
C LEU A 42 -0.70 6.06 2.25
N THR A 43 -1.37 5.03 2.75
CA THR A 43 -1.39 4.75 4.18
C THR A 43 -0.63 3.47 4.49
N ARG A 44 0.07 3.47 5.63
CA ARG A 44 0.84 2.31 6.06
C ARG A 44 -0.08 1.23 6.63
N VAL A 45 0.02 0.02 6.08
CA VAL A 45 -0.79 -1.10 6.53
C VAL A 45 -0.02 -2.41 6.43
N GLN A 46 -0.15 -3.25 7.46
CA GLN A 46 0.53 -4.54 7.49
C GLN A 46 -0.01 -5.46 6.39
N VAL A 47 -1.32 -5.62 6.35
CA VAL A 47 -1.96 -6.47 5.35
C VAL A 47 -3.37 -5.97 5.03
N TYR A 48 -3.79 -6.18 3.79
CA TYR A 48 -5.11 -5.77 3.35
C TYR A 48 -5.52 -6.49 2.07
N THR A 49 -6.67 -6.11 1.52
CA THR A 49 -7.18 -6.72 0.29
C THR A 49 -7.51 -5.67 -0.75
N CYS A 50 -6.69 -5.60 -1.80
CA CYS A 50 -6.90 -4.63 -2.87
C CYS A 50 -8.22 -4.90 -3.60
N ASP A 51 -8.91 -3.83 -3.98
CA ASP A 51 -10.18 -3.95 -4.69
C ASP A 51 -10.02 -3.58 -6.15
N LYS A 52 -8.84 -3.85 -6.71
CA LYS A 52 -8.57 -3.55 -8.11
C LYS A 52 -8.05 -4.78 -8.84
N CYS A 53 -6.98 -5.37 -8.33
CA CYS A 53 -6.40 -6.56 -8.93
C CYS A 53 -6.70 -7.80 -8.11
N GLU A 54 -7.36 -7.60 -6.97
CA GLU A 54 -7.72 -8.70 -6.09
C GLU A 54 -6.48 -9.31 -5.44
N GLU A 55 -5.57 -8.45 -4.99
CA GLU A 55 -4.34 -8.90 -4.35
C GLU A 55 -4.18 -8.27 -2.97
N GLU A 56 -3.24 -8.79 -2.19
CA GLU A 56 -2.99 -8.27 -0.85
C GLU A 56 -1.65 -7.55 -0.80
N GLY A 57 -1.68 -6.30 -0.30
CA GLY A 57 -0.46 -5.52 -0.20
C GLY A 57 0.17 -5.61 1.18
N THR A 58 1.27 -4.88 1.36
CA THR A 58 1.98 -4.88 2.63
C THR A 58 2.84 -3.64 2.78
N ILE A 59 2.93 -3.12 4.00
CA ILE A 59 3.72 -1.92 4.28
C ILE A 59 3.37 -0.81 3.31
N TRP A 60 2.16 -0.84 2.77
CA TRP A 60 1.71 0.17 1.84
C TRP A 60 0.28 -0.09 1.38
N SER A 61 -0.53 0.96 1.31
CA SER A 61 -1.92 0.84 0.89
C SER A 61 -2.60 2.20 0.84
N TYR A 62 -3.02 2.59 -0.35
CA TYR A 62 -3.68 3.88 -0.54
C TYR A 62 -5.07 3.88 0.11
N HIS A 63 -5.15 4.44 1.31
CA HIS A 63 -6.40 4.51 2.04
C HIS A 63 -7.00 5.91 1.97
N CYS A 64 -8.32 5.98 1.91
CA CYS A 64 -9.01 7.27 1.83
C CYS A 64 -9.82 7.53 3.10
N ASP A 65 -9.51 8.62 3.78
CA ASP A 65 -10.20 8.99 5.01
C ASP A 65 -11.59 9.55 4.71
N GLU A 66 -12.18 9.07 3.62
CA GLU A 66 -13.51 9.53 3.23
C GLU A 66 -14.39 8.35 2.82
N CYS A 67 -13.78 7.35 2.20
CA CYS A 67 -14.51 6.17 1.76
C CYS A 67 -13.75 4.90 2.12
N ASP A 68 -12.82 5.01 3.07
CA ASP A 68 -12.02 3.87 3.49
C ASP A 68 -11.68 2.96 2.31
N PHE A 69 -11.18 3.57 1.24
CA PHE A 69 -10.81 2.82 0.04
C PHE A 69 -9.32 2.50 0.03
N ASP A 70 -9.00 1.21 0.04
CA ASP A 70 -7.62 0.76 0.03
C ASP A 70 -7.21 0.27 -1.35
N LEU A 71 -5.93 0.45 -1.69
CA LEU A 71 -5.41 0.03 -2.98
C LEU A 71 -3.92 -0.30 -2.89
N HIS A 72 -3.34 -0.72 -4.01
CA HIS A 72 -1.93 -1.05 -4.06
C HIS A 72 -1.10 0.15 -4.53
N ALA A 73 0.18 0.15 -4.18
CA ALA A 73 1.08 1.22 -4.57
C ALA A 73 1.21 1.32 -6.09
N LYS A 74 1.34 0.17 -6.75
CA LYS A 74 1.47 0.13 -8.19
C LYS A 74 0.11 0.34 -8.87
N CYS A 75 -0.92 -0.29 -8.31
CA CYS A 75 -2.27 -0.18 -8.86
C CYS A 75 -2.68 1.29 -8.97
N ALA A 76 -2.49 2.03 -7.89
CA ALA A 76 -2.85 3.45 -7.87
C ALA A 76 -2.00 4.24 -8.86
N LEU A 77 -0.68 4.00 -8.84
CA LEU A 77 0.23 4.68 -9.72
C LEU A 77 -0.13 4.43 -11.19
N ASN A 78 -0.06 3.16 -11.59
CA ASN A 78 -0.39 2.78 -12.96
C ASN A 78 -1.35 1.59 -12.99
N GLU A 79 -2.13 1.49 -14.07
CA GLU A 79 -3.09 0.40 -14.21
C GLU A 79 -2.51 -0.72 -15.07
N ASP A 80 -2.11 -1.82 -14.43
CA ASP A 80 -1.55 -2.96 -15.14
C ASP A 80 -1.28 -4.11 -14.18
N THR A 81 -1.87 -5.27 -14.49
CA THR A 81 -1.69 -6.46 -13.65
C THR A 81 -1.16 -7.63 -14.47
N LYS A 82 0.13 -7.61 -14.76
CA LYS A 82 0.76 -8.68 -15.53
C LYS A 82 0.36 -10.04 -15.00
N GLU A 83 0.28 -11.02 -15.89
CA GLU A 83 -0.10 -12.39 -15.51
C GLU A 83 1.14 -13.27 -15.38
N SER A 84 2.03 -13.18 -16.36
CA SER A 84 3.24 -13.98 -16.37
C SER A 84 3.96 -13.88 -15.02
N GLY A 85 4.28 -12.65 -14.62
CA GLY A 85 4.96 -12.45 -13.35
C GLY A 85 6.38 -11.93 -13.53
N PRO A 86 7.30 -12.44 -12.70
CA PRO A 86 8.72 -12.05 -12.76
C PRO A 86 9.42 -12.56 -14.02
N SER A 87 10.47 -11.85 -14.43
CA SER A 87 11.22 -12.24 -15.62
C SER A 87 12.72 -12.03 -15.40
N SER A 88 13.51 -13.02 -15.80
CA SER A 88 14.96 -12.95 -15.65
C SER A 88 15.66 -13.31 -16.95
N GLY A 89 16.42 -12.36 -17.49
CA GLY A 89 17.14 -12.59 -18.73
C GLY A 89 17.20 -11.35 -19.61
N GLY A 1 22.83 -20.40 33.10
CA GLY A 1 22.99 -19.70 31.84
C GLY A 1 21.68 -19.18 31.28
N SER A 2 21.73 -18.62 30.08
CA SER A 2 20.53 -18.09 29.43
C SER A 2 20.46 -18.50 27.97
N SER A 3 19.29 -18.91 27.53
CA SER A 3 19.07 -19.34 26.15
C SER A 3 18.69 -18.16 25.27
N GLY A 4 19.10 -18.22 24.01
CA GLY A 4 18.79 -17.15 23.07
C GLY A 4 17.30 -16.96 22.89
N SER A 5 16.92 -15.93 22.13
CA SER A 5 15.53 -15.63 21.88
C SER A 5 15.27 -15.44 20.39
N SER A 6 13.99 -15.54 20.00
CA SER A 6 13.62 -15.38 18.60
C SER A 6 12.43 -14.43 18.47
N GLY A 7 12.16 -14.00 17.24
CA GLY A 7 11.06 -13.09 16.99
C GLY A 7 11.52 -11.77 16.40
N THR A 8 10.56 -10.98 15.91
CA THR A 8 10.87 -9.68 15.32
C THR A 8 11.12 -8.63 16.38
N GLU A 9 12.00 -7.68 16.08
CA GLU A 9 12.33 -6.62 17.02
C GLU A 9 11.15 -5.67 17.20
N GLU A 10 11.09 -5.02 18.35
CA GLU A 10 10.02 -4.08 18.65
C GLU A 10 10.24 -2.75 17.93
N ARG A 11 11.43 -2.18 18.11
CA ARG A 11 11.76 -0.91 17.47
C ARG A 11 12.09 -1.11 16.00
N LEU A 12 11.35 -0.44 15.13
CA LEU A 12 11.56 -0.54 13.69
C LEU A 12 11.95 0.82 13.11
N LYS A 13 12.80 1.55 13.83
CA LYS A 13 13.26 2.86 13.38
C LYS A 13 13.76 2.80 11.94
N GLU A 14 14.90 2.12 11.76
CA GLU A 14 15.49 1.98 10.43
C GLU A 14 14.49 1.39 9.44
N ILE A 15 14.00 0.20 9.74
CA ILE A 15 13.04 -0.47 8.88
C ILE A 15 12.04 0.52 8.30
N GLU A 16 11.26 1.16 9.17
CA GLU A 16 10.26 2.13 8.76
C GLU A 16 10.85 3.08 7.71
N ALA A 17 12.04 3.61 7.99
CA ALA A 17 12.70 4.54 7.08
C ALA A 17 13.02 3.86 5.75
N LYS A 18 13.47 2.61 5.82
CA LYS A 18 13.80 1.86 4.61
C LYS A 18 12.63 1.83 3.64
N TYR A 19 11.43 1.62 4.17
CA TYR A 19 10.23 1.57 3.35
C TYR A 19 10.08 2.86 2.53
N ASP A 20 10.20 4.00 3.21
CA ASP A 20 10.09 5.30 2.55
C ASP A 20 10.85 5.31 1.22
N GLU A 21 12.03 4.70 1.23
CA GLU A 21 12.86 4.65 0.03
C GLU A 21 12.10 3.99 -1.12
N ILE A 22 11.28 3.00 -0.80
CA ILE A 22 10.50 2.29 -1.81
C ILE A 22 9.43 3.20 -2.40
N ALA A 23 8.90 4.09 -1.59
CA ALA A 23 7.87 5.03 -2.03
C ALA A 23 8.45 6.42 -2.27
N LYS A 24 9.69 6.47 -2.74
CA LYS A 24 10.35 7.74 -3.00
C LYS A 24 9.64 8.52 -4.09
N ASP A 25 9.30 7.83 -5.17
CA ASP A 25 8.60 8.46 -6.29
C ASP A 25 7.09 8.43 -6.07
N TRP A 26 6.62 7.42 -5.36
CA TRP A 26 5.19 7.29 -5.08
C TRP A 26 4.63 8.56 -4.46
N PRO A 27 3.58 9.11 -5.09
CA PRO A 27 2.93 10.33 -4.62
C PRO A 27 2.17 10.12 -3.31
N LYS A 28 1.82 11.21 -2.64
CA LYS A 28 1.09 11.14 -1.39
C LYS A 28 -0.41 11.00 -1.64
N LYS A 29 -0.89 11.65 -2.69
CA LYS A 29 -2.30 11.59 -3.04
C LYS A 29 -2.48 11.16 -4.50
N VAL A 30 -3.15 10.02 -4.68
CA VAL A 30 -3.39 9.49 -6.03
C VAL A 30 -4.88 9.46 -6.33
N LYS A 31 -5.23 9.73 -7.59
CA LYS A 31 -6.62 9.73 -8.02
C LYS A 31 -6.95 8.46 -8.78
N HIS A 32 -7.33 7.42 -8.06
CA HIS A 32 -7.69 6.14 -8.68
C HIS A 32 -8.94 6.28 -9.53
N VAL A 33 -9.02 5.45 -10.58
CA VAL A 33 -10.18 5.48 -11.47
C VAL A 33 -11.42 4.94 -10.78
N LEU A 34 -11.29 3.78 -10.16
CA LEU A 34 -12.41 3.15 -9.47
C LEU A 34 -12.86 4.01 -8.29
N HIS A 35 -12.01 4.93 -7.85
CA HIS A 35 -12.33 5.82 -6.75
C HIS A 35 -12.03 7.26 -7.11
N GLU A 36 -12.04 7.56 -8.41
CA GLU A 36 -11.77 8.91 -8.88
C GLU A 36 -12.41 9.96 -7.97
N GLU A 37 -13.60 9.63 -7.46
CA GLU A 37 -14.32 10.54 -6.58
C GLU A 37 -13.35 11.35 -5.72
N HIS A 38 -12.36 10.66 -5.14
CA HIS A 38 -11.36 11.30 -4.30
C HIS A 38 -9.99 10.70 -4.53
N GLU A 39 -8.95 11.40 -4.07
CA GLU A 39 -7.58 10.93 -4.22
C GLU A 39 -7.09 10.24 -2.94
N LEU A 40 -6.83 8.95 -3.04
CA LEU A 40 -6.35 8.18 -1.89
C LEU A 40 -5.13 8.85 -1.26
N GLU A 41 -4.72 8.33 -0.11
CA GLU A 41 -3.56 8.88 0.60
C GLU A 41 -2.65 7.75 1.09
N LEU A 42 -1.62 7.47 0.31
CA LEU A 42 -0.67 6.41 0.65
C LEU A 42 -0.60 6.23 2.16
N THR A 43 -1.29 5.21 2.66
CA THR A 43 -1.30 4.92 4.09
C THR A 43 -0.53 3.64 4.40
N ARG A 44 0.22 3.66 5.50
CA ARG A 44 1.00 2.49 5.90
C ARG A 44 0.10 1.40 6.46
N VAL A 45 0.26 0.19 5.94
CA VAL A 45 -0.53 -0.96 6.39
C VAL A 45 0.26 -2.25 6.30
N GLN A 46 0.08 -3.11 7.29
CA GLN A 46 0.78 -4.39 7.32
C GLN A 46 0.25 -5.34 6.26
N VAL A 47 -1.08 -5.50 6.21
CA VAL A 47 -1.71 -6.37 5.23
C VAL A 47 -3.14 -5.91 4.93
N TYR A 48 -3.57 -6.14 3.70
CA TYR A 48 -4.91 -5.74 3.28
C TYR A 48 -5.32 -6.47 2.01
N THR A 49 -6.48 -6.11 1.47
CA THR A 49 -6.99 -6.73 0.25
C THR A 49 -7.36 -5.68 -0.79
N CYS A 50 -6.57 -5.58 -1.84
CA CYS A 50 -6.81 -4.62 -2.90
C CYS A 50 -8.14 -4.91 -3.61
N ASP A 51 -9.01 -3.91 -3.63
CA ASP A 51 -10.32 -4.06 -4.26
C ASP A 51 -10.23 -3.71 -5.75
N LYS A 52 -9.09 -3.99 -6.35
CA LYS A 52 -8.88 -3.72 -7.77
C LYS A 52 -8.41 -4.96 -8.51
N CYS A 53 -7.21 -5.44 -8.16
CA CYS A 53 -6.66 -6.63 -8.79
C CYS A 53 -6.89 -7.86 -7.92
N GLU A 54 -7.58 -7.67 -6.80
CA GLU A 54 -7.87 -8.77 -5.88
C GLU A 54 -6.57 -9.36 -5.32
N GLU A 55 -5.71 -8.49 -4.82
CA GLU A 55 -4.44 -8.92 -4.24
C GLU A 55 -4.28 -8.40 -2.82
N GLU A 56 -3.09 -8.60 -2.24
CA GLU A 56 -2.81 -8.15 -0.89
C GLU A 56 -1.48 -7.41 -0.83
N GLY A 57 -1.52 -6.15 -0.43
CA GLY A 57 -0.32 -5.35 -0.34
C GLY A 57 0.32 -5.43 1.03
N THR A 58 1.45 -4.74 1.19
CA THR A 58 2.18 -4.75 2.46
C THR A 58 3.02 -3.50 2.61
N ILE A 59 3.10 -2.97 3.83
CA ILE A 59 3.88 -1.78 4.11
C ILE A 59 3.52 -0.65 3.15
N TRP A 60 2.31 -0.70 2.62
CA TRP A 60 1.84 0.32 1.68
C TRP A 60 0.41 0.03 1.23
N SER A 61 -0.41 1.06 1.18
CA SER A 61 -1.80 0.93 0.76
C SER A 61 -2.48 2.29 0.67
N TYR A 62 -3.08 2.57 -0.49
CA TYR A 62 -3.77 3.83 -0.71
C TYR A 62 -5.15 3.82 -0.07
N HIS A 63 -5.24 4.40 1.14
CA HIS A 63 -6.51 4.46 1.85
C HIS A 63 -7.13 5.85 1.75
N CYS A 64 -8.45 5.92 1.87
CA CYS A 64 -9.16 7.19 1.80
C CYS A 64 -9.96 7.45 3.08
N ASP A 65 -9.62 8.54 3.75
CA ASP A 65 -10.31 8.90 4.99
C ASP A 65 -11.67 9.53 4.70
N GLU A 66 -12.31 9.06 3.63
CA GLU A 66 -13.62 9.57 3.24
C GLU A 66 -14.57 8.43 2.90
N CYS A 67 -14.03 7.39 2.26
CA CYS A 67 -14.83 6.24 1.87
C CYS A 67 -14.15 4.94 2.31
N ASP A 68 -12.95 5.06 2.84
CA ASP A 68 -12.20 3.90 3.30
C ASP A 68 -11.87 2.96 2.14
N PHE A 69 -11.23 3.50 1.11
CA PHE A 69 -10.87 2.72 -0.05
C PHE A 69 -9.38 2.42 -0.06
N ASP A 70 -9.03 1.13 -0.02
CA ASP A 70 -7.64 0.71 -0.02
C ASP A 70 -7.23 0.20 -1.39
N LEU A 71 -5.98 0.45 -1.76
CA LEU A 71 -5.45 0.03 -3.05
C LEU A 71 -3.96 -0.27 -2.96
N HIS A 72 -3.38 -0.70 -4.08
CA HIS A 72 -1.95 -1.02 -4.13
C HIS A 72 -1.14 0.19 -4.60
N ALA A 73 0.10 0.27 -4.13
CA ALA A 73 0.98 1.38 -4.50
C ALA A 73 1.15 1.46 -6.01
N LYS A 74 1.29 0.31 -6.66
CA LYS A 74 1.45 0.25 -8.10
C LYS A 74 0.13 0.43 -8.81
N CYS A 75 -0.92 -0.19 -8.27
CA CYS A 75 -2.25 -0.11 -8.85
C CYS A 75 -2.69 1.35 -8.99
N ALA A 76 -2.51 2.12 -7.91
CA ALA A 76 -2.89 3.53 -7.92
C ALA A 76 -2.01 4.33 -8.87
N LEU A 77 -0.71 4.03 -8.86
CA LEU A 77 0.24 4.73 -9.73
C LEU A 77 -0.08 4.48 -11.20
N ASN A 78 -0.06 3.21 -11.59
CA ASN A 78 -0.34 2.84 -12.97
C ASN A 78 -1.84 2.68 -13.20
N GLU A 79 -2.47 3.75 -13.66
CA GLU A 79 -3.91 3.74 -13.92
C GLU A 79 -4.22 3.05 -15.24
N ASP A 80 -4.49 1.75 -15.17
CA ASP A 80 -4.80 0.97 -16.36
C ASP A 80 -6.29 0.64 -16.42
N THR A 81 -6.86 0.76 -17.62
CA THR A 81 -8.28 0.47 -17.81
C THR A 81 -8.68 -0.82 -17.13
N LYS A 82 -9.99 -1.01 -16.96
CA LYS A 82 -10.50 -2.21 -16.32
C LYS A 82 -9.92 -3.47 -16.96
N GLU A 83 -9.86 -4.55 -16.18
CA GLU A 83 -9.31 -5.81 -16.67
C GLU A 83 -9.93 -6.99 -15.94
N SER A 84 -10.72 -7.78 -16.66
CA SER A 84 -11.38 -8.94 -16.07
C SER A 84 -10.36 -9.91 -15.48
N GLY A 85 -10.79 -10.70 -14.51
CA GLY A 85 -9.90 -11.66 -13.87
C GLY A 85 -10.32 -13.10 -14.12
N PRO A 86 -9.34 -13.98 -14.35
CA PRO A 86 -9.60 -15.40 -14.61
C PRO A 86 -10.08 -16.13 -13.36
N SER A 87 -11.02 -17.05 -13.55
CA SER A 87 -11.58 -17.82 -12.45
C SER A 87 -10.50 -18.18 -11.44
N SER A 88 -9.41 -18.77 -11.92
CA SER A 88 -8.31 -19.17 -11.07
C SER A 88 -7.11 -18.23 -11.24
N GLY A 89 -6.22 -18.22 -10.26
CA GLY A 89 -5.06 -17.37 -10.33
C GLY A 89 -5.37 -15.91 -10.01
N GLY A 1 30.36 -13.03 39.68
CA GLY A 1 29.72 -11.97 38.92
C GLY A 1 28.36 -12.36 38.39
N SER A 2 27.84 -11.58 37.46
CA SER A 2 26.53 -11.86 36.88
C SER A 2 26.41 -11.22 35.49
N SER A 3 25.28 -11.47 34.83
CA SER A 3 25.04 -10.93 33.50
C SER A 3 23.73 -10.15 33.46
N GLY A 4 23.69 -9.11 32.63
CA GLY A 4 22.50 -8.30 32.51
C GLY A 4 21.90 -8.36 31.13
N SER A 5 20.85 -7.58 30.91
CA SER A 5 20.16 -7.54 29.62
C SER A 5 19.71 -6.13 29.27
N SER A 6 19.37 -5.92 28.01
CA SER A 6 18.91 -4.61 27.55
C SER A 6 17.44 -4.65 27.14
N GLY A 7 17.13 -5.48 26.15
CA GLY A 7 15.76 -5.59 25.69
C GLY A 7 15.68 -5.97 24.21
N THR A 8 14.61 -5.56 23.55
CA THR A 8 14.41 -5.86 22.15
C THR A 8 13.70 -4.71 21.43
N GLU A 9 14.01 -4.54 20.15
CA GLU A 9 13.40 -3.48 19.35
C GLU A 9 11.90 -3.68 19.24
N GLU A 10 11.15 -2.61 19.50
CA GLU A 10 9.69 -2.66 19.43
C GLU A 10 9.15 -1.58 18.49
N ARG A 11 9.65 -0.36 18.66
CA ARG A 11 9.21 0.75 17.83
C ARG A 11 10.15 0.96 16.64
N LEU A 12 10.12 0.01 15.71
CA LEU A 12 10.96 0.08 14.53
C LEU A 12 11.07 1.51 14.00
N LYS A 13 12.21 2.15 14.25
CA LYS A 13 12.42 3.51 13.80
C LYS A 13 13.18 3.55 12.47
N GLU A 14 14.23 2.73 12.39
CA GLU A 14 15.04 2.66 11.17
C GLU A 14 14.29 1.94 10.07
N ILE A 15 13.71 0.80 10.40
CA ILE A 15 12.96 0.01 9.42
C ILE A 15 12.06 0.90 8.57
N GLU A 16 11.08 1.53 9.20
CA GLU A 16 10.15 2.41 8.51
C GLU A 16 10.87 3.17 7.39
N ALA A 17 11.92 3.90 7.75
CA ALA A 17 12.68 4.66 6.78
C ALA A 17 13.00 3.84 5.54
N LYS A 18 13.39 2.58 5.76
CA LYS A 18 13.72 1.69 4.66
C LYS A 18 12.59 1.65 3.64
N TYR A 19 11.36 1.53 4.13
CA TYR A 19 10.19 1.48 3.25
C TYR A 19 10.09 2.74 2.40
N ASP A 20 10.27 3.89 3.04
CA ASP A 20 10.21 5.17 2.34
C ASP A 20 11.06 5.14 1.07
N GLU A 21 12.18 4.43 1.12
CA GLU A 21 13.07 4.32 -0.02
C GLU A 21 12.34 3.73 -1.23
N ILE A 22 11.37 2.86 -0.96
CA ILE A 22 10.61 2.24 -2.03
C ILE A 22 9.53 3.17 -2.55
N ALA A 23 9.01 4.03 -1.67
CA ALA A 23 7.97 4.98 -2.06
C ALA A 23 8.56 6.37 -2.25
N LYS A 24 9.82 6.43 -2.66
CA LYS A 24 10.49 7.71 -2.88
C LYS A 24 9.79 8.51 -3.98
N ASP A 25 9.49 7.85 -5.09
CA ASP A 25 8.83 8.49 -6.21
C ASP A 25 7.31 8.47 -6.03
N TRP A 26 6.82 7.48 -5.29
CA TRP A 26 5.39 7.34 -5.04
C TRP A 26 4.83 8.59 -4.39
N PRO A 27 3.78 9.17 -5.01
CA PRO A 27 3.13 10.37 -4.50
C PRO A 27 2.36 10.13 -3.21
N LYS A 28 1.81 11.20 -2.64
CA LYS A 28 1.06 11.10 -1.40
C LYS A 28 -0.43 10.90 -1.68
N LYS A 29 -0.92 11.55 -2.74
CA LYS A 29 -2.32 11.45 -3.13
C LYS A 29 -2.45 10.93 -4.55
N VAL A 30 -3.27 9.89 -4.72
CA VAL A 30 -3.49 9.30 -6.04
C VAL A 30 -4.97 9.23 -6.37
N LYS A 31 -5.30 9.45 -7.64
CA LYS A 31 -6.69 9.42 -8.09
C LYS A 31 -6.96 8.16 -8.91
N HIS A 32 -7.64 7.19 -8.30
CA HIS A 32 -7.97 5.94 -8.96
C HIS A 32 -9.33 6.04 -9.67
N VAL A 33 -9.43 5.40 -10.83
CA VAL A 33 -10.67 5.42 -11.59
C VAL A 33 -11.85 5.01 -10.73
N LEU A 34 -11.72 3.90 -10.03
CA LEU A 34 -12.78 3.40 -9.16
C LEU A 34 -13.08 4.38 -8.04
N HIS A 35 -12.11 5.24 -7.73
CA HIS A 35 -12.27 6.24 -6.69
C HIS A 35 -12.08 7.65 -7.24
N GLU A 36 -12.33 7.80 -8.54
CA GLU A 36 -12.18 9.09 -9.20
C GLU A 36 -12.71 10.21 -8.31
N GLU A 37 -13.78 9.93 -7.58
CA GLU A 37 -14.39 10.91 -6.69
C GLU A 37 -13.32 11.72 -5.96
N HIS A 38 -12.37 11.02 -5.35
CA HIS A 38 -11.29 11.68 -4.62
C HIS A 38 -9.95 11.00 -4.91
N GLU A 39 -8.90 11.47 -4.23
CA GLU A 39 -7.58 10.90 -4.42
C GLU A 39 -7.10 10.19 -3.15
N LEU A 40 -6.92 8.88 -3.24
CA LEU A 40 -6.48 8.09 -2.11
C LEU A 40 -5.23 8.71 -1.46
N GLU A 41 -4.83 8.16 -0.32
CA GLU A 41 -3.66 8.66 0.39
C GLU A 41 -2.78 7.51 0.85
N LEU A 42 -1.66 7.30 0.15
CA LEU A 42 -0.73 6.23 0.49
C LEU A 42 -0.67 6.01 1.99
N THR A 43 -1.46 5.06 2.48
CA THR A 43 -1.50 4.74 3.90
C THR A 43 -0.71 3.47 4.20
N ARG A 44 0.03 3.50 5.30
CA ARG A 44 0.83 2.35 5.71
C ARG A 44 -0.05 1.24 6.28
N VAL A 45 0.14 0.02 5.79
CA VAL A 45 -0.63 -1.12 6.25
C VAL A 45 0.17 -2.41 6.14
N GLN A 46 0.06 -3.25 7.17
CA GLN A 46 0.79 -4.52 7.18
C GLN A 46 0.25 -5.48 6.12
N VAL A 47 -1.08 -5.63 6.09
CA VAL A 47 -1.72 -6.50 5.12
C VAL A 47 -3.14 -6.05 4.82
N TYR A 48 -3.56 -6.24 3.58
CA TYR A 48 -4.90 -5.85 3.16
C TYR A 48 -5.31 -6.57 1.88
N THR A 49 -6.48 -6.21 1.35
CA THR A 49 -6.98 -6.84 0.13
C THR A 49 -7.35 -5.78 -0.91
N CYS A 50 -6.52 -5.66 -1.94
CA CYS A 50 -6.74 -4.69 -3.00
C CYS A 50 -8.08 -4.95 -3.70
N ASP A 51 -8.88 -3.90 -3.84
CA ASP A 51 -10.18 -4.03 -4.49
C ASP A 51 -10.09 -3.67 -5.97
N LYS A 52 -8.92 -3.91 -6.56
CA LYS A 52 -8.70 -3.62 -7.97
C LYS A 52 -8.25 -4.87 -8.72
N CYS A 53 -7.10 -5.42 -8.33
CA CYS A 53 -6.56 -6.61 -8.97
C CYS A 53 -6.83 -7.84 -8.11
N GLU A 54 -7.49 -7.64 -6.97
CA GLU A 54 -7.80 -8.75 -6.06
C GLU A 54 -6.54 -9.36 -5.50
N GLU A 55 -5.67 -8.52 -4.95
CA GLU A 55 -4.42 -8.98 -4.37
C GLU A 55 -4.25 -8.46 -2.94
N GLU A 56 -3.09 -8.70 -2.36
CA GLU A 56 -2.80 -8.26 -1.00
C GLU A 56 -1.47 -7.53 -0.93
N GLY A 57 -1.52 -6.26 -0.55
CA GLY A 57 -0.30 -5.47 -0.43
C GLY A 57 0.36 -5.58 0.93
N THR A 58 1.45 -4.86 1.12
CA THR A 58 2.17 -4.88 2.39
C THR A 58 3.04 -3.63 2.55
N ILE A 59 3.06 -3.09 3.75
CA ILE A 59 3.86 -1.90 4.04
C ILE A 59 3.52 -0.77 3.08
N TRP A 60 2.31 -0.81 2.53
CA TRP A 60 1.86 0.22 1.60
C TRP A 60 0.44 -0.06 1.13
N SER A 61 -0.38 0.99 1.07
CA SER A 61 -1.77 0.88 0.65
C SER A 61 -2.45 2.23 0.61
N TYR A 62 -2.86 2.65 -0.59
CA TYR A 62 -3.54 3.93 -0.75
C TYR A 62 -4.95 3.88 -0.21
N HIS A 63 -5.14 4.38 1.02
CA HIS A 63 -6.44 4.39 1.64
C HIS A 63 -6.98 5.81 1.76
N CYS A 64 -8.30 5.94 1.89
CA CYS A 64 -8.94 7.25 2.00
C CYS A 64 -9.68 7.37 3.32
N ASP A 65 -9.21 8.28 4.17
CA ASP A 65 -9.83 8.51 5.47
C ASP A 65 -11.23 9.09 5.31
N GLU A 66 -11.69 9.20 4.07
CA GLU A 66 -13.00 9.75 3.78
C GLU A 66 -13.93 8.67 3.22
N CYS A 67 -13.34 7.66 2.58
CA CYS A 67 -14.10 6.57 2.00
C CYS A 67 -13.52 5.22 2.39
N ASP A 68 -12.72 5.22 3.45
CA ASP A 68 -12.09 4.00 3.94
C ASP A 68 -11.75 3.06 2.79
N PHE A 69 -11.00 3.58 1.83
CA PHE A 69 -10.60 2.79 0.66
C PHE A 69 -9.23 2.15 0.88
N ASP A 70 -8.83 1.28 -0.05
CA ASP A 70 -7.55 0.60 0.04
C ASP A 70 -7.12 0.07 -1.32
N LEU A 71 -5.96 0.52 -1.79
CA LEU A 71 -5.44 0.09 -3.08
C LEU A 71 -3.95 -0.25 -2.98
N HIS A 72 -3.38 -0.71 -4.09
CA HIS A 72 -1.96 -1.07 -4.13
C HIS A 72 -1.11 0.12 -4.55
N ALA A 73 0.12 0.16 -4.07
CA ALA A 73 1.04 1.24 -4.40
C ALA A 73 1.22 1.37 -5.91
N LYS A 74 1.22 0.24 -6.60
CA LYS A 74 1.38 0.21 -8.05
C LYS A 74 0.04 0.43 -8.74
N CYS A 75 -1.00 -0.25 -8.25
CA CYS A 75 -2.33 -0.12 -8.82
C CYS A 75 -2.80 1.33 -8.81
N ALA A 76 -2.72 1.96 -7.64
CA ALA A 76 -3.14 3.35 -7.50
C ALA A 76 -2.42 4.25 -8.51
N LEU A 77 -1.09 4.14 -8.54
CA LEU A 77 -0.29 4.94 -9.45
C LEU A 77 -0.44 4.45 -10.89
N ASN A 78 0.07 3.25 -11.15
CA ASN A 78 -0.01 2.66 -12.49
C ASN A 78 -1.45 2.56 -12.95
N GLU A 79 -1.84 3.46 -13.86
CA GLU A 79 -3.20 3.48 -14.38
C GLU A 79 -3.30 2.64 -15.65
N ASP A 80 -3.99 1.51 -15.55
CA ASP A 80 -4.16 0.60 -16.67
C ASP A 80 -5.31 -0.36 -16.43
N THR A 81 -6.40 -0.17 -17.18
CA THR A 81 -7.57 -1.03 -17.04
C THR A 81 -7.27 -2.45 -17.49
N LYS A 82 -6.08 -2.66 -18.06
CA LYS A 82 -5.67 -3.97 -18.53
C LYS A 82 -4.17 -4.01 -18.80
N GLU A 83 -3.57 -5.15 -18.53
CA GLU A 83 -2.13 -5.32 -18.74
C GLU A 83 -1.76 -6.80 -18.85
N SER A 84 -1.20 -7.19 -19.99
CA SER A 84 -0.80 -8.57 -20.22
C SER A 84 0.63 -8.81 -19.76
N GLY A 85 1.51 -7.85 -20.06
CA GLY A 85 2.90 -7.97 -19.66
C GLY A 85 3.35 -6.87 -18.73
N PRO A 86 3.62 -7.22 -17.47
CA PRO A 86 4.06 -6.26 -16.46
C PRO A 86 5.46 -5.75 -16.72
N SER A 87 5.96 -5.96 -17.93
CA SER A 87 7.30 -5.53 -18.31
C SER A 87 7.35 -4.01 -18.46
N SER A 88 6.50 -3.49 -19.35
CA SER A 88 6.45 -2.05 -19.61
C SER A 88 5.31 -1.41 -18.83
N GLY A 89 5.21 -0.08 -18.91
CA GLY A 89 4.16 0.63 -18.22
C GLY A 89 4.53 2.08 -17.94
N GLY A 1 32.16 -2.16 16.34
CA GLY A 1 30.75 -2.43 16.61
C GLY A 1 30.25 -3.66 15.86
N SER A 2 30.52 -4.84 16.39
CA SER A 2 30.10 -6.08 15.76
C SER A 2 28.60 -6.06 15.47
N SER A 3 27.80 -5.95 16.53
CA SER A 3 26.35 -5.93 16.40
C SER A 3 25.91 -4.80 15.47
N GLY A 4 24.69 -4.92 14.95
CA GLY A 4 24.18 -3.91 14.05
C GLY A 4 22.82 -4.26 13.50
N SER A 5 22.63 -5.54 13.16
CA SER A 5 21.37 -6.01 12.62
C SER A 5 20.56 -6.76 13.67
N SER A 6 19.82 -6.01 14.48
CA SER A 6 19.00 -6.60 15.53
C SER A 6 18.12 -5.54 16.19
N GLY A 7 16.81 -5.73 16.09
CA GLY A 7 15.87 -4.78 16.69
C GLY A 7 14.47 -5.35 16.81
N THR A 8 13.66 -4.72 17.65
CA THR A 8 12.29 -5.16 17.87
C THR A 8 11.31 -4.38 17.00
N GLU A 9 10.03 -4.74 17.07
CA GLU A 9 9.00 -4.09 16.29
C GLU A 9 8.61 -2.75 16.93
N GLU A 10 9.38 -2.32 17.92
CA GLU A 10 9.11 -1.07 18.62
C GLU A 10 9.96 0.06 18.05
N ARG A 11 9.33 0.94 17.28
CA ARG A 11 10.04 2.06 16.68
C ARG A 11 11.11 1.58 15.71
N LEU A 12 10.69 0.77 14.74
CA LEU A 12 11.61 0.24 13.74
C LEU A 12 12.17 1.36 12.85
N LYS A 13 13.09 2.14 13.41
CA LYS A 13 13.69 3.24 12.68
C LYS A 13 14.33 2.76 11.38
N GLU A 14 15.40 1.97 11.52
CA GLU A 14 16.10 1.44 10.36
C GLU A 14 15.11 0.85 9.35
N ILE A 15 14.33 -0.12 9.79
CA ILE A 15 13.35 -0.76 8.92
C ILE A 15 12.42 0.28 8.29
N GLU A 16 11.62 0.94 9.12
CA GLU A 16 10.69 1.95 8.65
C GLU A 16 11.33 2.82 7.57
N ALA A 17 12.57 3.25 7.82
CA ALA A 17 13.30 4.07 6.87
C ALA A 17 13.32 3.44 5.48
N LYS A 18 13.50 2.13 5.44
CA LYS A 18 13.53 1.40 4.18
C LYS A 18 12.27 1.66 3.37
N TYR A 19 11.12 1.49 4.00
CA TYR A 19 9.83 1.71 3.34
C TYR A 19 9.82 3.05 2.62
N ASP A 20 10.05 4.12 3.37
CA ASP A 20 10.06 5.46 2.81
C ASP A 20 10.91 5.52 1.54
N GLU A 21 11.99 4.73 1.53
CA GLU A 21 12.89 4.69 0.39
C GLU A 21 12.22 4.02 -0.81
N ILE A 22 11.31 3.10 -0.53
CA ILE A 22 10.59 2.39 -1.59
C ILE A 22 9.53 3.27 -2.22
N ALA A 23 8.92 4.14 -1.42
CA ALA A 23 7.89 5.05 -1.91
C ALA A 23 8.45 6.45 -2.12
N LYS A 24 9.72 6.52 -2.50
CA LYS A 24 10.38 7.80 -2.75
C LYS A 24 9.68 8.56 -3.86
N ASP A 25 9.34 7.84 -4.93
CA ASP A 25 8.66 8.45 -6.08
C ASP A 25 7.15 8.44 -5.88
N TRP A 26 6.67 7.47 -5.11
CA TRP A 26 5.23 7.33 -4.86
C TRP A 26 4.68 8.61 -4.22
N PRO A 27 3.64 9.18 -4.85
CA PRO A 27 3.01 10.40 -4.36
C PRO A 27 2.23 10.18 -3.08
N LYS A 28 1.65 11.25 -2.54
CA LYS A 28 0.87 11.17 -1.31
C LYS A 28 -0.62 11.01 -1.61
N LYS A 29 -1.06 11.60 -2.72
CA LYS A 29 -2.46 11.51 -3.12
C LYS A 29 -2.57 11.04 -4.58
N VAL A 30 -3.23 9.90 -4.77
CA VAL A 30 -3.42 9.35 -6.09
C VAL A 30 -4.89 9.40 -6.52
N LYS A 31 -5.12 9.49 -7.82
CA LYS A 31 -6.47 9.55 -8.36
C LYS A 31 -6.83 8.27 -9.08
N HIS A 32 -7.40 7.31 -8.34
CA HIS A 32 -7.78 6.03 -8.91
C HIS A 32 -9.03 6.18 -9.78
N VAL A 33 -9.20 5.26 -10.73
CA VAL A 33 -10.34 5.29 -11.63
C VAL A 33 -11.62 4.86 -10.91
N LEU A 34 -11.54 3.72 -10.23
CA LEU A 34 -12.70 3.20 -9.50
C LEU A 34 -13.10 4.14 -8.38
N HIS A 35 -12.15 4.93 -7.90
CA HIS A 35 -12.41 5.89 -6.82
C HIS A 35 -12.07 7.31 -7.27
N GLU A 36 -12.18 7.56 -8.57
CA GLU A 36 -11.87 8.88 -9.10
C GLU A 36 -12.55 9.98 -8.28
N GLU A 37 -13.75 9.69 -7.79
CA GLU A 37 -14.50 10.65 -6.99
C GLU A 37 -13.56 11.43 -6.07
N HIS A 38 -12.53 10.76 -5.57
CA HIS A 38 -11.57 11.38 -4.68
C HIS A 38 -10.18 10.79 -4.87
N GLU A 39 -9.19 11.37 -4.22
CA GLU A 39 -7.82 10.90 -4.32
C GLU A 39 -7.36 10.25 -3.02
N LEU A 40 -7.09 8.95 -3.08
CA LEU A 40 -6.65 8.21 -1.90
C LEU A 40 -5.39 8.82 -1.31
N GLU A 41 -4.96 8.29 -0.17
CA GLU A 41 -3.76 8.78 0.50
C GLU A 41 -2.88 7.63 0.96
N LEU A 42 -1.79 7.39 0.24
CA LEU A 42 -0.87 6.31 0.58
C LEU A 42 -0.78 6.12 2.09
N THR A 43 -1.57 5.18 2.61
CA THR A 43 -1.57 4.89 4.04
C THR A 43 -0.78 3.64 4.36
N ARG A 44 -0.06 3.66 5.47
CA ARG A 44 0.74 2.52 5.88
C ARG A 44 -0.14 1.41 6.45
N VAL A 45 0.10 0.18 5.99
CA VAL A 45 -0.67 -0.97 6.45
C VAL A 45 0.14 -2.25 6.34
N GLN A 46 0.03 -3.10 7.36
CA GLN A 46 0.76 -4.36 7.38
C GLN A 46 0.22 -5.32 6.32
N VAL A 47 -1.10 -5.48 6.31
CA VAL A 47 -1.75 -6.37 5.34
C VAL A 47 -3.18 -5.91 5.04
N TYR A 48 -3.62 -6.15 3.81
CA TYR A 48 -4.96 -5.75 3.39
C TYR A 48 -5.36 -6.48 2.11
N THR A 49 -6.54 -6.13 1.59
CA THR A 49 -7.04 -6.75 0.37
C THR A 49 -7.42 -5.69 -0.66
N CYS A 50 -6.61 -5.58 -1.71
CA CYS A 50 -6.86 -4.61 -2.77
C CYS A 50 -8.17 -4.90 -3.47
N ASP A 51 -8.84 -3.84 -3.93
CA ASP A 51 -10.12 -3.98 -4.62
C ASP A 51 -9.98 -3.64 -6.09
N LYS A 52 -8.79 -3.89 -6.64
CA LYS A 52 -8.52 -3.61 -8.05
C LYS A 52 -7.98 -4.84 -8.76
N CYS A 53 -6.89 -5.40 -8.22
CA CYS A 53 -6.27 -6.58 -8.80
C CYS A 53 -6.55 -7.82 -7.95
N GLU A 54 -7.28 -7.62 -6.85
CA GLU A 54 -7.62 -8.71 -5.96
C GLU A 54 -6.37 -9.30 -5.30
N GLU A 55 -5.46 -8.42 -4.89
CA GLU A 55 -4.22 -8.85 -4.25
C GLU A 55 -4.09 -8.26 -2.85
N GLU A 56 -3.05 -8.67 -2.14
CA GLU A 56 -2.81 -8.19 -0.78
C GLU A 56 -1.49 -7.44 -0.69
N GLY A 57 -1.57 -6.18 -0.26
CA GLY A 57 -0.37 -5.36 -0.14
C GLY A 57 0.24 -5.43 1.25
N THR A 58 1.37 -4.76 1.43
CA THR A 58 2.06 -4.76 2.71
C THR A 58 2.92 -3.49 2.87
N ILE A 59 2.92 -2.94 4.08
CA ILE A 59 3.71 -1.74 4.36
C ILE A 59 3.36 -0.62 3.37
N TRP A 60 2.17 -0.68 2.80
CA TRP A 60 1.72 0.33 1.85
C TRP A 60 0.30 0.05 1.38
N SER A 61 -0.52 1.10 1.32
CA SER A 61 -1.90 0.97 0.89
C SER A 61 -2.59 2.32 0.86
N TYR A 62 -3.04 2.71 -0.33
CA TYR A 62 -3.72 3.99 -0.50
C TYR A 62 -5.11 3.98 0.14
N HIS A 63 -5.21 4.52 1.35
CA HIS A 63 -6.47 4.56 2.06
C HIS A 63 -7.09 5.95 1.99
N CYS A 64 -8.42 6.01 2.02
CA CYS A 64 -9.14 7.28 1.96
C CYS A 64 -9.91 7.52 3.25
N ASP A 65 -9.64 8.66 3.88
CA ASP A 65 -10.32 9.02 5.12
C ASP A 65 -11.70 9.59 4.85
N GLU A 66 -12.34 9.11 3.79
CA GLU A 66 -13.66 9.57 3.40
C GLU A 66 -14.59 8.40 3.07
N CYS A 67 -14.02 7.40 2.39
CA CYS A 67 -14.79 6.22 2.01
C CYS A 67 -14.10 4.94 2.48
N ASP A 68 -12.82 5.06 2.82
CA ASP A 68 -12.05 3.92 3.29
C ASP A 68 -11.68 3.00 2.13
N PHE A 69 -11.15 3.58 1.05
CA PHE A 69 -10.76 2.82 -0.12
C PHE A 69 -9.28 2.50 -0.08
N ASP A 70 -8.96 1.20 -0.05
CA ASP A 70 -7.58 0.74 -0.02
C ASP A 70 -7.14 0.22 -1.38
N LEU A 71 -5.91 0.53 -1.76
CA LEU A 71 -5.37 0.08 -3.04
C LEU A 71 -3.87 -0.19 -2.94
N HIS A 72 -3.28 -0.64 -4.04
CA HIS A 72 -1.85 -0.93 -4.08
C HIS A 72 -1.06 0.27 -4.59
N ALA A 73 0.21 0.35 -4.19
CA ALA A 73 1.06 1.45 -4.60
C ALA A 73 1.19 1.52 -6.12
N LYS A 74 1.24 0.35 -6.76
CA LYS A 74 1.34 0.27 -8.21
C LYS A 74 -0.02 0.46 -8.87
N CYS A 75 -1.04 -0.15 -8.28
CA CYS A 75 -2.40 -0.05 -8.81
C CYS A 75 -2.84 1.41 -8.93
N ALA A 76 -2.53 2.18 -7.89
CA ALA A 76 -2.89 3.59 -7.86
C ALA A 76 -2.11 4.38 -8.92
N LEU A 77 -0.79 4.23 -8.90
CA LEU A 77 0.06 4.93 -9.86
C LEU A 77 -0.09 4.34 -11.25
N ASN A 78 0.31 3.08 -11.41
CA ASN A 78 0.21 2.40 -12.70
C ASN A 78 -1.25 2.22 -13.11
N GLU A 79 -1.48 1.98 -14.40
CA GLU A 79 -2.82 1.80 -14.92
C GLU A 79 -2.96 0.44 -15.61
N ASP A 80 -3.70 -0.47 -14.99
CA ASP A 80 -3.91 -1.80 -15.55
C ASP A 80 -5.39 -2.07 -15.74
N THR A 81 -5.71 -2.91 -16.73
CA THR A 81 -7.09 -3.26 -17.03
C THR A 81 -7.45 -4.64 -16.46
N LYS A 82 -8.73 -4.92 -16.36
CA LYS A 82 -9.20 -6.19 -15.83
C LYS A 82 -9.36 -7.21 -16.96
N GLU A 83 -8.31 -7.98 -17.20
CA GLU A 83 -8.33 -9.00 -18.25
C GLU A 83 -8.11 -10.39 -17.66
N SER A 84 -8.31 -11.42 -18.49
CA SER A 84 -8.13 -12.80 -18.05
C SER A 84 -6.97 -13.46 -18.77
N GLY A 85 -5.78 -13.35 -18.19
CA GLY A 85 -4.60 -13.94 -18.80
C GLY A 85 -4.67 -15.45 -18.85
N PRO A 86 -3.55 -16.11 -18.55
CA PRO A 86 -3.46 -17.57 -18.56
C PRO A 86 -4.25 -18.21 -17.43
N SER A 87 -4.38 -19.53 -17.47
CA SER A 87 -5.12 -20.27 -16.45
C SER A 87 -4.57 -19.95 -15.06
N SER A 88 -3.26 -20.12 -14.91
CA SER A 88 -2.60 -19.87 -13.63
C SER A 88 -2.78 -18.41 -13.21
N GLY A 89 -3.52 -18.19 -12.13
CA GLY A 89 -3.74 -16.85 -11.64
C GLY A 89 -4.81 -16.79 -10.57
N GLY A 1 21.85 -13.00 42.67
CA GLY A 1 20.63 -12.45 42.11
C GLY A 1 20.13 -13.24 40.92
N SER A 2 20.13 -12.62 39.74
CA SER A 2 19.67 -13.29 38.54
C SER A 2 20.01 -12.45 37.30
N SER A 3 19.71 -12.99 36.13
CA SER A 3 19.98 -12.30 34.87
C SER A 3 18.89 -12.58 33.84
N GLY A 4 18.84 -11.78 32.79
CA GLY A 4 17.84 -11.95 31.76
C GLY A 4 18.46 -12.17 30.39
N SER A 5 17.66 -11.97 29.35
CA SER A 5 18.13 -12.16 27.97
C SER A 5 17.41 -11.21 27.03
N SER A 6 18.09 -10.83 25.94
CA SER A 6 17.51 -9.93 24.96
C SER A 6 17.03 -10.69 23.73
N GLY A 7 15.94 -10.23 23.14
CA GLY A 7 15.39 -10.87 21.96
C GLY A 7 14.01 -10.39 21.62
N THR A 8 13.81 -9.07 21.64
CA THR A 8 12.52 -8.49 21.33
C THR A 8 12.67 -7.05 20.84
N GLU A 9 11.84 -6.66 19.87
CA GLU A 9 11.89 -5.32 19.32
C GLU A 9 10.54 -4.62 19.48
N GLU A 10 10.59 -3.31 19.71
CA GLU A 10 9.37 -2.52 19.89
C GLU A 10 9.17 -1.55 18.73
N ARG A 11 10.12 -0.64 18.57
CA ARG A 11 10.05 0.35 17.50
C ARG A 11 11.13 0.10 16.46
N LEU A 12 10.75 0.16 15.18
CA LEU A 12 11.69 -0.07 14.09
C LEU A 12 11.90 1.20 13.28
N LYS A 13 12.70 2.11 13.82
CA LYS A 13 12.99 3.38 13.15
C LYS A 13 13.75 3.15 11.85
N GLU A 14 14.87 2.45 11.94
CA GLU A 14 15.69 2.16 10.77
C GLU A 14 14.87 1.44 9.70
N ILE A 15 14.10 0.45 10.12
CA ILE A 15 13.26 -0.32 9.19
C ILE A 15 12.34 0.61 8.40
N GLU A 16 11.45 1.30 9.10
CA GLU A 16 10.52 2.22 8.47
C GLU A 16 11.20 2.99 7.35
N ALA A 17 12.36 3.56 7.65
CA ALA A 17 13.11 4.33 6.67
C ALA A 17 13.31 3.54 5.38
N LYS A 18 13.61 2.25 5.51
CA LYS A 18 13.82 1.38 4.36
C LYS A 18 12.63 1.45 3.40
N TYR A 19 11.42 1.38 3.96
CA TYR A 19 10.21 1.43 3.16
C TYR A 19 10.10 2.77 2.43
N ASP A 20 10.29 3.86 3.17
CA ASP A 20 10.20 5.20 2.59
C ASP A 20 11.00 5.27 1.28
N GLU A 21 12.13 4.58 1.24
CA GLU A 21 12.97 4.57 0.05
C GLU A 21 12.24 3.94 -1.13
N ILE A 22 11.38 2.97 -0.84
CA ILE A 22 10.62 2.29 -1.87
C ILE A 22 9.52 3.20 -2.44
N ALA A 23 9.01 4.09 -1.60
CA ALA A 23 7.98 5.02 -2.02
C ALA A 23 8.52 6.43 -2.15
N LYS A 24 9.78 6.54 -2.57
CA LYS A 24 10.42 7.84 -2.75
C LYS A 24 9.70 8.67 -3.81
N ASP A 25 9.35 8.03 -4.91
CA ASP A 25 8.65 8.71 -6.00
C ASP A 25 7.14 8.65 -5.79
N TRP A 26 6.68 7.57 -5.17
CA TRP A 26 5.26 7.39 -4.91
C TRP A 26 4.65 8.65 -4.30
N PRO A 27 3.60 9.18 -4.94
CA PRO A 27 2.91 10.39 -4.47
C PRO A 27 2.13 10.15 -3.19
N LYS A 28 1.78 11.23 -2.50
CA LYS A 28 1.02 11.14 -1.26
C LYS A 28 -0.47 10.99 -1.54
N LYS A 29 -0.94 11.65 -2.59
CA LYS A 29 -2.35 11.60 -2.97
C LYS A 29 -2.50 11.15 -4.42
N VAL A 30 -3.17 10.02 -4.63
CA VAL A 30 -3.39 9.50 -5.97
C VAL A 30 -4.88 9.45 -6.31
N LYS A 31 -5.19 9.62 -7.58
CA LYS A 31 -6.58 9.58 -8.03
C LYS A 31 -6.86 8.33 -8.86
N HIS A 32 -7.41 7.31 -8.21
CA HIS A 32 -7.73 6.05 -8.89
C HIS A 32 -8.99 6.19 -9.74
N VAL A 33 -9.16 5.28 -10.69
CA VAL A 33 -10.33 5.31 -11.56
C VAL A 33 -11.57 4.83 -10.82
N LEU A 34 -11.46 3.67 -10.17
CA LEU A 34 -12.59 3.11 -9.43
C LEU A 34 -13.03 4.05 -8.30
N HIS A 35 -12.09 4.86 -7.82
CA HIS A 35 -12.38 5.81 -6.75
C HIS A 35 -12.11 7.24 -7.20
N GLU A 36 -12.21 7.47 -8.51
CA GLU A 36 -11.98 8.80 -9.06
C GLU A 36 -12.59 9.88 -8.19
N GLU A 37 -13.77 9.59 -7.64
CA GLU A 37 -14.46 10.54 -6.76
C GLU A 37 -13.47 11.37 -5.96
N HIS A 38 -12.51 10.68 -5.33
CA HIS A 38 -11.50 11.35 -4.53
C HIS A 38 -10.14 10.70 -4.71
N GLU A 39 -9.11 11.29 -4.12
CA GLU A 39 -7.76 10.77 -4.21
C GLU A 39 -7.35 10.07 -2.93
N LEU A 40 -6.79 8.87 -3.06
CA LEU A 40 -6.35 8.09 -1.91
C LEU A 40 -5.12 8.71 -1.27
N GLU A 41 -4.78 8.23 -0.07
CA GLU A 41 -3.61 8.75 0.64
C GLU A 41 -2.74 7.59 1.13
N LEU A 42 -1.60 7.40 0.46
CA LEU A 42 -0.67 6.34 0.82
C LEU A 42 -0.61 6.16 2.33
N THR A 43 -1.31 5.14 2.83
CA THR A 43 -1.33 4.86 4.26
C THR A 43 -0.62 3.54 4.58
N ARG A 44 0.18 3.55 5.62
CA ARG A 44 0.92 2.36 6.03
C ARG A 44 -0.03 1.31 6.62
N VAL A 45 0.08 0.08 6.11
CA VAL A 45 -0.77 -1.00 6.57
C VAL A 45 -0.02 -2.34 6.54
N GLN A 46 -0.21 -3.15 7.58
CA GLN A 46 0.44 -4.44 7.67
C GLN A 46 -0.01 -5.36 6.53
N VAL A 47 -1.33 -5.49 6.37
CA VAL A 47 -1.89 -6.34 5.33
C VAL A 47 -3.31 -5.91 4.98
N TYR A 48 -3.68 -6.09 3.72
CA TYR A 48 -5.02 -5.72 3.25
C TYR A 48 -5.39 -6.47 1.99
N THR A 49 -6.54 -6.14 1.41
CA THR A 49 -7.01 -6.78 0.19
C THR A 49 -7.40 -5.75 -0.86
N CYS A 50 -6.57 -5.60 -1.88
CA CYS A 50 -6.84 -4.66 -2.95
C CYS A 50 -8.11 -5.01 -3.70
N ASP A 51 -9.06 -4.08 -3.74
CA ASP A 51 -10.33 -4.29 -4.42
C ASP A 51 -10.24 -3.89 -5.89
N LYS A 52 -9.04 -4.03 -6.46
CA LYS A 52 -8.82 -3.68 -7.86
C LYS A 52 -8.31 -4.87 -8.65
N CYS A 53 -7.18 -5.43 -8.22
CA CYS A 53 -6.59 -6.57 -8.89
C CYS A 53 -6.79 -7.85 -8.07
N GLU A 54 -7.48 -7.71 -6.94
CA GLU A 54 -7.74 -8.84 -6.06
C GLU A 54 -6.44 -9.39 -5.49
N GLU A 55 -5.59 -8.50 -4.98
CA GLU A 55 -4.31 -8.90 -4.40
C GLU A 55 -4.15 -8.32 -3.00
N GLU A 56 -3.10 -8.76 -2.30
CA GLU A 56 -2.83 -8.27 -0.96
C GLU A 56 -1.48 -7.56 -0.89
N GLY A 57 -1.50 -6.30 -0.45
CA GLY A 57 -0.28 -5.53 -0.36
C GLY A 57 0.36 -5.62 1.02
N THR A 58 1.46 -4.91 1.20
CA THR A 58 2.17 -4.92 2.48
C THR A 58 3.07 -3.70 2.61
N ILE A 59 3.09 -3.12 3.81
CA ILE A 59 3.92 -1.94 4.07
C ILE A 59 3.56 -0.80 3.12
N TRP A 60 2.33 -0.82 2.62
CA TRP A 60 1.87 0.22 1.70
C TRP A 60 0.43 -0.04 1.28
N SER A 61 -0.38 1.01 1.31
CA SER A 61 -1.79 0.89 0.92
C SER A 61 -2.45 2.26 0.86
N TYR A 62 -2.91 2.64 -0.32
CA TYR A 62 -3.55 3.93 -0.52
C TYR A 62 -4.98 3.92 0.05
N HIS A 63 -5.13 4.49 1.23
CA HIS A 63 -6.43 4.55 1.89
C HIS A 63 -7.03 5.95 1.80
N CYS A 64 -8.35 6.03 1.80
CA CYS A 64 -9.03 7.31 1.71
C CYS A 64 -9.79 7.62 3.01
N ASP A 65 -9.51 8.77 3.59
CA ASP A 65 -10.16 9.18 4.83
C ASP A 65 -11.54 9.76 4.55
N GLU A 66 -12.19 9.25 3.52
CA GLU A 66 -13.52 9.72 3.15
C GLU A 66 -14.46 8.55 2.86
N CYS A 67 -13.92 7.52 2.22
CA CYS A 67 -14.69 6.33 1.87
C CYS A 67 -14.00 5.06 2.35
N ASP A 68 -12.78 5.22 2.85
CA ASP A 68 -12.01 4.08 3.34
C ASP A 68 -11.68 3.11 2.21
N PHE A 69 -11.20 3.66 1.09
CA PHE A 69 -10.86 2.84 -0.06
C PHE A 69 -9.36 2.53 -0.07
N ASP A 70 -9.05 1.23 -0.09
CA ASP A 70 -7.66 0.78 -0.09
C ASP A 70 -7.24 0.32 -1.48
N LEU A 71 -5.96 0.45 -1.80
CA LEU A 71 -5.43 0.05 -3.09
C LEU A 71 -3.94 -0.25 -3.01
N HIS A 72 -3.36 -0.67 -4.13
CA HIS A 72 -1.94 -0.99 -4.18
C HIS A 72 -1.14 0.21 -4.67
N ALA A 73 0.12 0.30 -4.22
CA ALA A 73 0.99 1.40 -4.61
C ALA A 73 1.09 1.50 -6.13
N LYS A 74 1.19 0.35 -6.79
CA LYS A 74 1.29 0.30 -8.24
C LYS A 74 -0.08 0.49 -8.90
N CYS A 75 -1.10 -0.09 -8.28
CA CYS A 75 -2.46 0.02 -8.80
C CYS A 75 -2.93 1.47 -8.80
N ALA A 76 -2.61 2.19 -7.74
CA ALA A 76 -3.00 3.59 -7.62
C ALA A 76 -2.21 4.46 -8.59
N LEU A 77 -0.90 4.24 -8.65
CA LEU A 77 -0.03 5.01 -9.54
C LEU A 77 -0.51 4.90 -10.99
N ASN A 78 -0.60 3.68 -11.49
CA ASN A 78 -1.03 3.43 -12.86
C ASN A 78 -2.23 2.49 -12.89
N GLU A 79 -3.37 3.00 -13.33
CA GLU A 79 -4.58 2.19 -13.41
C GLU A 79 -4.54 1.25 -14.60
N ASP A 80 -5.26 0.14 -14.51
CA ASP A 80 -5.30 -0.84 -15.58
C ASP A 80 -6.45 -1.83 -15.36
N THR A 81 -6.88 -2.47 -16.44
CA THR A 81 -7.98 -3.43 -16.37
C THR A 81 -7.58 -4.76 -17.02
N LYS A 82 -7.71 -5.85 -16.27
CA LYS A 82 -7.37 -7.17 -16.77
C LYS A 82 -8.43 -8.19 -16.39
N GLU A 83 -8.65 -9.17 -17.27
CA GLU A 83 -9.65 -10.20 -17.01
C GLU A 83 -8.99 -11.47 -16.47
N SER A 84 -9.52 -11.97 -15.36
CA SER A 84 -8.98 -13.17 -14.74
C SER A 84 -10.08 -14.21 -14.50
N GLY A 85 -9.68 -15.44 -14.20
CA GLY A 85 -10.64 -16.49 -13.95
C GLY A 85 -11.08 -16.55 -12.50
N PRO A 86 -11.75 -17.65 -12.12
CA PRO A 86 -12.25 -17.85 -10.76
C PRO A 86 -11.12 -18.08 -9.77
N SER A 87 -9.89 -17.85 -10.21
CA SER A 87 -8.71 -18.04 -9.36
C SER A 87 -8.11 -16.71 -8.96
N SER A 88 -8.08 -16.44 -7.65
CA SER A 88 -7.53 -15.19 -7.13
C SER A 88 -6.02 -15.30 -6.94
N GLY A 89 -5.28 -14.45 -7.64
CA GLY A 89 -3.83 -14.46 -7.53
C GLY A 89 -3.15 -13.91 -8.76
N GLY A 1 19.02 -13.43 37.98
CA GLY A 1 19.18 -12.36 37.01
C GLY A 1 19.17 -12.89 35.58
N SER A 2 18.01 -12.80 34.93
CA SER A 2 17.87 -13.27 33.55
C SER A 2 17.35 -12.16 32.65
N SER A 3 17.84 -12.12 31.42
CA SER A 3 17.43 -11.10 30.47
C SER A 3 16.25 -11.59 29.63
N GLY A 4 15.25 -10.73 29.46
CA GLY A 4 14.08 -11.09 28.68
C GLY A 4 13.96 -10.28 27.41
N SER A 5 12.72 -9.99 27.01
CA SER A 5 12.47 -9.22 25.80
C SER A 5 11.14 -8.47 25.90
N SER A 6 11.00 -7.42 25.10
CA SER A 6 9.78 -6.62 25.10
C SER A 6 8.88 -7.01 23.93
N GLY A 7 9.47 -7.16 22.75
CA GLY A 7 8.71 -7.53 21.58
C GLY A 7 8.73 -6.45 20.51
N THR A 8 7.60 -5.79 20.30
CA THR A 8 7.49 -4.74 19.30
C THR A 8 8.25 -3.50 19.74
N GLU A 9 8.52 -2.62 18.78
CA GLU A 9 9.24 -1.38 19.06
C GLU A 9 8.31 -0.17 18.96
N GLU A 10 8.66 0.89 19.68
CA GLU A 10 7.85 2.11 19.67
C GLU A 10 8.19 2.98 18.46
N ARG A 11 9.45 3.37 18.36
CA ARG A 11 9.91 4.21 17.25
C ARG A 11 10.57 3.36 16.17
N LEU A 12 9.84 3.12 15.08
CA LEU A 12 10.36 2.32 13.97
C LEU A 12 11.01 3.22 12.92
N LYS A 13 11.82 4.17 13.37
CA LYS A 13 12.51 5.09 12.47
C LYS A 13 13.25 4.33 11.38
N GLU A 14 14.25 3.55 11.80
CA GLU A 14 15.04 2.76 10.86
C GLU A 14 14.15 1.97 9.92
N ILE A 15 13.37 1.05 10.49
CA ILE A 15 12.47 0.22 9.71
C ILE A 15 11.71 1.05 8.67
N GLU A 16 11.20 2.20 9.10
CA GLU A 16 10.46 3.08 8.21
C GLU A 16 11.30 3.46 6.99
N ALA A 17 12.55 3.83 7.24
CA ALA A 17 13.46 4.23 6.18
C ALA A 17 13.49 3.17 5.07
N LYS A 18 13.61 1.91 5.47
CA LYS A 18 13.66 0.81 4.52
C LYS A 18 12.48 0.88 3.54
N TYR A 19 11.29 1.15 4.08
CA TYR A 19 10.09 1.25 3.26
C TYR A 19 10.08 2.54 2.45
N ASP A 20 10.34 3.66 3.13
CA ASP A 20 10.37 4.96 2.48
C ASP A 20 11.18 4.91 1.19
N GLU A 21 12.28 4.16 1.21
CA GLU A 21 13.14 4.03 0.05
C GLU A 21 12.36 3.45 -1.14
N ILE A 22 11.39 2.60 -0.85
CA ILE A 22 10.58 1.99 -1.89
C ILE A 22 9.53 2.97 -2.42
N ALA A 23 9.03 3.84 -1.54
CA ALA A 23 8.04 4.82 -1.91
C ALA A 23 8.65 6.21 -2.02
N LYS A 24 9.89 6.27 -2.50
CA LYS A 24 10.59 7.54 -2.65
C LYS A 24 9.90 8.43 -3.68
N ASP A 25 9.51 7.82 -4.80
CA ASP A 25 8.82 8.56 -5.86
C ASP A 25 7.31 8.54 -5.66
N TRP A 26 6.83 7.46 -5.05
CA TRP A 26 5.39 7.31 -4.80
C TRP A 26 4.82 8.56 -4.13
N PRO A 27 3.79 9.14 -4.76
CA PRO A 27 3.13 10.34 -4.25
C PRO A 27 2.33 10.08 -2.98
N LYS A 28 1.76 11.13 -2.42
CA LYS A 28 0.96 11.01 -1.20
C LYS A 28 -0.52 10.86 -1.53
N LYS A 29 -0.96 11.55 -2.58
CA LYS A 29 -2.35 11.50 -2.99
C LYS A 29 -2.47 11.03 -4.45
N VAL A 30 -3.29 10.00 -4.67
CA VAL A 30 -3.49 9.46 -6.01
C VAL A 30 -4.97 9.50 -6.40
N LYS A 31 -5.22 9.77 -7.68
CA LYS A 31 -6.58 9.83 -8.19
C LYS A 31 -6.95 8.55 -8.92
N HIS A 32 -7.37 7.54 -8.17
CA HIS A 32 -7.76 6.26 -8.75
C HIS A 32 -9.02 6.40 -9.60
N VAL A 33 -9.12 5.58 -10.64
CA VAL A 33 -10.27 5.62 -11.53
C VAL A 33 -11.53 5.11 -10.83
N LEU A 34 -11.40 3.96 -10.16
CA LEU A 34 -12.52 3.37 -9.44
C LEU A 34 -12.99 4.27 -8.31
N HIS A 35 -12.07 5.09 -7.79
CA HIS A 35 -12.39 6.01 -6.72
C HIS A 35 -12.18 7.46 -7.15
N GLU A 36 -12.28 7.70 -8.45
CA GLU A 36 -12.10 9.04 -8.99
C GLU A 36 -12.67 10.09 -8.04
N GLU A 37 -13.80 9.77 -7.42
CA GLU A 37 -14.45 10.69 -6.49
C GLU A 37 -13.43 11.50 -5.73
N HIS A 38 -12.50 10.81 -5.07
CA HIS A 38 -11.46 11.48 -4.29
C HIS A 38 -10.09 10.84 -4.56
N GLU A 39 -9.07 11.38 -3.92
CA GLU A 39 -7.70 10.86 -4.09
C GLU A 39 -7.22 10.16 -2.83
N LEU A 40 -6.99 8.85 -2.93
CA LEU A 40 -6.52 8.07 -1.79
C LEU A 40 -5.26 8.68 -1.20
N GLU A 41 -4.84 8.17 -0.04
CA GLU A 41 -3.65 8.66 0.63
C GLU A 41 -2.77 7.49 1.08
N LEU A 42 -1.66 7.30 0.38
CA LEU A 42 -0.73 6.22 0.71
C LEU A 42 -0.57 6.09 2.22
N THR A 43 -1.27 5.12 2.80
CA THR A 43 -1.20 4.88 4.23
C THR A 43 -0.47 3.57 4.55
N ARG A 44 0.35 3.59 5.59
CA ARG A 44 1.10 2.41 5.99
C ARG A 44 0.16 1.31 6.50
N VAL A 45 0.15 0.18 5.80
CA VAL A 45 -0.70 -0.94 6.18
C VAL A 45 0.06 -2.26 6.09
N GLN A 46 -0.05 -3.07 7.14
CA GLN A 46 0.62 -4.36 7.19
C GLN A 46 0.10 -5.29 6.09
N VAL A 47 -1.21 -5.49 6.07
CA VAL A 47 -1.84 -6.35 5.07
C VAL A 47 -3.26 -5.88 4.77
N TYR A 48 -3.67 -6.07 3.51
CA TYR A 48 -5.01 -5.67 3.09
C TYR A 48 -5.41 -6.41 1.81
N THR A 49 -6.60 -6.09 1.31
CA THR A 49 -7.11 -6.72 0.09
C THR A 49 -7.45 -5.67 -0.96
N CYS A 50 -6.60 -5.56 -1.98
CA CYS A 50 -6.81 -4.61 -3.06
C CYS A 50 -8.13 -4.89 -3.78
N ASP A 51 -9.02 -3.91 -3.77
CA ASP A 51 -10.32 -4.05 -4.43
C ASP A 51 -10.23 -3.64 -5.89
N LYS A 52 -9.06 -3.87 -6.49
CA LYS A 52 -8.85 -3.54 -7.89
C LYS A 52 -8.39 -4.75 -8.68
N CYS A 53 -7.30 -5.38 -8.24
CA CYS A 53 -6.77 -6.56 -8.90
C CYS A 53 -7.01 -7.81 -8.07
N GLU A 54 -7.70 -7.64 -6.94
CA GLU A 54 -8.01 -8.75 -6.06
C GLU A 54 -6.73 -9.36 -5.48
N GLU A 55 -5.85 -8.50 -4.98
CA GLU A 55 -4.59 -8.95 -4.40
C GLU A 55 -4.44 -8.43 -2.98
N GLU A 56 -3.26 -8.67 -2.39
CA GLU A 56 -2.98 -8.23 -1.03
C GLU A 56 -1.64 -7.51 -0.95
N GLY A 57 -1.67 -6.24 -0.56
CA GLY A 57 -0.44 -5.47 -0.46
C GLY A 57 0.22 -5.62 0.90
N THR A 58 1.28 -4.84 1.13
CA THR A 58 2.01 -4.90 2.39
C THR A 58 2.87 -3.65 2.58
N ILE A 59 2.97 -3.20 3.83
CA ILE A 59 3.77 -2.02 4.14
C ILE A 59 3.47 -0.88 3.17
N TRP A 60 2.28 -0.91 2.59
CA TRP A 60 1.87 0.12 1.64
C TRP A 60 0.46 -0.13 1.14
N SER A 61 -0.37 0.91 1.17
CA SER A 61 -1.75 0.81 0.73
C SER A 61 -2.45 2.16 0.75
N TYR A 62 -2.92 2.60 -0.42
CA TYR A 62 -3.59 3.89 -0.54
C TYR A 62 -4.95 3.85 0.15
N HIS A 63 -5.01 4.36 1.38
CA HIS A 63 -6.24 4.40 2.15
C HIS A 63 -6.86 5.79 2.12
N CYS A 64 -8.20 5.83 2.05
CA CYS A 64 -8.91 7.11 2.01
C CYS A 64 -9.71 7.31 3.30
N ASP A 65 -9.41 8.39 4.01
CA ASP A 65 -10.11 8.71 5.26
C ASP A 65 -11.48 9.29 4.97
N GLU A 66 -12.08 8.87 3.86
CA GLU A 66 -13.41 9.34 3.49
C GLU A 66 -14.30 8.20 3.04
N CYS A 67 -13.70 7.20 2.39
CA CYS A 67 -14.43 6.03 1.91
C CYS A 67 -13.69 4.75 2.24
N ASP A 68 -12.81 4.82 3.23
CA ASP A 68 -12.04 3.65 3.65
C ASP A 68 -11.67 2.79 2.45
N PHE A 69 -11.20 3.43 1.38
CA PHE A 69 -10.81 2.72 0.17
C PHE A 69 -9.31 2.42 0.17
N ASP A 70 -8.98 1.14 -0.04
CA ASP A 70 -7.58 0.71 -0.06
C ASP A 70 -7.18 0.25 -1.45
N LEU A 71 -5.91 0.43 -1.79
CA LEU A 71 -5.39 0.03 -3.09
C LEU A 71 -3.91 -0.28 -3.03
N HIS A 72 -3.34 -0.71 -4.15
CA HIS A 72 -1.93 -1.04 -4.22
C HIS A 72 -1.10 0.15 -4.69
N ALA A 73 0.14 0.23 -4.22
CA ALA A 73 1.04 1.31 -4.60
C ALA A 73 1.21 1.39 -6.11
N LYS A 74 1.38 0.22 -6.74
CA LYS A 74 1.55 0.16 -8.19
C LYS A 74 0.23 0.36 -8.91
N CYS A 75 -0.83 -0.23 -8.35
CA CYS A 75 -2.17 -0.12 -8.94
C CYS A 75 -2.61 1.34 -9.04
N ALA A 76 -2.40 2.09 -7.96
CA ALA A 76 -2.77 3.49 -7.93
C ALA A 76 -1.91 4.30 -8.90
N LEU A 77 -0.61 4.06 -8.86
CA LEU A 77 0.32 4.78 -9.73
C LEU A 77 0.10 4.40 -11.19
N ASN A 78 0.31 3.12 -11.50
CA ASN A 78 0.13 2.63 -12.86
C ASN A 78 -0.99 1.59 -12.93
N GLU A 79 -1.49 1.34 -14.13
CA GLU A 79 -2.55 0.37 -14.32
C GLU A 79 -2.07 -0.81 -15.17
N ASP A 80 -1.37 -0.51 -16.25
CA ASP A 80 -0.86 -1.54 -17.15
C ASP A 80 0.15 -2.42 -16.43
N THR A 81 -0.15 -3.71 -16.36
CA THR A 81 0.74 -4.67 -15.69
C THR A 81 0.96 -5.90 -16.55
N LYS A 82 0.28 -5.95 -17.70
CA LYS A 82 0.42 -7.07 -18.61
C LYS A 82 0.91 -6.61 -19.98
N GLU A 83 1.51 -7.53 -20.73
CA GLU A 83 2.03 -7.21 -22.06
C GLU A 83 0.89 -7.01 -23.06
N SER A 84 1.11 -6.12 -24.03
CA SER A 84 0.10 -5.83 -25.05
C SER A 84 -0.28 -7.09 -25.81
N GLY A 85 -1.42 -7.67 -25.46
CA GLY A 85 -1.87 -8.89 -26.12
C GLY A 85 -0.81 -9.96 -26.17
N PRO A 86 -1.15 -11.11 -26.76
CA PRO A 86 -0.23 -12.25 -26.87
C PRO A 86 0.90 -11.97 -27.85
N SER A 87 0.63 -11.15 -28.85
CA SER A 87 1.63 -10.81 -29.86
C SER A 87 1.89 -9.30 -29.88
N SER A 88 3.15 -8.92 -29.90
CA SER A 88 3.54 -7.51 -29.91
C SER A 88 4.64 -7.26 -30.93
N GLY A 89 4.69 -6.03 -31.45
CA GLY A 89 5.70 -5.69 -32.44
C GLY A 89 5.16 -4.77 -33.52
N GLY A 1 21.85 -28.51 29.63
CA GLY A 1 21.36 -27.14 29.68
C GLY A 1 20.72 -26.68 28.39
N SER A 2 20.21 -25.46 28.38
CA SER A 2 19.56 -24.91 27.19
C SER A 2 19.47 -23.39 27.26
N SER A 3 19.52 -22.75 26.11
CA SER A 3 19.45 -21.29 26.04
C SER A 3 18.70 -20.84 24.79
N GLY A 4 18.32 -19.56 24.77
CA GLY A 4 17.59 -19.03 23.64
C GLY A 4 17.89 -17.56 23.40
N SER A 5 17.74 -16.75 24.45
CA SER A 5 17.99 -15.32 24.34
C SER A 5 17.52 -14.77 23.01
N SER A 6 16.36 -15.25 22.55
CA SER A 6 15.80 -14.81 21.29
C SER A 6 15.43 -13.33 21.33
N GLY A 7 15.10 -12.78 20.17
CA GLY A 7 14.73 -11.37 20.09
C GLY A 7 13.64 -11.10 19.08
N THR A 8 12.43 -10.83 19.56
CA THR A 8 11.31 -10.56 18.68
C THR A 8 11.24 -9.08 18.31
N GLU A 9 10.78 -8.80 17.09
CA GLU A 9 10.67 -7.43 16.61
C GLU A 9 9.33 -6.82 17.02
N GLU A 10 9.38 -5.75 17.79
CA GLU A 10 8.17 -5.07 18.25
C GLU A 10 8.15 -3.63 17.76
N ARG A 11 9.27 -2.93 17.92
CA ARG A 11 9.37 -1.54 17.49
C ARG A 11 10.49 -1.36 16.47
N LEU A 12 10.11 -1.04 15.24
CA LEU A 12 11.08 -0.83 14.17
C LEU A 12 11.16 0.64 13.78
N LYS A 13 12.22 1.30 14.22
CA LYS A 13 12.43 2.72 13.91
C LYS A 13 13.14 2.89 12.58
N GLU A 14 14.26 2.17 12.41
CA GLU A 14 15.03 2.24 11.19
C GLU A 14 14.28 1.62 10.02
N ILE A 15 13.83 0.39 10.21
CA ILE A 15 13.08 -0.32 9.17
C ILE A 15 12.17 0.63 8.41
N GLU A 16 11.23 1.25 9.13
CA GLU A 16 10.30 2.19 8.51
C GLU A 16 10.99 3.05 7.46
N ALA A 17 12.18 3.54 7.81
CA ALA A 17 12.95 4.38 6.89
C ALA A 17 13.11 3.70 5.53
N LYS A 18 13.41 2.42 5.55
CA LYS A 18 13.59 1.65 4.31
C LYS A 18 12.38 1.82 3.39
N TYR A 19 11.20 1.51 3.91
CA TYR A 19 9.97 1.63 3.13
C TYR A 19 9.91 2.97 2.40
N ASP A 20 10.20 4.05 3.15
CA ASP A 20 10.18 5.39 2.58
C ASP A 20 11.05 5.46 1.32
N GLU A 21 12.16 4.72 1.33
CA GLU A 21 13.07 4.71 0.20
C GLU A 21 12.43 4.06 -1.02
N ILE A 22 11.42 3.22 -0.77
CA ILE A 22 10.72 2.54 -1.84
C ILE A 22 9.59 3.40 -2.40
N ALA A 23 9.04 4.26 -1.56
CA ALA A 23 7.96 5.15 -1.96
C ALA A 23 8.44 6.58 -2.10
N LYS A 24 9.70 6.74 -2.47
CA LYS A 24 10.30 8.06 -2.65
C LYS A 24 9.59 8.83 -3.76
N ASP A 25 9.32 8.15 -4.86
CA ASP A 25 8.65 8.77 -6.00
C ASP A 25 7.13 8.65 -5.86
N TRP A 26 6.68 7.58 -5.21
CA TRP A 26 5.25 7.35 -5.01
C TRP A 26 4.57 8.61 -4.47
N PRO A 27 3.51 9.04 -5.15
CA PRO A 27 2.74 10.23 -4.75
C PRO A 27 1.95 10.01 -3.47
N LYS A 28 1.68 11.10 -2.76
CA LYS A 28 0.92 11.02 -1.51
C LYS A 28 -0.57 10.86 -1.79
N LYS A 29 -1.04 11.46 -2.87
CA LYS A 29 -2.44 11.39 -3.25
C LYS A 29 -2.59 10.90 -4.69
N VAL A 30 -3.28 9.78 -4.87
CA VAL A 30 -3.50 9.22 -6.19
C VAL A 30 -4.97 9.28 -6.59
N LYS A 31 -5.24 9.59 -7.85
CA LYS A 31 -6.61 9.68 -8.34
C LYS A 31 -7.01 8.38 -9.03
N HIS A 32 -7.51 7.42 -8.25
CA HIS A 32 -7.94 6.14 -8.78
C HIS A 32 -9.25 6.28 -9.54
N VAL A 33 -9.37 5.55 -10.65
CA VAL A 33 -10.58 5.59 -11.47
C VAL A 33 -11.80 5.13 -10.67
N LEU A 34 -11.65 4.01 -9.98
CA LEU A 34 -12.75 3.46 -9.19
C LEU A 34 -13.15 4.42 -8.07
N HIS A 35 -12.20 5.26 -7.65
CA HIS A 35 -12.46 6.23 -6.59
C HIS A 35 -12.29 7.65 -7.12
N GLU A 36 -12.44 7.82 -8.43
CA GLU A 36 -12.30 9.12 -9.05
C GLU A 36 -12.72 10.23 -8.10
N GLU A 37 -13.91 10.08 -7.50
CA GLU A 37 -14.42 11.06 -6.57
C GLU A 37 -13.28 11.78 -5.84
N HIS A 38 -12.48 11.02 -5.10
CA HIS A 38 -11.36 11.58 -4.37
C HIS A 38 -10.09 10.76 -4.59
N GLU A 39 -8.94 11.39 -4.40
CA GLU A 39 -7.66 10.71 -4.57
C GLU A 39 -7.21 10.04 -3.28
N LEU A 40 -7.02 8.73 -3.34
CA LEU A 40 -6.59 7.96 -2.17
C LEU A 40 -5.29 8.51 -1.61
N GLU A 41 -4.95 8.09 -0.39
CA GLU A 41 -3.72 8.55 0.25
C GLU A 41 -2.86 7.36 0.68
N LEU A 42 -1.61 7.37 0.27
CA LEU A 42 -0.67 6.29 0.61
C LEU A 42 -0.64 6.07 2.12
N THR A 43 -1.46 5.13 2.59
CA THR A 43 -1.51 4.82 4.02
C THR A 43 -0.72 3.56 4.33
N ARG A 44 0.07 3.61 5.39
CA ARG A 44 0.88 2.46 5.81
C ARG A 44 0.01 1.34 6.36
N VAL A 45 0.16 0.15 5.80
CA VAL A 45 -0.61 -1.00 6.24
C VAL A 45 0.20 -2.29 6.14
N GLN A 46 0.10 -3.13 7.16
CA GLN A 46 0.83 -4.39 7.19
C GLN A 46 0.27 -5.37 6.15
N VAL A 47 -1.05 -5.53 6.15
CA VAL A 47 -1.71 -6.43 5.22
C VAL A 47 -3.13 -5.97 4.90
N TYR A 48 -3.57 -6.21 3.67
CA TYR A 48 -4.90 -5.81 3.25
C TYR A 48 -5.31 -6.56 1.98
N THR A 49 -6.47 -6.20 1.43
CA THR A 49 -6.98 -6.82 0.23
C THR A 49 -7.36 -5.78 -0.82
N CYS A 50 -6.52 -5.65 -1.84
CA CYS A 50 -6.75 -4.68 -2.91
C CYS A 50 -8.08 -4.96 -3.61
N ASP A 51 -8.90 -3.93 -3.74
CA ASP A 51 -10.20 -4.07 -4.39
C ASP A 51 -10.11 -3.71 -5.87
N LYS A 52 -8.92 -3.88 -6.44
CA LYS A 52 -8.70 -3.58 -7.84
C LYS A 52 -8.25 -4.82 -8.62
N CYS A 53 -7.18 -5.46 -8.13
CA CYS A 53 -6.65 -6.65 -8.76
C CYS A 53 -6.88 -7.88 -7.89
N GLU A 54 -7.55 -7.68 -6.76
CA GLU A 54 -7.84 -8.77 -5.83
C GLU A 54 -6.55 -9.36 -5.27
N GLU A 55 -5.67 -8.49 -4.77
CA GLU A 55 -4.40 -8.93 -4.20
C GLU A 55 -4.24 -8.42 -2.77
N GLU A 56 -3.06 -8.64 -2.21
CA GLU A 56 -2.78 -8.21 -0.84
C GLU A 56 -1.44 -7.48 -0.77
N GLY A 57 -1.49 -6.20 -0.43
CA GLY A 57 -0.28 -5.40 -0.33
C GLY A 57 0.37 -5.51 1.04
N THR A 58 1.48 -4.79 1.21
CA THR A 58 2.19 -4.80 2.49
C THR A 58 3.06 -3.56 2.64
N ILE A 59 3.05 -2.99 3.84
CA ILE A 59 3.84 -1.79 4.12
C ILE A 59 3.52 -0.68 3.13
N TRP A 60 2.32 -0.73 2.56
CA TRP A 60 1.89 0.28 1.59
C TRP A 60 0.48 -0.01 1.10
N SER A 61 -0.33 1.05 0.99
CA SER A 61 -1.70 0.91 0.54
C SER A 61 -2.40 2.27 0.48
N TYR A 62 -2.87 2.63 -0.71
CA TYR A 62 -3.55 3.91 -0.91
C TYR A 62 -4.97 3.86 -0.35
N HIS A 63 -5.15 4.37 0.85
CA HIS A 63 -6.46 4.40 1.49
C HIS A 63 -7.00 5.82 1.60
N CYS A 64 -8.31 5.94 1.73
CA CYS A 64 -8.95 7.25 1.84
C CYS A 64 -9.69 7.38 3.17
N ASP A 65 -9.22 8.28 4.02
CA ASP A 65 -9.84 8.52 5.31
C ASP A 65 -11.24 9.09 5.16
N GLU A 66 -11.69 9.24 3.92
CA GLU A 66 -13.01 9.77 3.63
C GLU A 66 -13.94 8.69 3.13
N CYS A 67 -13.36 7.64 2.53
CA CYS A 67 -14.14 6.53 2.01
C CYS A 67 -13.51 5.19 2.40
N ASP A 68 -12.75 5.19 3.48
CA ASP A 68 -12.10 3.98 3.97
C ASP A 68 -11.74 3.07 2.80
N PHE A 69 -11.00 3.60 1.83
CA PHE A 69 -10.59 2.83 0.68
C PHE A 69 -9.21 2.21 0.88
N ASP A 70 -8.79 1.37 -0.05
CA ASP A 70 -7.49 0.71 0.03
C ASP A 70 -7.07 0.16 -1.33
N LEU A 71 -5.86 0.49 -1.76
CA LEU A 71 -5.35 0.03 -3.03
C LEU A 71 -3.84 -0.26 -2.95
N HIS A 72 -3.27 -0.73 -4.05
CA HIS A 72 -1.85 -1.03 -4.10
C HIS A 72 -1.05 0.17 -4.59
N ALA A 73 0.20 0.28 -4.14
CA ALA A 73 1.06 1.38 -4.53
C ALA A 73 1.31 1.37 -6.04
N LYS A 74 1.29 0.18 -6.63
CA LYS A 74 1.52 0.04 -8.06
C LYS A 74 0.21 0.17 -8.83
N CYS A 75 -0.85 -0.43 -8.31
CA CYS A 75 -2.15 -0.38 -8.95
C CYS A 75 -2.60 1.07 -9.16
N ALA A 76 -2.51 1.87 -8.11
CA ALA A 76 -2.89 3.28 -8.18
C ALA A 76 -2.03 4.03 -9.19
N LEU A 77 -0.72 3.78 -9.15
CA LEU A 77 0.20 4.44 -10.05
C LEU A 77 -0.08 4.05 -11.50
N ASN A 78 0.05 2.76 -11.80
CA ASN A 78 -0.19 2.26 -13.15
C ASN A 78 -1.68 2.15 -13.43
N GLU A 79 -2.02 1.74 -14.64
CA GLU A 79 -3.42 1.60 -15.03
C GLU A 79 -3.63 0.30 -15.82
N ASP A 80 -4.36 -0.63 -15.23
CA ASP A 80 -4.65 -1.91 -15.88
C ASP A 80 -6.15 -2.14 -16.00
N THR A 81 -6.92 -1.39 -15.22
CA THR A 81 -8.37 -1.52 -15.22
C THR A 81 -8.80 -2.97 -15.33
N LYS A 82 -8.16 -3.84 -14.53
CA LYS A 82 -8.48 -5.26 -14.54
C LYS A 82 -9.94 -5.49 -14.19
N GLU A 83 -10.51 -6.55 -14.75
CA GLU A 83 -11.91 -6.89 -14.49
C GLU A 83 -12.12 -7.30 -13.04
N SER A 84 -13.35 -7.16 -12.56
CA SER A 84 -13.68 -7.51 -11.19
C SER A 84 -15.01 -8.25 -11.11
N GLY A 85 -15.29 -8.85 -9.96
CA GLY A 85 -16.53 -9.58 -9.79
C GLY A 85 -16.87 -9.80 -8.33
N PRO A 86 -18.18 -9.95 -8.04
CA PRO A 86 -18.66 -10.18 -6.67
C PRO A 86 -18.27 -11.56 -6.13
N SER A 87 -18.56 -12.59 -6.91
CA SER A 87 -18.24 -13.96 -6.52
C SER A 87 -18.53 -14.16 -5.04
N SER A 88 -19.66 -13.64 -4.58
CA SER A 88 -20.06 -13.78 -3.19
C SER A 88 -18.89 -13.43 -2.25
N GLY A 89 -18.18 -12.36 -2.58
CA GLY A 89 -17.06 -11.94 -1.76
C GLY A 89 -16.55 -10.56 -2.15
N GLY A 1 21.14 -23.34 33.25
CA GLY A 1 21.45 -22.25 32.35
C GLY A 1 20.29 -21.26 32.24
N SER A 2 20.33 -20.43 31.20
CA SER A 2 19.28 -19.43 30.98
C SER A 2 19.21 -19.02 29.52
N SER A 3 18.19 -18.27 29.17
CA SER A 3 18.01 -17.80 27.80
C SER A 3 17.02 -16.64 27.74
N GLY A 4 16.82 -16.09 26.54
CA GLY A 4 15.92 -14.98 26.37
C GLY A 4 15.16 -15.04 25.05
N SER A 5 14.05 -14.33 24.97
CA SER A 5 13.24 -14.31 23.77
C SER A 5 12.55 -12.96 23.59
N SER A 6 12.53 -12.47 22.35
CA SER A 6 11.90 -11.19 22.05
C SER A 6 10.99 -11.31 20.83
N GLY A 7 10.03 -10.39 20.75
CA GLY A 7 9.09 -10.41 19.63
C GLY A 7 9.78 -10.18 18.29
N THR A 8 9.12 -9.46 17.40
CA THR A 8 9.68 -9.17 16.09
C THR A 8 10.39 -7.82 16.07
N GLU A 9 9.69 -6.78 16.52
CA GLU A 9 10.28 -5.45 16.55
C GLU A 9 9.54 -4.57 17.56
N GLU A 10 10.26 -3.61 18.13
CA GLU A 10 9.68 -2.70 19.12
C GLU A 10 9.18 -1.42 18.45
N ARG A 11 10.13 -0.62 17.95
CA ARG A 11 9.79 0.64 17.28
C ARG A 11 10.16 0.59 15.81
N LEU A 12 11.01 -0.37 15.45
CA LEU A 12 11.45 -0.53 14.06
C LEU A 12 11.53 0.83 13.36
N LYS A 13 11.83 1.87 14.12
CA LYS A 13 11.94 3.21 13.58
C LYS A 13 12.69 3.19 12.25
N GLU A 14 13.96 2.80 12.29
CA GLU A 14 14.78 2.74 11.08
C GLU A 14 14.04 2.04 9.95
N ILE A 15 13.66 0.79 10.18
CA ILE A 15 12.94 0.01 9.17
C ILE A 15 11.97 0.89 8.39
N GLU A 16 11.13 1.63 9.11
CA GLU A 16 10.16 2.52 8.47
C GLU A 16 10.80 3.30 7.33
N ALA A 17 11.89 4.00 7.65
CA ALA A 17 12.60 4.79 6.66
C ALA A 17 12.95 3.95 5.43
N LYS A 18 13.38 2.71 5.67
CA LYS A 18 13.74 1.81 4.59
C LYS A 18 12.62 1.70 3.56
N TYR A 19 11.39 1.59 4.05
CA TYR A 19 10.23 1.47 3.18
C TYR A 19 10.06 2.71 2.32
N ASP A 20 10.17 3.88 2.95
CA ASP A 20 10.04 5.15 2.24
C ASP A 20 10.87 5.14 0.96
N GLU A 21 12.06 4.56 1.04
CA GLU A 21 12.95 4.49 -0.11
C GLU A 21 12.25 3.85 -1.30
N ILE A 22 11.35 2.92 -1.02
CA ILE A 22 10.61 2.22 -2.06
C ILE A 22 9.53 3.11 -2.65
N ALA A 23 8.97 3.98 -1.82
CA ALA A 23 7.92 4.90 -2.26
C ALA A 23 8.46 6.31 -2.44
N LYS A 24 9.72 6.42 -2.86
CA LYS A 24 10.36 7.71 -3.06
C LYS A 24 9.62 8.51 -4.14
N ASP A 25 9.25 7.84 -5.22
CA ASP A 25 8.54 8.48 -6.32
C ASP A 25 7.04 8.44 -6.10
N TRP A 26 6.58 7.39 -5.42
CA TRP A 26 5.15 7.23 -5.15
C TRP A 26 4.58 8.48 -4.50
N PRO A 27 3.52 9.03 -5.12
CA PRO A 27 2.86 10.24 -4.62
C PRO A 27 2.10 9.99 -3.32
N LYS A 28 2.03 11.01 -2.47
CA LYS A 28 1.35 10.91 -1.19
C LYS A 28 -0.14 10.62 -1.40
N LYS A 29 -0.72 11.24 -2.42
CA LYS A 29 -2.13 11.05 -2.73
C LYS A 29 -2.33 10.78 -4.22
N VAL A 30 -3.05 9.71 -4.54
CA VAL A 30 -3.32 9.35 -5.93
C VAL A 30 -4.82 9.35 -6.21
N LYS A 31 -5.17 9.63 -7.47
CA LYS A 31 -6.57 9.66 -7.88
C LYS A 31 -6.94 8.41 -8.67
N HIS A 32 -7.33 7.35 -7.96
CA HIS A 32 -7.71 6.09 -8.58
C HIS A 32 -8.94 6.28 -9.46
N VAL A 33 -9.04 5.46 -10.51
CA VAL A 33 -10.18 5.54 -11.42
C VAL A 33 -11.47 5.09 -10.74
N LEU A 34 -11.42 3.93 -10.10
CA LEU A 34 -12.58 3.39 -9.41
C LEU A 34 -13.01 4.31 -8.27
N HIS A 35 -12.07 5.07 -7.74
CA HIS A 35 -12.34 5.99 -6.65
C HIS A 35 -11.99 7.43 -7.04
N GLU A 36 -12.02 7.69 -8.34
CA GLU A 36 -11.71 9.03 -8.86
C GLU A 36 -12.32 10.11 -7.97
N GLU A 37 -13.47 9.80 -7.38
CA GLU A 37 -14.16 10.74 -6.51
C GLU A 37 -13.16 11.52 -5.65
N HIS A 38 -12.25 10.79 -5.02
CA HIS A 38 -11.24 11.41 -4.16
C HIS A 38 -9.90 10.71 -4.31
N GLU A 39 -8.81 11.47 -4.17
CA GLU A 39 -7.47 10.92 -4.29
C GLU A 39 -7.05 10.23 -2.99
N LEU A 40 -6.88 8.91 -3.05
CA LEU A 40 -6.48 8.13 -1.88
C LEU A 40 -5.25 8.75 -1.21
N GLU A 41 -4.90 8.23 -0.04
CA GLU A 41 -3.74 8.73 0.69
C GLU A 41 -2.84 7.58 1.13
N LEU A 42 -1.75 7.37 0.41
CA LEU A 42 -0.81 6.30 0.73
C LEU A 42 -0.63 6.17 2.24
N THR A 43 -1.25 5.14 2.81
CA THR A 43 -1.15 4.91 4.25
C THR A 43 -0.43 3.58 4.54
N ARG A 44 0.44 3.61 5.55
CA ARG A 44 1.20 2.43 5.93
C ARG A 44 0.27 1.34 6.47
N VAL A 45 0.30 0.18 5.85
CA VAL A 45 -0.53 -0.95 6.26
C VAL A 45 0.22 -2.27 6.16
N GLN A 46 0.12 -3.09 7.21
CA GLN A 46 0.79 -4.38 7.23
C GLN A 46 0.20 -5.32 6.19
N VAL A 47 -1.12 -5.45 6.19
CA VAL A 47 -1.81 -6.32 5.25
C VAL A 47 -3.22 -5.80 4.95
N TYR A 48 -3.65 -5.98 3.71
CA TYR A 48 -4.98 -5.53 3.30
C TYR A 48 -5.43 -6.25 2.04
N THR A 49 -6.58 -5.85 1.51
CA THR A 49 -7.12 -6.45 0.30
C THR A 49 -7.41 -5.40 -0.76
N CYS A 50 -6.78 -5.55 -1.92
CA CYS A 50 -6.96 -4.61 -3.02
C CYS A 50 -8.22 -4.95 -3.82
N ASP A 51 -9.15 -4.01 -3.86
CA ASP A 51 -10.40 -4.20 -4.59
C ASP A 51 -10.24 -3.81 -6.06
N LYS A 52 -9.02 -3.96 -6.58
CA LYS A 52 -8.73 -3.62 -7.96
C LYS A 52 -8.24 -4.84 -8.73
N CYS A 53 -7.20 -5.47 -8.20
CA CYS A 53 -6.63 -6.65 -8.84
C CYS A 53 -6.77 -7.88 -7.93
N GLU A 54 -7.61 -7.76 -6.91
CA GLU A 54 -7.83 -8.85 -5.98
C GLU A 54 -6.51 -9.36 -5.41
N GLU A 55 -5.69 -8.46 -4.90
CA GLU A 55 -4.41 -8.82 -4.34
C GLU A 55 -4.20 -8.15 -2.97
N GLU A 56 -3.33 -8.75 -2.16
CA GLU A 56 -3.05 -8.20 -0.83
C GLU A 56 -1.69 -7.52 -0.81
N GLY A 57 -1.68 -6.25 -0.41
CA GLY A 57 -0.44 -5.50 -0.35
C GLY A 57 0.22 -5.58 1.02
N THR A 58 1.36 -4.90 1.16
CA THR A 58 2.08 -4.90 2.42
C THR A 58 2.97 -3.66 2.54
N ILE A 59 3.08 -3.14 3.75
CA ILE A 59 3.90 -1.95 4.00
C ILE A 59 3.55 -0.84 3.03
N TRP A 60 2.33 -0.86 2.51
CA TRP A 60 1.88 0.16 1.57
C TRP A 60 0.44 -0.11 1.12
N SER A 61 -0.38 0.92 1.15
CA SER A 61 -1.78 0.80 0.75
C SER A 61 -2.46 2.16 0.73
N TYR A 62 -2.96 2.55 -0.44
CA TYR A 62 -3.62 3.84 -0.59
C TYR A 62 -4.96 3.84 0.13
N HIS A 63 -4.98 4.42 1.33
CA HIS A 63 -6.21 4.49 2.12
C HIS A 63 -6.82 5.88 2.05
N CYS A 64 -8.15 5.93 2.06
CA CYS A 64 -8.88 7.20 1.98
C CYS A 64 -9.68 7.44 3.25
N ASP A 65 -9.37 8.53 3.95
CA ASP A 65 -10.07 8.87 5.18
C ASP A 65 -11.46 9.43 4.88
N GLU A 66 -12.06 8.95 3.80
CA GLU A 66 -13.38 9.41 3.39
C GLU A 66 -14.27 8.24 2.99
N CYS A 67 -13.67 7.25 2.34
CA CYS A 67 -14.40 6.06 1.90
C CYS A 67 -13.63 4.79 2.24
N ASP A 68 -12.69 4.90 3.18
CA ASP A 68 -11.88 3.76 3.58
C ASP A 68 -11.54 2.87 2.39
N PHE A 69 -11.04 3.50 1.32
CA PHE A 69 -10.68 2.77 0.11
C PHE A 69 -9.19 2.41 0.12
N ASP A 70 -8.90 1.12 0.01
CA ASP A 70 -7.53 0.64 0.01
C ASP A 70 -7.12 0.17 -1.38
N LEU A 71 -5.86 0.41 -1.75
CA LEU A 71 -5.35 0.01 -3.05
C LEU A 71 -3.85 -0.25 -2.99
N HIS A 72 -3.27 -0.65 -4.11
CA HIS A 72 -1.84 -0.93 -4.19
C HIS A 72 -1.09 0.27 -4.72
N ALA A 73 0.16 0.42 -4.28
CA ALA A 73 1.00 1.53 -4.71
C ALA A 73 1.17 1.54 -6.23
N LYS A 74 1.24 0.34 -6.80
CA LYS A 74 1.41 0.21 -8.25
C LYS A 74 0.07 0.34 -8.97
N CYS A 75 -0.97 -0.23 -8.37
CA CYS A 75 -2.31 -0.18 -8.96
C CYS A 75 -2.78 1.27 -9.10
N ALA A 76 -2.58 2.06 -8.05
CA ALA A 76 -2.98 3.45 -8.06
C ALA A 76 -2.14 4.26 -9.05
N LEU A 77 -0.84 3.98 -9.08
CA LEU A 77 0.06 4.68 -9.98
C LEU A 77 -0.25 4.35 -11.44
N ASN A 78 -0.24 3.06 -11.76
CA ASN A 78 -0.53 2.62 -13.12
C ASN A 78 -1.98 2.90 -13.50
N GLU A 79 -2.18 3.48 -14.67
CA GLU A 79 -3.53 3.81 -15.14
C GLU A 79 -3.78 3.18 -16.50
N ASP A 80 -4.44 2.02 -16.50
CA ASP A 80 -4.75 1.31 -17.73
C ASP A 80 -6.25 1.03 -17.84
N THR A 81 -6.75 0.91 -19.07
CA THR A 81 -8.16 0.65 -19.30
C THR A 81 -8.35 -0.66 -20.06
N LYS A 82 -7.54 -1.66 -19.74
CA LYS A 82 -7.63 -2.95 -20.39
C LYS A 82 -6.76 -3.98 -19.68
N GLU A 83 -7.24 -5.21 -19.60
CA GLU A 83 -6.50 -6.28 -18.95
C GLU A 83 -6.48 -7.55 -19.82
N SER A 84 -5.31 -8.16 -19.94
CA SER A 84 -5.16 -9.36 -20.75
C SER A 84 -4.48 -10.48 -19.94
N GLY A 85 -4.75 -11.72 -20.31
CA GLY A 85 -4.17 -12.85 -19.62
C GLY A 85 -5.20 -13.68 -18.89
N PRO A 86 -4.97 -15.00 -18.86
CA PRO A 86 -5.88 -15.95 -18.18
C PRO A 86 -5.85 -15.80 -16.67
N SER A 87 -4.65 -15.60 -16.12
CA SER A 87 -4.48 -15.45 -14.68
C SER A 87 -3.45 -14.37 -14.36
N SER A 88 -3.91 -13.29 -13.75
CA SER A 88 -3.02 -12.18 -13.40
C SER A 88 -1.78 -12.69 -12.68
N GLY A 89 -0.67 -11.97 -12.86
CA GLY A 89 0.57 -12.36 -12.23
C GLY A 89 1.77 -12.18 -13.14
#